data_7X4E
# 
_entry.id   7X4E 
# 
_audit_conform.dict_name       mmcif_pdbx.dic 
_audit_conform.dict_version    5.392 
_audit_conform.dict_location   http://mmcif.pdb.org/dictionaries/ascii/mmcif_pdbx.dic 
# 
loop_
_database_2.database_id 
_database_2.database_code 
_database_2.pdbx_database_accession 
_database_2.pdbx_DOI 
PDB   7X4E         pdb_00007x4e 10.2210/pdb7x4e/pdb 
WWPDB D_1300028019 ?            ?                   
# 
loop_
_pdbx_audit_revision_history.ordinal 
_pdbx_audit_revision_history.data_content_type 
_pdbx_audit_revision_history.major_revision 
_pdbx_audit_revision_history.minor_revision 
_pdbx_audit_revision_history.revision_date 
1 'Structure model' 1 0 2022-04-20 
2 'Structure model' 1 1 2022-04-27 
3 'Structure model' 1 2 2022-06-15 
4 'Structure model' 1 3 2022-07-13 
5 'Structure model' 1 4 2024-05-29 
# 
_pdbx_audit_revision_details.ordinal             1 
_pdbx_audit_revision_details.revision_ordinal    1 
_pdbx_audit_revision_details.data_content_type   'Structure model' 
_pdbx_audit_revision_details.provider            repository 
_pdbx_audit_revision_details.type                'Initial release' 
_pdbx_audit_revision_details.description         ? 
_pdbx_audit_revision_details.details             ? 
# 
loop_
_pdbx_audit_revision_group.ordinal 
_pdbx_audit_revision_group.revision_ordinal 
_pdbx_audit_revision_group.data_content_type 
_pdbx_audit_revision_group.group 
1 2 'Structure model' 'Database references'  
2 3 'Structure model' 'Database references'  
3 4 'Structure model' 'Database references'  
4 4 'Structure model' 'Derived calculations' 
5 5 'Structure model' 'Data collection'      
# 
loop_
_pdbx_audit_revision_category.ordinal 
_pdbx_audit_revision_category.revision_ordinal 
_pdbx_audit_revision_category.data_content_type 
_pdbx_audit_revision_category.category 
1 2 'Structure model' citation        
2 3 'Structure model' citation        
3 3 'Structure model' citation_author 
4 4 'Structure model' atom_type       
5 4 'Structure model' citation        
6 5 'Structure model' chem_comp_atom  
7 5 'Structure model' chem_comp_bond  
# 
loop_
_pdbx_audit_revision_item.ordinal 
_pdbx_audit_revision_item.revision_ordinal 
_pdbx_audit_revision_item.data_content_type 
_pdbx_audit_revision_item.item 
1 2 'Structure model' '_citation.pdbx_database_id_PubMed' 
2 2 'Structure model' '_citation.title'                   
3 3 'Structure model' '_citation.page_first'              
4 3 'Structure model' '_citation.page_last'               
5 3 'Structure model' '_citation_author.identifier_ORCID' 
6 4 'Structure model' '_atom_type.pdbx_N_electrons'       
7 4 'Structure model' '_atom_type.pdbx_scat_Z'            
8 4 'Structure model' '_citation.journal_volume'          
# 
_pdbx_database_status.status_code                     REL 
_pdbx_database_status.status_code_sf                  REL 
_pdbx_database_status.status_code_mr                  ? 
_pdbx_database_status.entry_id                        7X4E 
_pdbx_database_status.recvd_initial_deposition_date   2022-03-02 
_pdbx_database_status.SG_entry                        N 
_pdbx_database_status.deposit_site                    PDBJ 
_pdbx_database_status.process_site                    PDBJ 
_pdbx_database_status.status_code_cs                  ? 
_pdbx_database_status.status_code_nmr_data            ? 
_pdbx_database_status.methods_development_category    ? 
_pdbx_database_status.pdb_format_compatible           Y 
# 
loop_
_pdbx_contact_author.id 
_pdbx_contact_author.email 
_pdbx_contact_author.name_first 
_pdbx_contact_author.name_last 
_pdbx_contact_author.name_mi 
_pdbx_contact_author.role 
_pdbx_contact_author.identifier_ORCID 
2 Shichen@whu.edu.cn  Shi       Chen ? 'principal investigator/group leader' 0000-0002-8965-1015 
3 lianrong@whu.edu.cn Liangrong Wang ? 'principal investigator/group leader' 0000-0003-1669-6340 
4 geng.wu@sjtu.edu.cn Geng      Wu   ? 'principal investigator/group leader' 0000-0002-7259-1044 
# 
loop_
_audit_author.name 
_audit_author.pdbx_ordinal 
_audit_author.identifier_ORCID 
'Haiyan, G.' 1 ? 
'Wei, H.'    2 ? 
'Chen, S.'   3 ? 
'Wang, L.'   4 ? 
'Wu, G.'     5 ? 
# 
_citation.abstract                  ? 
_citation.abstract_id_CAS           ? 
_citation.book_id_ISBN              ? 
_citation.book_publisher            ? 
_citation.book_publisher_city       ? 
_citation.book_title                ? 
_citation.coordinate_linkage        ? 
_citation.country                   US 
_citation.database_id_Medline       ? 
_citation.details                   ? 
_citation.id                        primary 
_citation.journal_abbrev            Mbio 
_citation.journal_id_ASTM           ? 
_citation.journal_id_CSD            ? 
_citation.journal_id_ISSN           2150-7511 
_citation.journal_full              ? 
_citation.journal_issue             ? 
_citation.journal_volume            13 
_citation.language                  ? 
_citation.page_first                e0071622 
_citation.page_last                 e0071622 
_citation.title                     
;Structural and Functional Analysis of DndE Involved in DNA Phosphorothioation in the Haloalkaliphilic Archaea Natronorubrum bangense JCM10635.
;
_citation.year                      2022 
_citation.database_id_CSD           ? 
_citation.pdbx_database_id_DOI      10.1128/mbio.00716-22 
_citation.pdbx_database_id_PubMed   35420474 
_citation.pdbx_database_id_patent   ? 
_citation.unpublished_flag          ? 
# 
loop_
_citation_author.citation_id 
_citation_author.name 
_citation_author.ordinal 
_citation_author.identifier_ORCID 
primary 'He, W.'    1  ?                   
primary 'Gao, H.'   2  ?                   
primary 'Wu, D.'    3  ?                   
primary 'Jiang, S.' 4  ?                   
primary 'Huang, W.' 5  ?                   
primary 'Chen, C.'  6  ?                   
primary 'Deng, Z.'  7  ?                   
primary 'Xiong, L.' 8  ?                   
primary 'Wu, G.'    9  ?                   
primary 'Wang, L.'  10 0000-0003-1669-6340 
# 
loop_
_entity.id 
_entity.type 
_entity.src_method 
_entity.pdbx_description 
_entity.formula_weight 
_entity.pdbx_number_of_molecules 
_entity.pdbx_ec 
_entity.pdbx_mutation 
_entity.pdbx_fragment 
_entity.details 
1 polymer     man 'DNA sulfur modification protein DndE' 15348.205 1  ? ? ? ? 
2 non-polymer syn GLYCEROL                               92.094    1  ? ? ? ? 
3 water       nat water                                  18.015    17 ? ? ? ? 
# 
_entity_poly.entity_id                      1 
_entity_poly.type                           'polypeptide(L)' 
_entity_poly.nstd_linkage                   no 
_entity_poly.nstd_monomer                   no 
_entity_poly.pdbx_seq_one_letter_code       
;MSKDLNRVQIDESVSYKLRNLGKATGMTPNYIARIGLTYSLGEDRPPSMEEYDKEGKEFNRYTLLGEHDAMYIALVKKRM
LNEGYNPETELEDYFLAHLNRGIETLSGRISNLTDLYDLVPGEIKDREVSATES
;
_entity_poly.pdbx_seq_one_letter_code_can   
;MSKDLNRVQIDESVSYKLRNLGKATGMTPNYIARIGLTYSLGEDRPPSMEEYDKEGKEFNRYTLLGEHDAMYIALVKKRM
LNEGYNPETELEDYFLAHLNRGIETLSGRISNLTDLYDLVPGEIKDREVSATES
;
_entity_poly.pdbx_strand_id                 A 
_entity_poly.pdbx_target_identifier         ? 
# 
loop_
_pdbx_entity_nonpoly.entity_id 
_pdbx_entity_nonpoly.name 
_pdbx_entity_nonpoly.comp_id 
2 GLYCEROL GOL 
3 water    HOH 
# 
loop_
_entity_poly_seq.entity_id 
_entity_poly_seq.num 
_entity_poly_seq.mon_id 
_entity_poly_seq.hetero 
1 1   MET n 
1 2   SER n 
1 3   LYS n 
1 4   ASP n 
1 5   LEU n 
1 6   ASN n 
1 7   ARG n 
1 8   VAL n 
1 9   GLN n 
1 10  ILE n 
1 11  ASP n 
1 12  GLU n 
1 13  SER n 
1 14  VAL n 
1 15  SER n 
1 16  TYR n 
1 17  LYS n 
1 18  LEU n 
1 19  ARG n 
1 20  ASN n 
1 21  LEU n 
1 22  GLY n 
1 23  LYS n 
1 24  ALA n 
1 25  THR n 
1 26  GLY n 
1 27  MET n 
1 28  THR n 
1 29  PRO n 
1 30  ASN n 
1 31  TYR n 
1 32  ILE n 
1 33  ALA n 
1 34  ARG n 
1 35  ILE n 
1 36  GLY n 
1 37  LEU n 
1 38  THR n 
1 39  TYR n 
1 40  SER n 
1 41  LEU n 
1 42  GLY n 
1 43  GLU n 
1 44  ASP n 
1 45  ARG n 
1 46  PRO n 
1 47  PRO n 
1 48  SER n 
1 49  MET n 
1 50  GLU n 
1 51  GLU n 
1 52  TYR n 
1 53  ASP n 
1 54  LYS n 
1 55  GLU n 
1 56  GLY n 
1 57  LYS n 
1 58  GLU n 
1 59  PHE n 
1 60  ASN n 
1 61  ARG n 
1 62  TYR n 
1 63  THR n 
1 64  LEU n 
1 65  LEU n 
1 66  GLY n 
1 67  GLU n 
1 68  HIS n 
1 69  ASP n 
1 70  ALA n 
1 71  MET n 
1 72  TYR n 
1 73  ILE n 
1 74  ALA n 
1 75  LEU n 
1 76  VAL n 
1 77  LYS n 
1 78  LYS n 
1 79  ARG n 
1 80  MET n 
1 81  LEU n 
1 82  ASN n 
1 83  GLU n 
1 84  GLY n 
1 85  TYR n 
1 86  ASN n 
1 87  PRO n 
1 88  GLU n 
1 89  THR n 
1 90  GLU n 
1 91  LEU n 
1 92  GLU n 
1 93  ASP n 
1 94  TYR n 
1 95  PHE n 
1 96  LEU n 
1 97  ALA n 
1 98  HIS n 
1 99  LEU n 
1 100 ASN n 
1 101 ARG n 
1 102 GLY n 
1 103 ILE n 
1 104 GLU n 
1 105 THR n 
1 106 LEU n 
1 107 SER n 
1 108 GLY n 
1 109 ARG n 
1 110 ILE n 
1 111 SER n 
1 112 ASN n 
1 113 LEU n 
1 114 THR n 
1 115 ASP n 
1 116 LEU n 
1 117 TYR n 
1 118 ASP n 
1 119 LEU n 
1 120 VAL n 
1 121 PRO n 
1 122 GLY n 
1 123 GLU n 
1 124 ILE n 
1 125 LYS n 
1 126 ASP n 
1 127 ARG n 
1 128 GLU n 
1 129 VAL n 
1 130 SER n 
1 131 ALA n 
1 132 THR n 
1 133 GLU n 
1 134 SER n 
# 
_entity_src_gen.entity_id                          1 
_entity_src_gen.pdbx_src_id                        1 
_entity_src_gen.pdbx_alt_source_flag               sample 
_entity_src_gen.pdbx_seq_type                      'Biological sequence' 
_entity_src_gen.pdbx_beg_seq_num                   1 
_entity_src_gen.pdbx_end_seq_num                   134 
_entity_src_gen.gene_src_common_name               ? 
_entity_src_gen.gene_src_genus                     ? 
_entity_src_gen.pdbx_gene_src_gene                 C494_06880 
_entity_src_gen.gene_src_species                   ? 
_entity_src_gen.gene_src_strain                    ? 
_entity_src_gen.gene_src_tissue                    ? 
_entity_src_gen.gene_src_tissue_fraction           ? 
_entity_src_gen.gene_src_details                   ? 
_entity_src_gen.pdbx_gene_src_fragment             ? 
_entity_src_gen.pdbx_gene_src_scientific_name      'Natronorubrum bangense JCM 10635' 
_entity_src_gen.pdbx_gene_src_ncbi_taxonomy_id     1227500 
_entity_src_gen.pdbx_gene_src_variant              ? 
_entity_src_gen.pdbx_gene_src_cell_line            ? 
_entity_src_gen.pdbx_gene_src_atcc                 ? 
_entity_src_gen.pdbx_gene_src_organ                ? 
_entity_src_gen.pdbx_gene_src_organelle            ? 
_entity_src_gen.pdbx_gene_src_cell                 ? 
_entity_src_gen.pdbx_gene_src_cellular_location    ? 
_entity_src_gen.host_org_common_name               ? 
_entity_src_gen.pdbx_host_org_scientific_name      'Escherichia coli' 
_entity_src_gen.pdbx_host_org_ncbi_taxonomy_id     562 
_entity_src_gen.host_org_genus                     ? 
_entity_src_gen.pdbx_host_org_gene                 ? 
_entity_src_gen.pdbx_host_org_organ                ? 
_entity_src_gen.host_org_species                   ? 
_entity_src_gen.pdbx_host_org_tissue               ? 
_entity_src_gen.pdbx_host_org_tissue_fraction      ? 
_entity_src_gen.pdbx_host_org_strain               ? 
_entity_src_gen.pdbx_host_org_variant              ? 
_entity_src_gen.pdbx_host_org_cell_line            ? 
_entity_src_gen.pdbx_host_org_atcc                 ? 
_entity_src_gen.pdbx_host_org_culture_collection   ? 
_entity_src_gen.pdbx_host_org_cell                 ? 
_entity_src_gen.pdbx_host_org_organelle            ? 
_entity_src_gen.pdbx_host_org_cellular_location    ? 
_entity_src_gen.pdbx_host_org_vector_type          ? 
_entity_src_gen.pdbx_host_org_vector               ? 
_entity_src_gen.host_org_details                   ? 
_entity_src_gen.expression_system_id               ? 
_entity_src_gen.plasmid_name                       ? 
_entity_src_gen.plasmid_details                    ? 
_entity_src_gen.pdbx_description                   ? 
# 
loop_
_chem_comp.id 
_chem_comp.type 
_chem_comp.mon_nstd_flag 
_chem_comp.name 
_chem_comp.pdbx_synonyms 
_chem_comp.formula 
_chem_comp.formula_weight 
ALA 'L-peptide linking' y ALANINE         ?                               'C3 H7 N O2'     89.093  
ARG 'L-peptide linking' y ARGININE        ?                               'C6 H15 N4 O2 1' 175.209 
ASN 'L-peptide linking' y ASPARAGINE      ?                               'C4 H8 N2 O3'    132.118 
ASP 'L-peptide linking' y 'ASPARTIC ACID' ?                               'C4 H7 N O4'     133.103 
GLN 'L-peptide linking' y GLUTAMINE       ?                               'C5 H10 N2 O3'   146.144 
GLU 'L-peptide linking' y 'GLUTAMIC ACID' ?                               'C5 H9 N O4'     147.129 
GLY 'peptide linking'   y GLYCINE         ?                               'C2 H5 N O2'     75.067  
GOL non-polymer         . GLYCEROL        'GLYCERIN; PROPANE-1,2,3-TRIOL' 'C3 H8 O3'       92.094  
HIS 'L-peptide linking' y HISTIDINE       ?                               'C6 H10 N3 O2 1' 156.162 
HOH non-polymer         . WATER           ?                               'H2 O'           18.015  
ILE 'L-peptide linking' y ISOLEUCINE      ?                               'C6 H13 N O2'    131.173 
LEU 'L-peptide linking' y LEUCINE         ?                               'C6 H13 N O2'    131.173 
LYS 'L-peptide linking' y LYSINE          ?                               'C6 H15 N2 O2 1' 147.195 
MET 'L-peptide linking' y METHIONINE      ?                               'C5 H11 N O2 S'  149.211 
PHE 'L-peptide linking' y PHENYLALANINE   ?                               'C9 H11 N O2'    165.189 
PRO 'L-peptide linking' y PROLINE         ?                               'C5 H9 N O2'     115.130 
SER 'L-peptide linking' y SERINE          ?                               'C3 H7 N O3'     105.093 
THR 'L-peptide linking' y THREONINE       ?                               'C4 H9 N O3'     119.119 
TYR 'L-peptide linking' y TYROSINE        ?                               'C9 H11 N O3'    181.189 
VAL 'L-peptide linking' y VALINE          ?                               'C5 H11 N O2'    117.146 
# 
loop_
_pdbx_poly_seq_scheme.asym_id 
_pdbx_poly_seq_scheme.entity_id 
_pdbx_poly_seq_scheme.seq_id 
_pdbx_poly_seq_scheme.mon_id 
_pdbx_poly_seq_scheme.ndb_seq_num 
_pdbx_poly_seq_scheme.pdb_seq_num 
_pdbx_poly_seq_scheme.auth_seq_num 
_pdbx_poly_seq_scheme.pdb_mon_id 
_pdbx_poly_seq_scheme.auth_mon_id 
_pdbx_poly_seq_scheme.pdb_strand_id 
_pdbx_poly_seq_scheme.pdb_ins_code 
_pdbx_poly_seq_scheme.hetero 
A 1 1   MET 1   1   ?   ?   ?   A . n 
A 1 2   SER 2   2   ?   ?   ?   A . n 
A 1 3   LYS 3   3   3   LYS ALA A . n 
A 1 4   ASP 4   4   4   ASP ALA A . n 
A 1 5   LEU 5   5   5   LEU LEU A . n 
A 1 6   ASN 6   6   6   ASN ALA A . n 
A 1 7   ARG 7   7   7   ARG ALA A . n 
A 1 8   VAL 8   8   8   VAL VAL A . n 
A 1 9   GLN 9   9   9   GLN GLN A . n 
A 1 10  ILE 10  10  10  ILE ILE A . n 
A 1 11  ASP 11  11  11  ASP ASP A . n 
A 1 12  GLU 12  12  12  GLU GLU A . n 
A 1 13  SER 13  13  13  SER SER A . n 
A 1 14  VAL 14  14  14  VAL VAL A . n 
A 1 15  SER 15  15  15  SER SER A . n 
A 1 16  TYR 16  16  16  TYR TYR A . n 
A 1 17  LYS 17  17  17  LYS LYS A . n 
A 1 18  LEU 18  18  18  LEU LEU A . n 
A 1 19  ARG 19  19  19  ARG ARG A . n 
A 1 20  ASN 20  20  20  ASN ASN A . n 
A 1 21  LEU 21  21  21  LEU LEU A . n 
A 1 22  GLY 22  22  22  GLY GLY A . n 
A 1 23  LYS 23  23  23  LYS LYS A . n 
A 1 24  ALA 24  24  24  ALA ALA A . n 
A 1 25  THR 25  25  25  THR THR A . n 
A 1 26  GLY 26  26  26  GLY GLY A . n 
A 1 27  MET 27  27  27  MET MET A . n 
A 1 28  THR 28  28  28  THR THR A . n 
A 1 29  PRO 29  29  29  PRO PRO A . n 
A 1 30  ASN 30  30  30  ASN ASN A . n 
A 1 31  TYR 31  31  31  TYR TYR A . n 
A 1 32  ILE 32  32  32  ILE ILE A . n 
A 1 33  ALA 33  33  33  ALA ALA A . n 
A 1 34  ARG 34  34  34  ARG ARG A . n 
A 1 35  ILE 35  35  35  ILE ILE A . n 
A 1 36  GLY 36  36  36  GLY GLY A . n 
A 1 37  LEU 37  37  37  LEU LEU A . n 
A 1 38  THR 38  38  38  THR THR A . n 
A 1 39  TYR 39  39  39  TYR TYR A . n 
A 1 40  SER 40  40  40  SER SER A . n 
A 1 41  LEU 41  41  41  LEU LEU A . n 
A 1 42  GLY 42  42  42  GLY GLY A . n 
A 1 43  GLU 43  43  43  GLU GLU A . n 
A 1 44  ASP 44  44  44  ASP ASP A . n 
A 1 45  ARG 45  45  45  ARG ARG A . n 
A 1 46  PRO 46  46  46  PRO PRO A . n 
A 1 47  PRO 47  47  47  PRO PRO A . n 
A 1 48  SER 48  48  48  SER SER A . n 
A 1 49  MET 49  49  49  MET MET A . n 
A 1 50  GLU 50  50  50  GLU GLU A . n 
A 1 51  GLU 51  51  51  GLU GLU A . n 
A 1 52  TYR 52  52  52  TYR TYR A . n 
A 1 53  ASP 53  53  53  ASP ASP A . n 
A 1 54  LYS 54  54  54  LYS LYS A . n 
A 1 55  GLU 55  55  55  GLU GLU A . n 
A 1 56  GLY 56  56  56  GLY GLY A . n 
A 1 57  LYS 57  57  57  LYS LYS A . n 
A 1 58  GLU 58  58  58  GLU GLU A . n 
A 1 59  PHE 59  59  59  PHE PHE A . n 
A 1 60  ASN 60  60  60  ASN ASN A . n 
A 1 61  ARG 61  61  61  ARG ARG A . n 
A 1 62  TYR 62  62  62  TYR TYR A . n 
A 1 63  THR 63  63  63  THR THR A . n 
A 1 64  LEU 64  64  64  LEU LEU A . n 
A 1 65  LEU 65  65  65  LEU LEU A . n 
A 1 66  GLY 66  66  66  GLY GLY A . n 
A 1 67  GLU 67  67  67  GLU GLU A . n 
A 1 68  HIS 68  68  68  HIS HIS A . n 
A 1 69  ASP 69  69  69  ASP ASP A . n 
A 1 70  ALA 70  70  70  ALA ALA A . n 
A 1 71  MET 71  71  71  MET MET A . n 
A 1 72  TYR 72  72  72  TYR TYR A . n 
A 1 73  ILE 73  73  73  ILE ILE A . n 
A 1 74  ALA 74  74  74  ALA ALA A . n 
A 1 75  LEU 75  75  75  LEU LEU A . n 
A 1 76  VAL 76  76  76  VAL VAL A . n 
A 1 77  LYS 77  77  77  LYS LYS A . n 
A 1 78  LYS 78  78  78  LYS LYS A . n 
A 1 79  ARG 79  79  79  ARG ARG A . n 
A 1 80  MET 80  80  80  MET MET A . n 
A 1 81  LEU 81  81  81  LEU LEU A . n 
A 1 82  ASN 82  82  82  ASN ASN A . n 
A 1 83  GLU 83  83  83  GLU GLU A . n 
A 1 84  GLY 84  84  84  GLY GLY A . n 
A 1 85  TYR 85  85  85  TYR TYR A . n 
A 1 86  ASN 86  86  86  ASN ASN A . n 
A 1 87  PRO 87  87  87  PRO PRO A . n 
A 1 88  GLU 88  88  88  GLU GLU A . n 
A 1 89  THR 89  89  89  THR THR A . n 
A 1 90  GLU 90  90  90  GLU GLU A . n 
A 1 91  LEU 91  91  91  LEU LEU A . n 
A 1 92  GLU 92  92  92  GLU GLU A . n 
A 1 93  ASP 93  93  93  ASP ASP A . n 
A 1 94  TYR 94  94  94  TYR TYR A . n 
A 1 95  PHE 95  95  95  PHE PHE A . n 
A 1 96  LEU 96  96  96  LEU LEU A . n 
A 1 97  ALA 97  97  97  ALA ALA A . n 
A 1 98  HIS 98  98  98  HIS HIS A . n 
A 1 99  LEU 99  99  99  LEU LEU A . n 
A 1 100 ASN 100 100 100 ASN ASN A . n 
A 1 101 ARG 101 101 101 ARG ARG A . n 
A 1 102 GLY 102 102 102 GLY GLY A . n 
A 1 103 ILE 103 103 103 ILE ILE A . n 
A 1 104 GLU 104 104 104 GLU GLU A . n 
A 1 105 THR 105 105 105 THR THR A . n 
A 1 106 LEU 106 106 106 LEU LEU A . n 
A 1 107 SER 107 107 107 SER SER A . n 
A 1 108 GLY 108 108 108 GLY GLY A . n 
A 1 109 ARG 109 109 109 ARG ARG A . n 
A 1 110 ILE 110 110 110 ILE ILE A . n 
A 1 111 SER 111 111 111 SER SER A . n 
A 1 112 ASN 112 112 112 ASN ASN A . n 
A 1 113 LEU 113 113 113 LEU LEU A . n 
A 1 114 THR 114 114 114 THR THR A . n 
A 1 115 ASP 115 115 115 ASP ASP A . n 
A 1 116 LEU 116 116 116 LEU ALA A . n 
A 1 117 TYR 117 117 ?   ?   ?   A . n 
A 1 118 ASP 118 118 ?   ?   ?   A . n 
A 1 119 LEU 119 119 ?   ?   ?   A . n 
A 1 120 VAL 120 120 ?   ?   ?   A . n 
A 1 121 PRO 121 121 ?   ?   ?   A . n 
A 1 122 GLY 122 122 ?   ?   ?   A . n 
A 1 123 GLU 123 123 ?   ?   ?   A . n 
A 1 124 ILE 124 124 ?   ?   ?   A . n 
A 1 125 LYS 125 125 ?   ?   ?   A . n 
A 1 126 ASP 126 126 ?   ?   ?   A . n 
A 1 127 ARG 127 127 ?   ?   ?   A . n 
A 1 128 GLU 128 128 ?   ?   ?   A . n 
A 1 129 VAL 129 129 ?   ?   ?   A . n 
A 1 130 SER 130 130 ?   ?   ?   A . n 
A 1 131 ALA 131 131 ?   ?   ?   A . n 
A 1 132 THR 132 132 ?   ?   ?   A . n 
A 1 133 GLU 133 133 ?   ?   ?   A . n 
A 1 134 SER 134 134 ?   ?   ?   A . n 
# 
loop_
_pdbx_nonpoly_scheme.asym_id 
_pdbx_nonpoly_scheme.entity_id 
_pdbx_nonpoly_scheme.mon_id 
_pdbx_nonpoly_scheme.ndb_seq_num 
_pdbx_nonpoly_scheme.pdb_seq_num 
_pdbx_nonpoly_scheme.auth_seq_num 
_pdbx_nonpoly_scheme.pdb_mon_id 
_pdbx_nonpoly_scheme.auth_mon_id 
_pdbx_nonpoly_scheme.pdb_strand_id 
_pdbx_nonpoly_scheme.pdb_ins_code 
B 2 GOL 1  201 18 GOL GOL A . 
C 3 HOH 1  301 12 HOH HOH A . 
C 3 HOH 2  302 9  HOH HOH A . 
C 3 HOH 3  303 1  HOH HOH A . 
C 3 HOH 4  304 4  HOH HOH A . 
C 3 HOH 5  305 7  HOH HOH A . 
C 3 HOH 6  306 11 HOH HOH A . 
C 3 HOH 7  307 13 HOH HOH A . 
C 3 HOH 8  308 3  HOH HOH A . 
C 3 HOH 9  309 5  HOH HOH A . 
C 3 HOH 10 310 15 HOH HOH A . 
C 3 HOH 11 311 10 HOH HOH A . 
C 3 HOH 12 312 14 HOH HOH A . 
C 3 HOH 13 313 16 HOH HOH A . 
C 3 HOH 14 314 8  HOH HOH A . 
C 3 HOH 15 315 2  HOH HOH A . 
C 3 HOH 16 316 6  HOH HOH A . 
C 3 HOH 17 317 17 HOH HOH A . 
# 
loop_
_pdbx_unobs_or_zero_occ_atoms.id 
_pdbx_unobs_or_zero_occ_atoms.PDB_model_num 
_pdbx_unobs_or_zero_occ_atoms.polymer_flag 
_pdbx_unobs_or_zero_occ_atoms.occupancy_flag 
_pdbx_unobs_or_zero_occ_atoms.auth_asym_id 
_pdbx_unobs_or_zero_occ_atoms.auth_comp_id 
_pdbx_unobs_or_zero_occ_atoms.auth_seq_id 
_pdbx_unobs_or_zero_occ_atoms.PDB_ins_code 
_pdbx_unobs_or_zero_occ_atoms.auth_atom_id 
_pdbx_unobs_or_zero_occ_atoms.label_alt_id 
_pdbx_unobs_or_zero_occ_atoms.label_asym_id 
_pdbx_unobs_or_zero_occ_atoms.label_comp_id 
_pdbx_unobs_or_zero_occ_atoms.label_seq_id 
_pdbx_unobs_or_zero_occ_atoms.label_atom_id 
1  1 Y 1 A LYS 3   ? CG  ? A LYS 3   CG  
2  1 Y 1 A LYS 3   ? CD  ? A LYS 3   CD  
3  1 Y 1 A LYS 3   ? CE  ? A LYS 3   CE  
4  1 Y 1 A LYS 3   ? NZ  ? A LYS 3   NZ  
5  1 Y 1 A ASP 4   ? CG  ? A ASP 4   CG  
6  1 Y 1 A ASP 4   ? OD1 ? A ASP 4   OD1 
7  1 Y 1 A ASP 4   ? OD2 ? A ASP 4   OD2 
8  1 Y 1 A ASN 6   ? CG  ? A ASN 6   CG  
9  1 Y 1 A ASN 6   ? OD1 ? A ASN 6   OD1 
10 1 Y 1 A ASN 6   ? ND2 ? A ASN 6   ND2 
11 1 Y 1 A ARG 7   ? CG  ? A ARG 7   CG  
12 1 Y 1 A ARG 7   ? CD  ? A ARG 7   CD  
13 1 Y 1 A ARG 7   ? NE  ? A ARG 7   NE  
14 1 Y 1 A ARG 7   ? CZ  ? A ARG 7   CZ  
15 1 Y 1 A ARG 7   ? NH1 ? A ARG 7   NH1 
16 1 Y 1 A ARG 7   ? NH2 ? A ARG 7   NH2 
17 1 Y 1 A LEU 116 ? CG  ? A LEU 116 CG  
18 1 Y 1 A LEU 116 ? CD1 ? A LEU 116 CD1 
19 1 Y 1 A LEU 116 ? CD2 ? A LEU 116 CD2 
# 
loop_
_software.citation_id 
_software.classification 
_software.compiler_name 
_software.compiler_version 
_software.contact_author 
_software.contact_author_email 
_software.date 
_software.description 
_software.dependencies 
_software.hardware 
_software.language 
_software.location 
_software.mods 
_software.name 
_software.os 
_software.os_version 
_software.type 
_software.version 
_software.pdbx_ordinal 
? refinement       ? ? ? ? ? ? ? ? ? ? ? REFMAC   ? ? ? 5.8.0258 1 
? 'data reduction' ? ? ? ? ? ? ? ? ? ? ? HKL-3000 ? ? ? .        2 
? 'data scaling'   ? ? ? ? ? ? ? ? ? ? ? HKL-3000 ? ? ? .        3 
? phasing          ? ? ? ? ? ? ? ? ? ? ? PHENIX   ? ? ? .        4 
# 
_cell.angle_alpha                  90.000 
_cell.angle_alpha_esd              ? 
_cell.angle_beta                   90.000 
_cell.angle_beta_esd               ? 
_cell.angle_gamma                  120.000 
_cell.angle_gamma_esd              ? 
_cell.entry_id                     7X4E 
_cell.details                      ? 
_cell.formula_units_Z              ? 
_cell.length_a                     69.732 
_cell.length_a_esd                 ? 
_cell.length_b                     69.732 
_cell.length_b_esd                 ? 
_cell.length_c                     106.022 
_cell.length_c_esd                 ? 
_cell.volume                       ? 
_cell.volume_esd                   ? 
_cell.Z_PDB                        12 
_cell.reciprocal_angle_alpha       ? 
_cell.reciprocal_angle_beta        ? 
_cell.reciprocal_angle_gamma       ? 
_cell.reciprocal_angle_alpha_esd   ? 
_cell.reciprocal_angle_beta_esd    ? 
_cell.reciprocal_angle_gamma_esd   ? 
_cell.reciprocal_length_a          ? 
_cell.reciprocal_length_b          ? 
_cell.reciprocal_length_c          ? 
_cell.reciprocal_length_a_esd      ? 
_cell.reciprocal_length_b_esd      ? 
_cell.reciprocal_length_c_esd      ? 
_cell.pdbx_unique_axis             ? 
# 
_symmetry.entry_id                         7X4E 
_symmetry.cell_setting                     ? 
_symmetry.Int_Tables_number                181 
_symmetry.space_group_name_Hall            ? 
_symmetry.space_group_name_H-M             'P 64 2 2' 
_symmetry.pdbx_full_space_group_name_H-M   ? 
# 
_exptl.absorpt_coefficient_mu     ? 
_exptl.absorpt_correction_T_max   ? 
_exptl.absorpt_correction_T_min   ? 
_exptl.absorpt_correction_type    ? 
_exptl.absorpt_process_details    ? 
_exptl.entry_id                   7X4E 
_exptl.crystals_number            1 
_exptl.details                    ? 
_exptl.method                     'X-RAY DIFFRACTION' 
_exptl.method_details             ? 
# 
_exptl_crystal.colour                      ? 
_exptl_crystal.density_diffrn              ? 
_exptl_crystal.density_Matthews            2.41 
_exptl_crystal.density_method              ? 
_exptl_crystal.density_percent_sol         48.95 
_exptl_crystal.description                 ? 
_exptl_crystal.F_000                       ? 
_exptl_crystal.id                          1 
_exptl_crystal.preparation                 ? 
_exptl_crystal.size_max                    ? 
_exptl_crystal.size_mid                    ? 
_exptl_crystal.size_min                    ? 
_exptl_crystal.size_rad                    ? 
_exptl_crystal.colour_lustre               ? 
_exptl_crystal.colour_modifier             ? 
_exptl_crystal.colour_primary              ? 
_exptl_crystal.density_meas                ? 
_exptl_crystal.density_meas_esd            ? 
_exptl_crystal.density_meas_gt             ? 
_exptl_crystal.density_meas_lt             ? 
_exptl_crystal.density_meas_temp           ? 
_exptl_crystal.density_meas_temp_esd       ? 
_exptl_crystal.density_meas_temp_gt        ? 
_exptl_crystal.density_meas_temp_lt        ? 
_exptl_crystal.pdbx_crystal_image_url      ? 
_exptl_crystal.pdbx_crystal_image_format   ? 
_exptl_crystal.pdbx_mosaicity              ? 
_exptl_crystal.pdbx_mosaicity_esd          ? 
# 
_exptl_crystal_grow.apparatus       ? 
_exptl_crystal_grow.atmosphere      ? 
_exptl_crystal_grow.crystal_id      1 
_exptl_crystal_grow.details         ? 
_exptl_crystal_grow.method          'VAPOR DIFFUSION, HANGING DROP' 
_exptl_crystal_grow.method_ref      ? 
_exptl_crystal_grow.pH              ? 
_exptl_crystal_grow.pressure        ? 
_exptl_crystal_grow.pressure_esd    ? 
_exptl_crystal_grow.seeding         ? 
_exptl_crystal_grow.seeding_ref     ? 
_exptl_crystal_grow.temp            289 
_exptl_crystal_grow.temp_details    ? 
_exptl_crystal_grow.temp_esd        ? 
_exptl_crystal_grow.time            ? 
_exptl_crystal_grow.pdbx_details    '20% PEG 3350, 0.2 M Lithium acetate dihydrate' 
_exptl_crystal_grow.pdbx_pH_range   ? 
# 
_diffrn.ambient_environment              ? 
_diffrn.ambient_temp                     100 
_diffrn.ambient_temp_details             ? 
_diffrn.ambient_temp_esd                 ? 
_diffrn.crystal_id                       1 
_diffrn.crystal_support                  ? 
_diffrn.crystal_treatment                ? 
_diffrn.details                          ? 
_diffrn.id                               1 
_diffrn.ambient_pressure                 ? 
_diffrn.ambient_pressure_esd             ? 
_diffrn.ambient_pressure_gt              ? 
_diffrn.ambient_pressure_lt              ? 
_diffrn.ambient_temp_gt                  ? 
_diffrn.ambient_temp_lt                  ? 
_diffrn.pdbx_serial_crystal_experiment   N 
# 
_diffrn_detector.details                      ? 
_diffrn_detector.detector                     PIXEL 
_diffrn_detector.diffrn_id                    1 
_diffrn_detector.type                         'DECTRIS PILATUS 2M' 
_diffrn_detector.area_resol_mean              ? 
_diffrn_detector.dtime                        ? 
_diffrn_detector.pdbx_frames_total            ? 
_diffrn_detector.pdbx_collection_time_total   ? 
_diffrn_detector.pdbx_collection_date         2016-12-21 
_diffrn_detector.pdbx_frequency               ? 
# 
_diffrn_radiation.collimation                      ? 
_diffrn_radiation.diffrn_id                        1 
_diffrn_radiation.filter_edge                      ? 
_diffrn_radiation.inhomogeneity                    ? 
_diffrn_radiation.monochromator                    ? 
_diffrn_radiation.polarisn_norm                    ? 
_diffrn_radiation.polarisn_ratio                   ? 
_diffrn_radiation.probe                            ? 
_diffrn_radiation.type                             ? 
_diffrn_radiation.xray_symbol                      ? 
_diffrn_radiation.wavelength_id                    1 
_diffrn_radiation.pdbx_monochromatic_or_laue_m_l   M 
_diffrn_radiation.pdbx_wavelength_list             ? 
_diffrn_radiation.pdbx_wavelength                  ? 
_diffrn_radiation.pdbx_diffrn_protocol             'SINGLE WAVELENGTH' 
_diffrn_radiation.pdbx_analyzer                    ? 
_diffrn_radiation.pdbx_scattering_type             x-ray 
# 
_diffrn_radiation_wavelength.id           1 
_diffrn_radiation_wavelength.wavelength   0.978 
_diffrn_radiation_wavelength.wt           1.0 
# 
_diffrn_source.current                     ? 
_diffrn_source.details                     ? 
_diffrn_source.diffrn_id                   1 
_diffrn_source.power                       ? 
_diffrn_source.size                        ? 
_diffrn_source.source                      SYNCHROTRON 
_diffrn_source.target                      ? 
_diffrn_source.type                        'SSRF BEAMLINE BL19U1' 
_diffrn_source.voltage                     ? 
_diffrn_source.take-off_angle              ? 
_diffrn_source.pdbx_wavelength_list        0.978 
_diffrn_source.pdbx_wavelength             ? 
_diffrn_source.pdbx_synchrotron_beamline   BL19U1 
_diffrn_source.pdbx_synchrotron_site       SSRF 
# 
_reflns.B_iso_Wilson_estimate                          ? 
_reflns.entry_id                                       7X4E 
_reflns.data_reduction_details                         ? 
_reflns.data_reduction_method                          ? 
_reflns.d_resolution_high                              2.310 
_reflns.d_resolution_low                               50.000 
_reflns.details                                        ? 
_reflns.limit_h_max                                    ? 
_reflns.limit_h_min                                    ? 
_reflns.limit_k_max                                    ? 
_reflns.limit_k_min                                    ? 
_reflns.limit_l_max                                    ? 
_reflns.limit_l_min                                    ? 
_reflns.number_all                                     ? 
_reflns.number_obs                                     7069 
_reflns.observed_criterion                             ? 
_reflns.observed_criterion_F_max                       ? 
_reflns.observed_criterion_F_min                       ? 
_reflns.observed_criterion_I_max                       ? 
_reflns.observed_criterion_I_min                       ? 
_reflns.observed_criterion_sigma_F                     ? 
_reflns.observed_criterion_sigma_I                     ? 
_reflns.percent_possible_obs                           100.000 
_reflns.R_free_details                                 ? 
_reflns.Rmerge_F_all                                   ? 
_reflns.Rmerge_F_obs                                   ? 
_reflns.Friedel_coverage                               ? 
_reflns.number_gt                                      ? 
_reflns.threshold_expression                           ? 
_reflns.pdbx_redundancy                                34.700 
_reflns.pdbx_Rmerge_I_obs                              0.458 
_reflns.pdbx_Rmerge_I_all                              ? 
_reflns.pdbx_Rsym_value                                ? 
_reflns.pdbx_netI_over_av_sigmaI                       ? 
_reflns.pdbx_netI_over_sigmaI                          2.600 
_reflns.pdbx_res_netI_over_av_sigmaI_2                 ? 
_reflns.pdbx_res_netI_over_sigmaI_2                    ? 
_reflns.pdbx_chi_squared                               1.522 
_reflns.pdbx_scaling_rejects                           ? 
_reflns.pdbx_d_res_high_opt                            ? 
_reflns.pdbx_d_res_low_opt                             ? 
_reflns.pdbx_d_res_opt_method                          ? 
_reflns.phase_calculation_details                      ? 
_reflns.pdbx_Rrim_I_all                                0.465 
_reflns.pdbx_Rpim_I_all                                0.088 
_reflns.pdbx_d_opt                                     ? 
_reflns.pdbx_number_measured_all                       245237 
_reflns.pdbx_diffrn_id                                 1 
_reflns.pdbx_ordinal                                   1 
_reflns.pdbx_CC_half                                   ? 
_reflns.pdbx_CC_star                                   ? 
_reflns.pdbx_R_split                                   ? 
_reflns.pdbx_aniso_diffraction_limit_axis_1_ortho[1]   ? 
_reflns.pdbx_aniso_diffraction_limit_axis_1_ortho[2]   ? 
_reflns.pdbx_aniso_diffraction_limit_axis_1_ortho[3]   ? 
_reflns.pdbx_aniso_diffraction_limit_axis_2_ortho[1]   ? 
_reflns.pdbx_aniso_diffraction_limit_axis_2_ortho[2]   ? 
_reflns.pdbx_aniso_diffraction_limit_axis_2_ortho[3]   ? 
_reflns.pdbx_aniso_diffraction_limit_axis_3_ortho[1]   ? 
_reflns.pdbx_aniso_diffraction_limit_axis_3_ortho[2]   ? 
_reflns.pdbx_aniso_diffraction_limit_axis_3_ortho[3]   ? 
_reflns.pdbx_aniso_diffraction_limit_1                 ? 
_reflns.pdbx_aniso_diffraction_limit_2                 ? 
_reflns.pdbx_aniso_diffraction_limit_3                 ? 
_reflns.pdbx_aniso_B_tensor_eigenvector_1_ortho[1]     ? 
_reflns.pdbx_aniso_B_tensor_eigenvector_1_ortho[2]     ? 
_reflns.pdbx_aniso_B_tensor_eigenvector_1_ortho[3]     ? 
_reflns.pdbx_aniso_B_tensor_eigenvector_2_ortho[1]     ? 
_reflns.pdbx_aniso_B_tensor_eigenvector_2_ortho[2]     ? 
_reflns.pdbx_aniso_B_tensor_eigenvector_2_ortho[3]     ? 
_reflns.pdbx_aniso_B_tensor_eigenvector_3_ortho[1]     ? 
_reflns.pdbx_aniso_B_tensor_eigenvector_3_ortho[2]     ? 
_reflns.pdbx_aniso_B_tensor_eigenvector_3_ortho[3]     ? 
_reflns.pdbx_aniso_B_tensor_eigenvalue_1               ? 
_reflns.pdbx_aniso_B_tensor_eigenvalue_2               ? 
_reflns.pdbx_aniso_B_tensor_eigenvalue_3               ? 
_reflns.pdbx_orthogonalization_convention              ? 
_reflns.pdbx_percent_possible_ellipsoidal              ? 
_reflns.pdbx_percent_possible_spherical                ? 
_reflns.pdbx_percent_possible_ellipsoidal_anomalous    ? 
_reflns.pdbx_percent_possible_spherical_anomalous      ? 
_reflns.pdbx_redundancy_anomalous                      ? 
_reflns.pdbx_CC_half_anomalous                         ? 
_reflns.pdbx_absDiff_over_sigma_anomalous              ? 
_reflns.pdbx_percent_possible_anomalous                ? 
_reflns.pdbx_observed_signal_threshold                 ? 
_reflns.pdbx_signal_type                               ? 
_reflns.pdbx_signal_details                            ? 
_reflns.pdbx_signal_software_id                        ? 
# 
loop_
_reflns_shell.d_res_high 
_reflns_shell.d_res_low 
_reflns_shell.meanI_over_sigI_all 
_reflns_shell.meanI_over_sigI_obs 
_reflns_shell.number_measured_all 
_reflns_shell.number_measured_obs 
_reflns_shell.number_possible 
_reflns_shell.number_unique_all 
_reflns_shell.number_unique_obs 
_reflns_shell.percent_possible_all 
_reflns_shell.percent_possible_obs 
_reflns_shell.Rmerge_F_all 
_reflns_shell.Rmerge_F_obs 
_reflns_shell.Rmerge_I_all 
_reflns_shell.Rmerge_I_obs 
_reflns_shell.meanI_over_sigI_gt 
_reflns_shell.meanI_over_uI_all 
_reflns_shell.meanI_over_uI_gt 
_reflns_shell.number_measured_gt 
_reflns_shell.number_unique_gt 
_reflns_shell.percent_possible_gt 
_reflns_shell.Rmerge_F_gt 
_reflns_shell.Rmerge_I_gt 
_reflns_shell.pdbx_redundancy 
_reflns_shell.pdbx_Rsym_value 
_reflns_shell.pdbx_chi_squared 
_reflns_shell.pdbx_netI_over_sigmaI_all 
_reflns_shell.pdbx_netI_over_sigmaI_obs 
_reflns_shell.pdbx_Rrim_I_all 
_reflns_shell.pdbx_Rpim_I_all 
_reflns_shell.pdbx_rejects 
_reflns_shell.pdbx_ordinal 
_reflns_shell.pdbx_diffrn_id 
_reflns_shell.pdbx_CC_half 
_reflns_shell.pdbx_CC_star 
_reflns_shell.pdbx_R_split 
_reflns_shell.pdbx_percent_possible_ellipsoidal 
_reflns_shell.pdbx_percent_possible_spherical 
_reflns_shell.pdbx_percent_possible_ellipsoidal_anomalous 
_reflns_shell.pdbx_percent_possible_spherical_anomalous 
_reflns_shell.pdbx_redundancy_anomalous 
_reflns_shell.pdbx_CC_half_anomalous 
_reflns_shell.pdbx_absDiff_over_sigma_anomalous 
_reflns_shell.pdbx_percent_possible_anomalous 
2.310 2.390  ? ? ? ? ? ? 677 100.000 ? ? ? ? 7.931 ? ? ? ? ? ? ? ? 29.000 ? 0.504 ? ? 8.074 1.496 ? 1  1 0.760 ? ? ? ? ? ? ? ? ? ? 
2.390 2.490  ? ? ? ? ? ? 678 100.000 ? ? ? ? ?     ? ? ? ? ? ? ? ? 32.600 ? 0.435 ? ? ?     1.812 ? 2  1 0.882 ? ? ? ? ? ? ? ? ? ? 
2.490 2.600  ? ? ? ? ? ? 686 100.000 ? ? ? ? 4.826 ? ? ? ? ? ? ? ? 34.800 ? 0.448 ? ? 4.897 0.824 ? 3  1 0.905 ? ? ? ? ? ? ? ? ? ? 
2.600 2.740  ? ? ? ? ? ? 688 100.000 ? ? ? ? 2.073 ? ? ? ? ? ? ? ? 34.300 ? 0.644 ? ? 2.104 0.358 ? 4  1 0.953 ? ? ? ? ? ? ? ? ? ? 
2.740 2.910  ? ? ? ? ? ? 690 100.000 ? ? ? ? 2.097 ? ? ? ? ? ? ? ? 36.300 ? 0.469 ? ? 2.127 0.349 ? 5  1 0.972 ? ? ? ? ? ? ? ? ? ? 
2.910 3.130  ? ? ? ? ? ? 695 100.000 ? ? ? ? 1.246 ? ? ? ? ? ? ? ? 39.100 ? 0.520 ? ? 1.262 0.200 ? 6  1 0.985 ? ? ? ? ? ? ? ? ? ? 
3.130 3.450  ? ? ? ? ? ? 698 100.000 ? ? ? ? 0.625 ? ? ? ? ? ? ? ? 38.200 ? 0.757 ? ? 0.633 0.102 ? 7  1 0.996 ? ? ? ? ? ? ? ? ? ? 
3.450 3.950  ? ? ? ? ? ? 714 100.000 ? ? ? ? 0.351 ? ? ? ? ? ? ? ? 35.000 ? 1.567 ? ? 0.356 0.059 ? 8  1 0.989 ? ? ? ? ? ? ? ? ? ? 
3.950 4.980  ? ? ? ? ? ? 734 100.000 ? ? ? ? 0.176 ? ? ? ? ? ? ? ? 35.600 ? 2.766 ? ? 0.178 0.029 ? 9  1 0.995 ? ? ? ? ? ? ? ? ? ? 
4.980 50.000 ? ? ? ? ? ? 809 100.000 ? ? ? ? 0.144 ? ? ? ? ? ? ? ? 32.300 ? 6.539 ? ? 0.147 0.026 ? 10 1 0.985 ? ? ? ? ? ? ? ? ? ? 
# 
_refine.aniso_B[1][1]                            2.2300 
_refine.aniso_B[1][2]                            1.1200 
_refine.aniso_B[1][3]                            -0.0000 
_refine.aniso_B[2][2]                            2.2300 
_refine.aniso_B[2][3]                            -0.0000 
_refine.aniso_B[3][3]                            -7.2400 
_refine.B_iso_max                                151.220 
_refine.B_iso_mean                               66.9550 
_refine.B_iso_min                                30.000 
_refine.correlation_coeff_Fo_to_Fc               0.9580 
_refine.correlation_coeff_Fo_to_Fc_free          0.9460 
_refine.details                                  
'HYDROGENS HAVE BEEN ADDED IN THE RIDING POSITIONS U VALUES      : REFINED INDIVIDUALLY' 
_refine.diff_density_max                         ? 
_refine.diff_density_max_esd                     ? 
_refine.diff_density_min                         ? 
_refine.diff_density_min_esd                     ? 
_refine.diff_density_rms                         ? 
_refine.diff_density_rms_esd                     ? 
_refine.entry_id                                 7X4E 
_refine.pdbx_refine_id                           'X-RAY DIFFRACTION' 
_refine.ls_abs_structure_details                 ? 
_refine.ls_abs_structure_Flack                   ? 
_refine.ls_abs_structure_Flack_esd               ? 
_refine.ls_abs_structure_Rogers                  ? 
_refine.ls_abs_structure_Rogers_esd              ? 
_refine.ls_d_res_high                            2.3200 
_refine.ls_d_res_low                             35.3400 
_refine.ls_extinction_coef                       ? 
_refine.ls_extinction_coef_esd                   ? 
_refine.ls_extinction_expression                 ? 
_refine.ls_extinction_method                     ? 
_refine.ls_goodness_of_fit_all                   ? 
_refine.ls_goodness_of_fit_all_esd               ? 
_refine.ls_goodness_of_fit_obs                   ? 
_refine.ls_goodness_of_fit_obs_esd               ? 
_refine.ls_hydrogen_treatment                    ? 
_refine.ls_matrix_type                           ? 
_refine.ls_number_constraints                    ? 
_refine.ls_number_parameters                     ? 
_refine.ls_number_reflns_all                     ? 
_refine.ls_number_reflns_obs                     6707 
_refine.ls_number_reflns_R_free                  333 
_refine.ls_number_reflns_R_work                  ? 
_refine.ls_number_restraints                     ? 
_refine.ls_percent_reflns_obs                    99.3500 
_refine.ls_percent_reflns_R_free                 4.7000 
_refine.ls_R_factor_all                          ? 
_refine.ls_R_factor_obs                          0.2079 
_refine.ls_R_factor_R_free                       0.2486 
_refine.ls_R_factor_R_free_error                 ? 
_refine.ls_R_factor_R_free_error_details         ? 
_refine.ls_R_factor_R_work                       0.2059 
_refine.ls_R_Fsqd_factor_obs                     ? 
_refine.ls_R_I_factor_obs                        ? 
_refine.ls_redundancy_reflns_all                 ? 
_refine.ls_redundancy_reflns_obs                 ? 
_refine.ls_restrained_S_all                      ? 
_refine.ls_restrained_S_obs                      ? 
_refine.ls_shift_over_esd_max                    ? 
_refine.ls_shift_over_esd_mean                   ? 
_refine.ls_structure_factor_coef                 ? 
_refine.ls_weighting_details                     ? 
_refine.ls_weighting_scheme                      ? 
_refine.ls_wR_factor_all                         ? 
_refine.ls_wR_factor_obs                         ? 
_refine.ls_wR_factor_R_free                      ? 
_refine.ls_wR_factor_R_work                      ? 
_refine.occupancy_max                            ? 
_refine.occupancy_min                            ? 
_refine.solvent_model_details                    MASK 
_refine.solvent_model_param_bsol                 ? 
_refine.solvent_model_param_ksol                 ? 
_refine.pdbx_R_complete                          ? 
_refine.ls_R_factor_gt                           ? 
_refine.ls_goodness_of_fit_gt                    ? 
_refine.ls_goodness_of_fit_ref                   ? 
_refine.ls_shift_over_su_max                     ? 
_refine.ls_shift_over_su_max_lt                  ? 
_refine.ls_shift_over_su_mean                    ? 
_refine.ls_shift_over_su_mean_lt                 ? 
_refine.pdbx_ls_sigma_I                          ? 
_refine.pdbx_ls_sigma_F                          0.000 
_refine.pdbx_ls_sigma_Fsqd                       ? 
_refine.pdbx_data_cutoff_high_absF               ? 
_refine.pdbx_data_cutoff_high_rms_absF           ? 
_refine.pdbx_data_cutoff_low_absF                ? 
_refine.pdbx_isotropic_thermal_model             ? 
_refine.pdbx_ls_cross_valid_method               THROUGHOUT 
_refine.pdbx_method_to_determine_struct          SAD 
_refine.pdbx_starting_model                      ? 
_refine.pdbx_stereochemistry_target_values       'MAXIMUM LIKELIHOOD' 
_refine.pdbx_R_Free_selection_details            RANDOM 
_refine.pdbx_stereochem_target_val_spec_case     ? 
_refine.pdbx_overall_ESU_R                       0.2700 
_refine.pdbx_overall_ESU_R_Free                  0.2180 
_refine.pdbx_solvent_vdw_probe_radii             1.2000 
_refine.pdbx_solvent_ion_probe_radii             0.8000 
_refine.pdbx_solvent_shrinkage_radii             0.8000 
_refine.pdbx_real_space_R                        ? 
_refine.pdbx_density_correlation                 ? 
_refine.pdbx_pd_number_of_powder_patterns        ? 
_refine.pdbx_pd_number_of_points                 ? 
_refine.pdbx_pd_meas_number_of_points            ? 
_refine.pdbx_pd_proc_ls_prof_R_factor            ? 
_refine.pdbx_pd_proc_ls_prof_wR_factor           ? 
_refine.pdbx_pd_Marquardt_correlation_coeff      ? 
_refine.pdbx_pd_Fsqrd_R_factor                   ? 
_refine.pdbx_pd_ls_matrix_band_width             ? 
_refine.pdbx_overall_phase_error                 ? 
_refine.pdbx_overall_SU_R_free_Cruickshank_DPI   ? 
_refine.pdbx_overall_SU_R_free_Blow_DPI          ? 
_refine.pdbx_overall_SU_R_Blow_DPI               ? 
_refine.pdbx_TLS_residual_ADP_flag               ? 
_refine.pdbx_diffrn_id                           1 
_refine.overall_SU_B                             9.6270 
_refine.overall_SU_ML                            0.2120 
_refine.overall_SU_R_Cruickshank_DPI             ? 
_refine.overall_SU_R_free                        ? 
_refine.overall_FOM_free_R_set                   ? 
_refine.overall_FOM_work_R_set                   ? 
_refine.pdbx_average_fsc_overall                 ? 
_refine.pdbx_average_fsc_work                    ? 
_refine.pdbx_average_fsc_free                    ? 
# 
_refine_hist.pdbx_refine_id                   'X-RAY DIFFRACTION' 
_refine_hist.cycle_id                         final 
_refine_hist.details                          ? 
_refine_hist.d_res_high                       2.3200 
_refine_hist.d_res_low                        35.3400 
_refine_hist.number_atoms_solvent             17 
_refine_hist.number_atoms_total               925 
_refine_hist.number_reflns_all                ? 
_refine_hist.number_reflns_obs                ? 
_refine_hist.number_reflns_R_free             ? 
_refine_hist.number_reflns_R_work             ? 
_refine_hist.R_factor_all                     ? 
_refine_hist.R_factor_obs                     ? 
_refine_hist.R_factor_R_free                  ? 
_refine_hist.R_factor_R_work                  ? 
_refine_hist.pdbx_number_residues_total       114 
_refine_hist.pdbx_B_iso_mean_ligand           129.24 
_refine_hist.pdbx_B_iso_mean_solvent          65.34 
_refine_hist.pdbx_number_atoms_protein        902 
_refine_hist.pdbx_number_atoms_nucleic_acid   0 
_refine_hist.pdbx_number_atoms_ligand         6 
_refine_hist.pdbx_number_atoms_lipid          ? 
_refine_hist.pdbx_number_atoms_carb           ? 
_refine_hist.pdbx_pseudo_atom_details         ? 
# 
loop_
_refine_ls_restr.pdbx_refine_id 
_refine_ls_restr.criterion 
_refine_ls_restr.dev_ideal 
_refine_ls_restr.dev_ideal_target 
_refine_ls_restr.number 
_refine_ls_restr.rejects 
_refine_ls_restr.type 
_refine_ls_restr.weight 
_refine_ls_restr.pdbx_restraint_function 
'X-RAY DIFFRACTION' ? 0.008  0.013  922  ? r_bond_refined_d       ? ? 
'X-RAY DIFFRACTION' ? 0.001  0.017  855  ? r_bond_other_d         ? ? 
'X-RAY DIFFRACTION' ? 1.613  1.658  1242 ? r_angle_refined_deg    ? ? 
'X-RAY DIFFRACTION' ? 1.316  1.579  1984 ? r_angle_other_deg      ? ? 
'X-RAY DIFFRACTION' ? 7.527  5.000  113  ? r_dihedral_angle_1_deg ? ? 
'X-RAY DIFFRACTION' ? 39.358 22.308 52   ? r_dihedral_angle_2_deg ? ? 
'X-RAY DIFFRACTION' ? 18.720 15.000 158  ? r_dihedral_angle_3_deg ? ? 
'X-RAY DIFFRACTION' ? 17.997 15.000 7    ? r_dihedral_angle_4_deg ? ? 
'X-RAY DIFFRACTION' ? 0.070  0.200  118  ? r_chiral_restr         ? ? 
'X-RAY DIFFRACTION' ? 0.006  0.020  1031 ? r_gen_planes_refined   ? ? 
'X-RAY DIFFRACTION' ? 0.001  0.020  190  ? r_gen_planes_other     ? ? 
# 
_refine_ls_shell.pdbx_refine_id                   'X-RAY DIFFRACTION' 
_refine_ls_shell.d_res_high                       2.32 
_refine_ls_shell.d_res_low                        2.3790 
_refine_ls_shell.number_reflns_all                ? 
_refine_ls_shell.number_reflns_obs                ? 
_refine_ls_shell.number_reflns_R_free             25 
_refine_ls_shell.number_reflns_R_work             428 
_refine_ls_shell.percent_reflns_obs               91.3300 
_refine_ls_shell.percent_reflns_R_free            ? 
_refine_ls_shell.R_factor_all                     ? 
_refine_ls_shell.R_factor_obs                     ? 
_refine_ls_shell.R_factor_R_free                  0.4230 
_refine_ls_shell.R_factor_R_free_error            0.0000 
_refine_ls_shell.R_factor_R_work                  0.3460 
_refine_ls_shell.redundancy_reflns_all            ? 
_refine_ls_shell.redundancy_reflns_obs            ? 
_refine_ls_shell.wR_factor_all                    ? 
_refine_ls_shell.wR_factor_obs                    ? 
_refine_ls_shell.wR_factor_R_free                 ? 
_refine_ls_shell.wR_factor_R_work                 ? 
_refine_ls_shell.pdbx_R_complete                  ? 
_refine_ls_shell.pdbx_total_number_of_bins_used   ? 
_refine_ls_shell.pdbx_phase_error                 ? 
_refine_ls_shell.pdbx_fsc_work                    ? 
_refine_ls_shell.pdbx_fsc_free                    ? 
# 
_struct.entry_id                     7X4E 
_struct.title                        'Structure of 10635-DndE' 
_struct.pdbx_model_details           ? 
_struct.pdbx_formula_weight          ? 
_struct.pdbx_formula_weight_method   ? 
_struct.pdbx_model_type_details      ? 
_struct.pdbx_CASP_flag               N 
# 
_struct_keywords.entry_id        7X4E 
_struct_keywords.text            'DNase, DNA binding protein' 
_struct_keywords.pdbx_keywords   'DNA BINDING PROTEIN' 
# 
loop_
_struct_asym.id 
_struct_asym.pdbx_blank_PDB_chainid_flag 
_struct_asym.pdbx_modified 
_struct_asym.entity_id 
_struct_asym.details 
A N N 1 ? 
B N N 2 ? 
C N N 3 ? 
# 
_struct_ref.id                         1 
_struct_ref.db_name                    UNP 
_struct_ref.db_code                    L9WJT3_9EURY 
_struct_ref.pdbx_db_accession          L9WJT3 
_struct_ref.pdbx_db_isoform            ? 
_struct_ref.entity_id                  1 
_struct_ref.pdbx_seq_one_letter_code   
;MSKDLNRVQIDESVSYKLRNLGKATGMTPNYIARIGLTYSLGEDRPPSMEEYDKEGKEFNRYTLLGEHDAMYIALVKKRM
LNEGYNPETELEDYFLAHLNRGIETLSGRISNLTDLYDLVPGEIKDREVSATES
;
_struct_ref.pdbx_align_begin           1 
# 
_struct_ref_seq.align_id                      1 
_struct_ref_seq.ref_id                        1 
_struct_ref_seq.pdbx_PDB_id_code              7X4E 
_struct_ref_seq.pdbx_strand_id                A 
_struct_ref_seq.seq_align_beg                 1 
_struct_ref_seq.pdbx_seq_align_beg_ins_code   ? 
_struct_ref_seq.seq_align_end                 134 
_struct_ref_seq.pdbx_seq_align_end_ins_code   ? 
_struct_ref_seq.pdbx_db_accession             L9WJT3 
_struct_ref_seq.db_align_beg                  1 
_struct_ref_seq.pdbx_db_align_beg_ins_code    ? 
_struct_ref_seq.db_align_end                  134 
_struct_ref_seq.pdbx_db_align_end_ins_code    ? 
_struct_ref_seq.pdbx_auth_seq_align_beg       1 
_struct_ref_seq.pdbx_auth_seq_align_end       134 
# 
_pdbx_struct_assembly.id                   1 
_pdbx_struct_assembly.details              author_defined_assembly 
_pdbx_struct_assembly.method_details       ? 
_pdbx_struct_assembly.oligomeric_details   monomeric 
_pdbx_struct_assembly.oligomeric_count     1 
# 
loop_
_pdbx_struct_assembly_prop.biol_id 
_pdbx_struct_assembly_prop.type 
_pdbx_struct_assembly_prop.value 
_pdbx_struct_assembly_prop.details 
1 'ABSA (A^2)' 20   ? 
1 MORE         -0   ? 
1 'SSA (A^2)'  7090 ? 
# 
_pdbx_struct_assembly_gen.assembly_id       1 
_pdbx_struct_assembly_gen.oper_expression   1 
_pdbx_struct_assembly_gen.asym_id_list      A,B,C 
# 
_pdbx_struct_assembly_auth_evidence.id                     1 
_pdbx_struct_assembly_auth_evidence.assembly_id            1 
_pdbx_struct_assembly_auth_evidence.experimental_support   'gel filtration' 
_pdbx_struct_assembly_auth_evidence.details                ? 
# 
_pdbx_struct_oper_list.id                   1 
_pdbx_struct_oper_list.type                 'identity operation' 
_pdbx_struct_oper_list.name                 1_555 
_pdbx_struct_oper_list.symmetry_operation   x,y,z 
_pdbx_struct_oper_list.matrix[1][1]         1.0000000000 
_pdbx_struct_oper_list.matrix[1][2]         0.0000000000 
_pdbx_struct_oper_list.matrix[1][3]         0.0000000000 
_pdbx_struct_oper_list.vector[1]            0.0000000000 
_pdbx_struct_oper_list.matrix[2][1]         0.0000000000 
_pdbx_struct_oper_list.matrix[2][2]         1.0000000000 
_pdbx_struct_oper_list.matrix[2][3]         0.0000000000 
_pdbx_struct_oper_list.vector[2]            0.0000000000 
_pdbx_struct_oper_list.matrix[3][1]         0.0000000000 
_pdbx_struct_oper_list.matrix[3][2]         0.0000000000 
_pdbx_struct_oper_list.matrix[3][3]         1.0000000000 
_pdbx_struct_oper_list.vector[3]            0.0000000000 
# 
loop_
_struct_conf.conf_type_id 
_struct_conf.id 
_struct_conf.pdbx_PDB_helix_id 
_struct_conf.beg_label_comp_id 
_struct_conf.beg_label_asym_id 
_struct_conf.beg_label_seq_id 
_struct_conf.pdbx_beg_PDB_ins_code 
_struct_conf.end_label_comp_id 
_struct_conf.end_label_asym_id 
_struct_conf.end_label_seq_id 
_struct_conf.pdbx_end_PDB_ins_code 
_struct_conf.beg_auth_comp_id 
_struct_conf.beg_auth_asym_id 
_struct_conf.beg_auth_seq_id 
_struct_conf.end_auth_comp_id 
_struct_conf.end_auth_asym_id 
_struct_conf.end_auth_seq_id 
_struct_conf.pdbx_PDB_helix_class 
_struct_conf.details 
_struct_conf.pdbx_PDB_helix_length 
HELX_P HELX_P1 AA1 ASP A 11  ? GLY A 26  ? ASP A 11  GLY A 26  1 ? 16 
HELX_P HELX_P2 AA2 THR A 28  ? GLY A 42  ? THR A 28  GLY A 42  1 ? 15 
HELX_P HELX_P3 AA3 ARG A 61  ? GLY A 66  ? ARG A 61  GLY A 66  1 ? 6  
HELX_P HELX_P4 AA4 HIS A 68  ? GLY A 84  ? HIS A 68  GLY A 84  1 ? 17 
HELX_P HELX_P5 AA5 ASN A 86  ? SER A 111 ? ASN A 86  SER A 111 1 ? 26 
HELX_P HELX_P6 AA6 ASN A 112 ? THR A 114 ? ASN A 112 THR A 114 5 ? 3  
# 
_struct_conf_type.id          HELX_P 
_struct_conf_type.criteria    ? 
_struct_conf_type.reference   ? 
# 
_struct_sheet.id               AA1 
_struct_sheet.type             ? 
_struct_sheet.number_strands   2 
_struct_sheet.details          ? 
# 
_struct_sheet_order.sheet_id     AA1 
_struct_sheet_order.range_id_1   1 
_struct_sheet_order.range_id_2   2 
_struct_sheet_order.offset       ? 
_struct_sheet_order.sense        anti-parallel 
# 
loop_
_struct_sheet_range.sheet_id 
_struct_sheet_range.id 
_struct_sheet_range.beg_label_comp_id 
_struct_sheet_range.beg_label_asym_id 
_struct_sheet_range.beg_label_seq_id 
_struct_sheet_range.pdbx_beg_PDB_ins_code 
_struct_sheet_range.end_label_comp_id 
_struct_sheet_range.end_label_asym_id 
_struct_sheet_range.end_label_seq_id 
_struct_sheet_range.pdbx_end_PDB_ins_code 
_struct_sheet_range.beg_auth_comp_id 
_struct_sheet_range.beg_auth_asym_id 
_struct_sheet_range.beg_auth_seq_id 
_struct_sheet_range.end_auth_comp_id 
_struct_sheet_range.end_auth_asym_id 
_struct_sheet_range.end_auth_seq_id 
AA1 1 ARG A 7  ? GLN A 9  ? ARG A 7  GLN A 9  
AA1 2 GLU A 58 ? ASN A 60 ? GLU A 58 ASN A 60 
# 
_pdbx_struct_sheet_hbond.sheet_id                AA1 
_pdbx_struct_sheet_hbond.range_id_1              1 
_pdbx_struct_sheet_hbond.range_id_2              2 
_pdbx_struct_sheet_hbond.range_1_label_atom_id   N 
_pdbx_struct_sheet_hbond.range_1_label_comp_id   VAL 
_pdbx_struct_sheet_hbond.range_1_label_asym_id   A 
_pdbx_struct_sheet_hbond.range_1_label_seq_id    8 
_pdbx_struct_sheet_hbond.range_1_PDB_ins_code    ? 
_pdbx_struct_sheet_hbond.range_1_auth_atom_id    N 
_pdbx_struct_sheet_hbond.range_1_auth_comp_id    VAL 
_pdbx_struct_sheet_hbond.range_1_auth_asym_id    A 
_pdbx_struct_sheet_hbond.range_1_auth_seq_id     8 
_pdbx_struct_sheet_hbond.range_2_label_atom_id   O 
_pdbx_struct_sheet_hbond.range_2_label_comp_id   PHE 
_pdbx_struct_sheet_hbond.range_2_label_asym_id   A 
_pdbx_struct_sheet_hbond.range_2_label_seq_id    59 
_pdbx_struct_sheet_hbond.range_2_PDB_ins_code    ? 
_pdbx_struct_sheet_hbond.range_2_auth_atom_id    O 
_pdbx_struct_sheet_hbond.range_2_auth_comp_id    PHE 
_pdbx_struct_sheet_hbond.range_2_auth_asym_id    A 
_pdbx_struct_sheet_hbond.range_2_auth_seq_id     59 
# 
loop_
_pdbx_validate_torsion.id 
_pdbx_validate_torsion.PDB_model_num 
_pdbx_validate_torsion.auth_comp_id 
_pdbx_validate_torsion.auth_asym_id 
_pdbx_validate_torsion.auth_seq_id 
_pdbx_validate_torsion.PDB_ins_code 
_pdbx_validate_torsion.label_alt_id 
_pdbx_validate_torsion.phi 
_pdbx_validate_torsion.psi 
1 1 ASP A 44  ? ? -21.53 -80.04 
2 1 THR A 114 ? ? 60.56  -58.13 
# 
_pdbx_entry_details.entry_id                 7X4E 
_pdbx_entry_details.nonpolymer_details       ? 
_pdbx_entry_details.sequence_details         ? 
_pdbx_entry_details.compound_details         ? 
_pdbx_entry_details.source_details           ? 
_pdbx_entry_details.has_ligand_of_interest   N 
# 
loop_
_pdbx_unobs_or_zero_occ_residues.id 
_pdbx_unobs_or_zero_occ_residues.PDB_model_num 
_pdbx_unobs_or_zero_occ_residues.polymer_flag 
_pdbx_unobs_or_zero_occ_residues.occupancy_flag 
_pdbx_unobs_or_zero_occ_residues.auth_asym_id 
_pdbx_unobs_or_zero_occ_residues.auth_comp_id 
_pdbx_unobs_or_zero_occ_residues.auth_seq_id 
_pdbx_unobs_or_zero_occ_residues.PDB_ins_code 
_pdbx_unobs_or_zero_occ_residues.label_asym_id 
_pdbx_unobs_or_zero_occ_residues.label_comp_id 
_pdbx_unobs_or_zero_occ_residues.label_seq_id 
1  1 Y 1 A MET 1   ? A MET 1   
2  1 Y 1 A SER 2   ? A SER 2   
3  1 Y 1 A TYR 117 ? A TYR 117 
4  1 Y 1 A ASP 118 ? A ASP 118 
5  1 Y 1 A LEU 119 ? A LEU 119 
6  1 Y 1 A VAL 120 ? A VAL 120 
7  1 Y 1 A PRO 121 ? A PRO 121 
8  1 Y 1 A GLY 122 ? A GLY 122 
9  1 Y 1 A GLU 123 ? A GLU 123 
10 1 Y 1 A ILE 124 ? A ILE 124 
11 1 Y 1 A LYS 125 ? A LYS 125 
12 1 Y 1 A ASP 126 ? A ASP 126 
13 1 Y 1 A ARG 127 ? A ARG 127 
14 1 Y 1 A GLU 128 ? A GLU 128 
15 1 Y 1 A VAL 129 ? A VAL 129 
16 1 Y 1 A SER 130 ? A SER 130 
17 1 Y 1 A ALA 131 ? A ALA 131 
18 1 Y 1 A THR 132 ? A THR 132 
19 1 Y 1 A GLU 133 ? A GLU 133 
20 1 Y 1 A SER 134 ? A SER 134 
# 
loop_
_chem_comp_atom.comp_id 
_chem_comp_atom.atom_id 
_chem_comp_atom.type_symbol 
_chem_comp_atom.pdbx_aromatic_flag 
_chem_comp_atom.pdbx_stereo_config 
_chem_comp_atom.pdbx_ordinal 
ALA N    N N N 1   
ALA CA   C N S 2   
ALA C    C N N 3   
ALA O    O N N 4   
ALA CB   C N N 5   
ALA OXT  O N N 6   
ALA H    H N N 7   
ALA H2   H N N 8   
ALA HA   H N N 9   
ALA HB1  H N N 10  
ALA HB2  H N N 11  
ALA HB3  H N N 12  
ALA HXT  H N N 13  
ARG N    N N N 14  
ARG CA   C N S 15  
ARG C    C N N 16  
ARG O    O N N 17  
ARG CB   C N N 18  
ARG CG   C N N 19  
ARG CD   C N N 20  
ARG NE   N N N 21  
ARG CZ   C N N 22  
ARG NH1  N N N 23  
ARG NH2  N N N 24  
ARG OXT  O N N 25  
ARG H    H N N 26  
ARG H2   H N N 27  
ARG HA   H N N 28  
ARG HB2  H N N 29  
ARG HB3  H N N 30  
ARG HG2  H N N 31  
ARG HG3  H N N 32  
ARG HD2  H N N 33  
ARG HD3  H N N 34  
ARG HE   H N N 35  
ARG HH11 H N N 36  
ARG HH12 H N N 37  
ARG HH21 H N N 38  
ARG HH22 H N N 39  
ARG HXT  H N N 40  
ASN N    N N N 41  
ASN CA   C N S 42  
ASN C    C N N 43  
ASN O    O N N 44  
ASN CB   C N N 45  
ASN CG   C N N 46  
ASN OD1  O N N 47  
ASN ND2  N N N 48  
ASN OXT  O N N 49  
ASN H    H N N 50  
ASN H2   H N N 51  
ASN HA   H N N 52  
ASN HB2  H N N 53  
ASN HB3  H N N 54  
ASN HD21 H N N 55  
ASN HD22 H N N 56  
ASN HXT  H N N 57  
ASP N    N N N 58  
ASP CA   C N S 59  
ASP C    C N N 60  
ASP O    O N N 61  
ASP CB   C N N 62  
ASP CG   C N N 63  
ASP OD1  O N N 64  
ASP OD2  O N N 65  
ASP OXT  O N N 66  
ASP H    H N N 67  
ASP H2   H N N 68  
ASP HA   H N N 69  
ASP HB2  H N N 70  
ASP HB3  H N N 71  
ASP HD2  H N N 72  
ASP HXT  H N N 73  
GLN N    N N N 74  
GLN CA   C N S 75  
GLN C    C N N 76  
GLN O    O N N 77  
GLN CB   C N N 78  
GLN CG   C N N 79  
GLN CD   C N N 80  
GLN OE1  O N N 81  
GLN NE2  N N N 82  
GLN OXT  O N N 83  
GLN H    H N N 84  
GLN H2   H N N 85  
GLN HA   H N N 86  
GLN HB2  H N N 87  
GLN HB3  H N N 88  
GLN HG2  H N N 89  
GLN HG3  H N N 90  
GLN HE21 H N N 91  
GLN HE22 H N N 92  
GLN HXT  H N N 93  
GLU N    N N N 94  
GLU CA   C N S 95  
GLU C    C N N 96  
GLU O    O N N 97  
GLU CB   C N N 98  
GLU CG   C N N 99  
GLU CD   C N N 100 
GLU OE1  O N N 101 
GLU OE2  O N N 102 
GLU OXT  O N N 103 
GLU H    H N N 104 
GLU H2   H N N 105 
GLU HA   H N N 106 
GLU HB2  H N N 107 
GLU HB3  H N N 108 
GLU HG2  H N N 109 
GLU HG3  H N N 110 
GLU HE2  H N N 111 
GLU HXT  H N N 112 
GLY N    N N N 113 
GLY CA   C N N 114 
GLY C    C N N 115 
GLY O    O N N 116 
GLY OXT  O N N 117 
GLY H    H N N 118 
GLY H2   H N N 119 
GLY HA2  H N N 120 
GLY HA3  H N N 121 
GLY HXT  H N N 122 
GOL C1   C N N 123 
GOL O1   O N N 124 
GOL C2   C N N 125 
GOL O2   O N N 126 
GOL C3   C N N 127 
GOL O3   O N N 128 
GOL H11  H N N 129 
GOL H12  H N N 130 
GOL HO1  H N N 131 
GOL H2   H N N 132 
GOL HO2  H N N 133 
GOL H31  H N N 134 
GOL H32  H N N 135 
GOL HO3  H N N 136 
HIS N    N N N 137 
HIS CA   C N S 138 
HIS C    C N N 139 
HIS O    O N N 140 
HIS CB   C N N 141 
HIS CG   C Y N 142 
HIS ND1  N Y N 143 
HIS CD2  C Y N 144 
HIS CE1  C Y N 145 
HIS NE2  N Y N 146 
HIS OXT  O N N 147 
HIS H    H N N 148 
HIS H2   H N N 149 
HIS HA   H N N 150 
HIS HB2  H N N 151 
HIS HB3  H N N 152 
HIS HD1  H N N 153 
HIS HD2  H N N 154 
HIS HE1  H N N 155 
HIS HE2  H N N 156 
HIS HXT  H N N 157 
HOH O    O N N 158 
HOH H1   H N N 159 
HOH H2   H N N 160 
ILE N    N N N 161 
ILE CA   C N S 162 
ILE C    C N N 163 
ILE O    O N N 164 
ILE CB   C N S 165 
ILE CG1  C N N 166 
ILE CG2  C N N 167 
ILE CD1  C N N 168 
ILE OXT  O N N 169 
ILE H    H N N 170 
ILE H2   H N N 171 
ILE HA   H N N 172 
ILE HB   H N N 173 
ILE HG12 H N N 174 
ILE HG13 H N N 175 
ILE HG21 H N N 176 
ILE HG22 H N N 177 
ILE HG23 H N N 178 
ILE HD11 H N N 179 
ILE HD12 H N N 180 
ILE HD13 H N N 181 
ILE HXT  H N N 182 
LEU N    N N N 183 
LEU CA   C N S 184 
LEU C    C N N 185 
LEU O    O N N 186 
LEU CB   C N N 187 
LEU CG   C N N 188 
LEU CD1  C N N 189 
LEU CD2  C N N 190 
LEU OXT  O N N 191 
LEU H    H N N 192 
LEU H2   H N N 193 
LEU HA   H N N 194 
LEU HB2  H N N 195 
LEU HB3  H N N 196 
LEU HG   H N N 197 
LEU HD11 H N N 198 
LEU HD12 H N N 199 
LEU HD13 H N N 200 
LEU HD21 H N N 201 
LEU HD22 H N N 202 
LEU HD23 H N N 203 
LEU HXT  H N N 204 
LYS N    N N N 205 
LYS CA   C N S 206 
LYS C    C N N 207 
LYS O    O N N 208 
LYS CB   C N N 209 
LYS CG   C N N 210 
LYS CD   C N N 211 
LYS CE   C N N 212 
LYS NZ   N N N 213 
LYS OXT  O N N 214 
LYS H    H N N 215 
LYS H2   H N N 216 
LYS HA   H N N 217 
LYS HB2  H N N 218 
LYS HB3  H N N 219 
LYS HG2  H N N 220 
LYS HG3  H N N 221 
LYS HD2  H N N 222 
LYS HD3  H N N 223 
LYS HE2  H N N 224 
LYS HE3  H N N 225 
LYS HZ1  H N N 226 
LYS HZ2  H N N 227 
LYS HZ3  H N N 228 
LYS HXT  H N N 229 
MET N    N N N 230 
MET CA   C N S 231 
MET C    C N N 232 
MET O    O N N 233 
MET CB   C N N 234 
MET CG   C N N 235 
MET SD   S N N 236 
MET CE   C N N 237 
MET OXT  O N N 238 
MET H    H N N 239 
MET H2   H N N 240 
MET HA   H N N 241 
MET HB2  H N N 242 
MET HB3  H N N 243 
MET HG2  H N N 244 
MET HG3  H N N 245 
MET HE1  H N N 246 
MET HE2  H N N 247 
MET HE3  H N N 248 
MET HXT  H N N 249 
PHE N    N N N 250 
PHE CA   C N S 251 
PHE C    C N N 252 
PHE O    O N N 253 
PHE CB   C N N 254 
PHE CG   C Y N 255 
PHE CD1  C Y N 256 
PHE CD2  C Y N 257 
PHE CE1  C Y N 258 
PHE CE2  C Y N 259 
PHE CZ   C Y N 260 
PHE OXT  O N N 261 
PHE H    H N N 262 
PHE H2   H N N 263 
PHE HA   H N N 264 
PHE HB2  H N N 265 
PHE HB3  H N N 266 
PHE HD1  H N N 267 
PHE HD2  H N N 268 
PHE HE1  H N N 269 
PHE HE2  H N N 270 
PHE HZ   H N N 271 
PHE HXT  H N N 272 
PRO N    N N N 273 
PRO CA   C N S 274 
PRO C    C N N 275 
PRO O    O N N 276 
PRO CB   C N N 277 
PRO CG   C N N 278 
PRO CD   C N N 279 
PRO OXT  O N N 280 
PRO H    H N N 281 
PRO HA   H N N 282 
PRO HB2  H N N 283 
PRO HB3  H N N 284 
PRO HG2  H N N 285 
PRO HG3  H N N 286 
PRO HD2  H N N 287 
PRO HD3  H N N 288 
PRO HXT  H N N 289 
SER N    N N N 290 
SER CA   C N S 291 
SER C    C N N 292 
SER O    O N N 293 
SER CB   C N N 294 
SER OG   O N N 295 
SER OXT  O N N 296 
SER H    H N N 297 
SER H2   H N N 298 
SER HA   H N N 299 
SER HB2  H N N 300 
SER HB3  H N N 301 
SER HG   H N N 302 
SER HXT  H N N 303 
THR N    N N N 304 
THR CA   C N S 305 
THR C    C N N 306 
THR O    O N N 307 
THR CB   C N R 308 
THR OG1  O N N 309 
THR CG2  C N N 310 
THR OXT  O N N 311 
THR H    H N N 312 
THR H2   H N N 313 
THR HA   H N N 314 
THR HB   H N N 315 
THR HG1  H N N 316 
THR HG21 H N N 317 
THR HG22 H N N 318 
THR HG23 H N N 319 
THR HXT  H N N 320 
TYR N    N N N 321 
TYR CA   C N S 322 
TYR C    C N N 323 
TYR O    O N N 324 
TYR CB   C N N 325 
TYR CG   C Y N 326 
TYR CD1  C Y N 327 
TYR CD2  C Y N 328 
TYR CE1  C Y N 329 
TYR CE2  C Y N 330 
TYR CZ   C Y N 331 
TYR OH   O N N 332 
TYR OXT  O N N 333 
TYR H    H N N 334 
TYR H2   H N N 335 
TYR HA   H N N 336 
TYR HB2  H N N 337 
TYR HB3  H N N 338 
TYR HD1  H N N 339 
TYR HD2  H N N 340 
TYR HE1  H N N 341 
TYR HE2  H N N 342 
TYR HH   H N N 343 
TYR HXT  H N N 344 
VAL N    N N N 345 
VAL CA   C N S 346 
VAL C    C N N 347 
VAL O    O N N 348 
VAL CB   C N N 349 
VAL CG1  C N N 350 
VAL CG2  C N N 351 
VAL OXT  O N N 352 
VAL H    H N N 353 
VAL H2   H N N 354 
VAL HA   H N N 355 
VAL HB   H N N 356 
VAL HG11 H N N 357 
VAL HG12 H N N 358 
VAL HG13 H N N 359 
VAL HG21 H N N 360 
VAL HG22 H N N 361 
VAL HG23 H N N 362 
VAL HXT  H N N 363 
# 
loop_
_chem_comp_bond.comp_id 
_chem_comp_bond.atom_id_1 
_chem_comp_bond.atom_id_2 
_chem_comp_bond.value_order 
_chem_comp_bond.pdbx_aromatic_flag 
_chem_comp_bond.pdbx_stereo_config 
_chem_comp_bond.pdbx_ordinal 
ALA N   CA   sing N N 1   
ALA N   H    sing N N 2   
ALA N   H2   sing N N 3   
ALA CA  C    sing N N 4   
ALA CA  CB   sing N N 5   
ALA CA  HA   sing N N 6   
ALA C   O    doub N N 7   
ALA C   OXT  sing N N 8   
ALA CB  HB1  sing N N 9   
ALA CB  HB2  sing N N 10  
ALA CB  HB3  sing N N 11  
ALA OXT HXT  sing N N 12  
ARG N   CA   sing N N 13  
ARG N   H    sing N N 14  
ARG N   H2   sing N N 15  
ARG CA  C    sing N N 16  
ARG CA  CB   sing N N 17  
ARG CA  HA   sing N N 18  
ARG C   O    doub N N 19  
ARG C   OXT  sing N N 20  
ARG CB  CG   sing N N 21  
ARG CB  HB2  sing N N 22  
ARG CB  HB3  sing N N 23  
ARG CG  CD   sing N N 24  
ARG CG  HG2  sing N N 25  
ARG CG  HG3  sing N N 26  
ARG CD  NE   sing N N 27  
ARG CD  HD2  sing N N 28  
ARG CD  HD3  sing N N 29  
ARG NE  CZ   sing N N 30  
ARG NE  HE   sing N N 31  
ARG CZ  NH1  sing N N 32  
ARG CZ  NH2  doub N N 33  
ARG NH1 HH11 sing N N 34  
ARG NH1 HH12 sing N N 35  
ARG NH2 HH21 sing N N 36  
ARG NH2 HH22 sing N N 37  
ARG OXT HXT  sing N N 38  
ASN N   CA   sing N N 39  
ASN N   H    sing N N 40  
ASN N   H2   sing N N 41  
ASN CA  C    sing N N 42  
ASN CA  CB   sing N N 43  
ASN CA  HA   sing N N 44  
ASN C   O    doub N N 45  
ASN C   OXT  sing N N 46  
ASN CB  CG   sing N N 47  
ASN CB  HB2  sing N N 48  
ASN CB  HB3  sing N N 49  
ASN CG  OD1  doub N N 50  
ASN CG  ND2  sing N N 51  
ASN ND2 HD21 sing N N 52  
ASN ND2 HD22 sing N N 53  
ASN OXT HXT  sing N N 54  
ASP N   CA   sing N N 55  
ASP N   H    sing N N 56  
ASP N   H2   sing N N 57  
ASP CA  C    sing N N 58  
ASP CA  CB   sing N N 59  
ASP CA  HA   sing N N 60  
ASP C   O    doub N N 61  
ASP C   OXT  sing N N 62  
ASP CB  CG   sing N N 63  
ASP CB  HB2  sing N N 64  
ASP CB  HB3  sing N N 65  
ASP CG  OD1  doub N N 66  
ASP CG  OD2  sing N N 67  
ASP OD2 HD2  sing N N 68  
ASP OXT HXT  sing N N 69  
GLN N   CA   sing N N 70  
GLN N   H    sing N N 71  
GLN N   H2   sing N N 72  
GLN CA  C    sing N N 73  
GLN CA  CB   sing N N 74  
GLN CA  HA   sing N N 75  
GLN C   O    doub N N 76  
GLN C   OXT  sing N N 77  
GLN CB  CG   sing N N 78  
GLN CB  HB2  sing N N 79  
GLN CB  HB3  sing N N 80  
GLN CG  CD   sing N N 81  
GLN CG  HG2  sing N N 82  
GLN CG  HG3  sing N N 83  
GLN CD  OE1  doub N N 84  
GLN CD  NE2  sing N N 85  
GLN NE2 HE21 sing N N 86  
GLN NE2 HE22 sing N N 87  
GLN OXT HXT  sing N N 88  
GLU N   CA   sing N N 89  
GLU N   H    sing N N 90  
GLU N   H2   sing N N 91  
GLU CA  C    sing N N 92  
GLU CA  CB   sing N N 93  
GLU CA  HA   sing N N 94  
GLU C   O    doub N N 95  
GLU C   OXT  sing N N 96  
GLU CB  CG   sing N N 97  
GLU CB  HB2  sing N N 98  
GLU CB  HB3  sing N N 99  
GLU CG  CD   sing N N 100 
GLU CG  HG2  sing N N 101 
GLU CG  HG3  sing N N 102 
GLU CD  OE1  doub N N 103 
GLU CD  OE2  sing N N 104 
GLU OE2 HE2  sing N N 105 
GLU OXT HXT  sing N N 106 
GLY N   CA   sing N N 107 
GLY N   H    sing N N 108 
GLY N   H2   sing N N 109 
GLY CA  C    sing N N 110 
GLY CA  HA2  sing N N 111 
GLY CA  HA3  sing N N 112 
GLY C   O    doub N N 113 
GLY C   OXT  sing N N 114 
GLY OXT HXT  sing N N 115 
GOL C1  O1   sing N N 116 
GOL C1  C2   sing N N 117 
GOL C1  H11  sing N N 118 
GOL C1  H12  sing N N 119 
GOL O1  HO1  sing N N 120 
GOL C2  O2   sing N N 121 
GOL C2  C3   sing N N 122 
GOL C2  H2   sing N N 123 
GOL O2  HO2  sing N N 124 
GOL C3  O3   sing N N 125 
GOL C3  H31  sing N N 126 
GOL C3  H32  sing N N 127 
GOL O3  HO3  sing N N 128 
HIS N   CA   sing N N 129 
HIS N   H    sing N N 130 
HIS N   H2   sing N N 131 
HIS CA  C    sing N N 132 
HIS CA  CB   sing N N 133 
HIS CA  HA   sing N N 134 
HIS C   O    doub N N 135 
HIS C   OXT  sing N N 136 
HIS CB  CG   sing N N 137 
HIS CB  HB2  sing N N 138 
HIS CB  HB3  sing N N 139 
HIS CG  ND1  sing Y N 140 
HIS CG  CD2  doub Y N 141 
HIS ND1 CE1  doub Y N 142 
HIS ND1 HD1  sing N N 143 
HIS CD2 NE2  sing Y N 144 
HIS CD2 HD2  sing N N 145 
HIS CE1 NE2  sing Y N 146 
HIS CE1 HE1  sing N N 147 
HIS NE2 HE2  sing N N 148 
HIS OXT HXT  sing N N 149 
HOH O   H1   sing N N 150 
HOH O   H2   sing N N 151 
ILE N   CA   sing N N 152 
ILE N   H    sing N N 153 
ILE N   H2   sing N N 154 
ILE CA  C    sing N N 155 
ILE CA  CB   sing N N 156 
ILE CA  HA   sing N N 157 
ILE C   O    doub N N 158 
ILE C   OXT  sing N N 159 
ILE CB  CG1  sing N N 160 
ILE CB  CG2  sing N N 161 
ILE CB  HB   sing N N 162 
ILE CG1 CD1  sing N N 163 
ILE CG1 HG12 sing N N 164 
ILE CG1 HG13 sing N N 165 
ILE CG2 HG21 sing N N 166 
ILE CG2 HG22 sing N N 167 
ILE CG2 HG23 sing N N 168 
ILE CD1 HD11 sing N N 169 
ILE CD1 HD12 sing N N 170 
ILE CD1 HD13 sing N N 171 
ILE OXT HXT  sing N N 172 
LEU N   CA   sing N N 173 
LEU N   H    sing N N 174 
LEU N   H2   sing N N 175 
LEU CA  C    sing N N 176 
LEU CA  CB   sing N N 177 
LEU CA  HA   sing N N 178 
LEU C   O    doub N N 179 
LEU C   OXT  sing N N 180 
LEU CB  CG   sing N N 181 
LEU CB  HB2  sing N N 182 
LEU CB  HB3  sing N N 183 
LEU CG  CD1  sing N N 184 
LEU CG  CD2  sing N N 185 
LEU CG  HG   sing N N 186 
LEU CD1 HD11 sing N N 187 
LEU CD1 HD12 sing N N 188 
LEU CD1 HD13 sing N N 189 
LEU CD2 HD21 sing N N 190 
LEU CD2 HD22 sing N N 191 
LEU CD2 HD23 sing N N 192 
LEU OXT HXT  sing N N 193 
LYS N   CA   sing N N 194 
LYS N   H    sing N N 195 
LYS N   H2   sing N N 196 
LYS CA  C    sing N N 197 
LYS CA  CB   sing N N 198 
LYS CA  HA   sing N N 199 
LYS C   O    doub N N 200 
LYS C   OXT  sing N N 201 
LYS CB  CG   sing N N 202 
LYS CB  HB2  sing N N 203 
LYS CB  HB3  sing N N 204 
LYS CG  CD   sing N N 205 
LYS CG  HG2  sing N N 206 
LYS CG  HG3  sing N N 207 
LYS CD  CE   sing N N 208 
LYS CD  HD2  sing N N 209 
LYS CD  HD3  sing N N 210 
LYS CE  NZ   sing N N 211 
LYS CE  HE2  sing N N 212 
LYS CE  HE3  sing N N 213 
LYS NZ  HZ1  sing N N 214 
LYS NZ  HZ2  sing N N 215 
LYS NZ  HZ3  sing N N 216 
LYS OXT HXT  sing N N 217 
MET N   CA   sing N N 218 
MET N   H    sing N N 219 
MET N   H2   sing N N 220 
MET CA  C    sing N N 221 
MET CA  CB   sing N N 222 
MET CA  HA   sing N N 223 
MET C   O    doub N N 224 
MET C   OXT  sing N N 225 
MET CB  CG   sing N N 226 
MET CB  HB2  sing N N 227 
MET CB  HB3  sing N N 228 
MET CG  SD   sing N N 229 
MET CG  HG2  sing N N 230 
MET CG  HG3  sing N N 231 
MET SD  CE   sing N N 232 
MET CE  HE1  sing N N 233 
MET CE  HE2  sing N N 234 
MET CE  HE3  sing N N 235 
MET OXT HXT  sing N N 236 
PHE N   CA   sing N N 237 
PHE N   H    sing N N 238 
PHE N   H2   sing N N 239 
PHE CA  C    sing N N 240 
PHE CA  CB   sing N N 241 
PHE CA  HA   sing N N 242 
PHE C   O    doub N N 243 
PHE C   OXT  sing N N 244 
PHE CB  CG   sing N N 245 
PHE CB  HB2  sing N N 246 
PHE CB  HB3  sing N N 247 
PHE CG  CD1  doub Y N 248 
PHE CG  CD2  sing Y N 249 
PHE CD1 CE1  sing Y N 250 
PHE CD1 HD1  sing N N 251 
PHE CD2 CE2  doub Y N 252 
PHE CD2 HD2  sing N N 253 
PHE CE1 CZ   doub Y N 254 
PHE CE1 HE1  sing N N 255 
PHE CE2 CZ   sing Y N 256 
PHE CE2 HE2  sing N N 257 
PHE CZ  HZ   sing N N 258 
PHE OXT HXT  sing N N 259 
PRO N   CA   sing N N 260 
PRO N   CD   sing N N 261 
PRO N   H    sing N N 262 
PRO CA  C    sing N N 263 
PRO CA  CB   sing N N 264 
PRO CA  HA   sing N N 265 
PRO C   O    doub N N 266 
PRO C   OXT  sing N N 267 
PRO CB  CG   sing N N 268 
PRO CB  HB2  sing N N 269 
PRO CB  HB3  sing N N 270 
PRO CG  CD   sing N N 271 
PRO CG  HG2  sing N N 272 
PRO CG  HG3  sing N N 273 
PRO CD  HD2  sing N N 274 
PRO CD  HD3  sing N N 275 
PRO OXT HXT  sing N N 276 
SER N   CA   sing N N 277 
SER N   H    sing N N 278 
SER N   H2   sing N N 279 
SER CA  C    sing N N 280 
SER CA  CB   sing N N 281 
SER CA  HA   sing N N 282 
SER C   O    doub N N 283 
SER C   OXT  sing N N 284 
SER CB  OG   sing N N 285 
SER CB  HB2  sing N N 286 
SER CB  HB3  sing N N 287 
SER OG  HG   sing N N 288 
SER OXT HXT  sing N N 289 
THR N   CA   sing N N 290 
THR N   H    sing N N 291 
THR N   H2   sing N N 292 
THR CA  C    sing N N 293 
THR CA  CB   sing N N 294 
THR CA  HA   sing N N 295 
THR C   O    doub N N 296 
THR C   OXT  sing N N 297 
THR CB  OG1  sing N N 298 
THR CB  CG2  sing N N 299 
THR CB  HB   sing N N 300 
THR OG1 HG1  sing N N 301 
THR CG2 HG21 sing N N 302 
THR CG2 HG22 sing N N 303 
THR CG2 HG23 sing N N 304 
THR OXT HXT  sing N N 305 
TYR N   CA   sing N N 306 
TYR N   H    sing N N 307 
TYR N   H2   sing N N 308 
TYR CA  C    sing N N 309 
TYR CA  CB   sing N N 310 
TYR CA  HA   sing N N 311 
TYR C   O    doub N N 312 
TYR C   OXT  sing N N 313 
TYR CB  CG   sing N N 314 
TYR CB  HB2  sing N N 315 
TYR CB  HB3  sing N N 316 
TYR CG  CD1  doub Y N 317 
TYR CG  CD2  sing Y N 318 
TYR CD1 CE1  sing Y N 319 
TYR CD1 HD1  sing N N 320 
TYR CD2 CE2  doub Y N 321 
TYR CD2 HD2  sing N N 322 
TYR CE1 CZ   doub Y N 323 
TYR CE1 HE1  sing N N 324 
TYR CE2 CZ   sing Y N 325 
TYR CE2 HE2  sing N N 326 
TYR CZ  OH   sing N N 327 
TYR OH  HH   sing N N 328 
TYR OXT HXT  sing N N 329 
VAL N   CA   sing N N 330 
VAL N   H    sing N N 331 
VAL N   H2   sing N N 332 
VAL CA  C    sing N N 333 
VAL CA  CB   sing N N 334 
VAL CA  HA   sing N N 335 
VAL C   O    doub N N 336 
VAL C   OXT  sing N N 337 
VAL CB  CG1  sing N N 338 
VAL CB  CG2  sing N N 339 
VAL CB  HB   sing N N 340 
VAL CG1 HG11 sing N N 341 
VAL CG1 HG12 sing N N 342 
VAL CG1 HG13 sing N N 343 
VAL CG2 HG21 sing N N 344 
VAL CG2 HG22 sing N N 345 
VAL CG2 HG23 sing N N 346 
VAL OXT HXT  sing N N 347 
# 
_pdbx_audit_support.funding_organization   'National Natural Science Foundation of China (NSFC)' 
_pdbx_audit_support.country                China 
_pdbx_audit_support.grant_number           2019YFA0904300 
_pdbx_audit_support.ordinal                1 
# 
_atom_sites.entry_id                    7X4E 
_atom_sites.Cartn_transf_matrix[1][1]   ? 
_atom_sites.Cartn_transf_matrix[1][2]   ? 
_atom_sites.Cartn_transf_matrix[1][3]   ? 
_atom_sites.Cartn_transf_matrix[2][1]   ? 
_atom_sites.Cartn_transf_matrix[2][2]   ? 
_atom_sites.Cartn_transf_matrix[2][3]   ? 
_atom_sites.Cartn_transf_matrix[3][1]   ? 
_atom_sites.Cartn_transf_matrix[3][2]   ? 
_atom_sites.Cartn_transf_matrix[3][3]   ? 
_atom_sites.Cartn_transf_vector[1]      ? 
_atom_sites.Cartn_transf_vector[2]      ? 
_atom_sites.Cartn_transf_vector[3]      ? 
_atom_sites.fract_transf_matrix[1][1]   0.01351052 
_atom_sites.fract_transf_matrix[1][2]   0.00703664 
_atom_sites.fract_transf_matrix[1][3]   -0.00649416 
_atom_sites.fract_transf_matrix[2][1]   -0.00099134 
_atom_sites.fract_transf_matrix[2][2]   0.00808036 
_atom_sites.fract_transf_matrix[2][3]   -0.01441962 
_atom_sites.fract_transf_matrix[3][1]   -0.00194582 
_atom_sites.fract_transf_matrix[3][2]   0.00799348 
_atom_sites.fract_transf_matrix[3][3]   0.00461310 
_atom_sites.fract_transf_vector[1]      0.293138 
_atom_sites.fract_transf_vector[2]      0.263708 
_atom_sites.fract_transf_vector[3]      0.526071 
_atom_sites.solution_primary            ? 
_atom_sites.solution_secondary          ? 
_atom_sites.solution_hydrogens          ? 
_atom_sites.special_details             ? 
# 
loop_
_atom_type.symbol 
_atom_type.pdbx_scat_Z 
_atom_type.pdbx_N_electrons 
_atom_type.scat_Cromer_Mann_a1 
_atom_type.scat_Cromer_Mann_b1 
_atom_type.scat_Cromer_Mann_a2 
_atom_type.scat_Cromer_Mann_b2 
_atom_type.scat_Cromer_Mann_a3 
_atom_type.scat_Cromer_Mann_b3 
_atom_type.scat_Cromer_Mann_a4 
_atom_type.scat_Cromer_Mann_b4 
_atom_type.scat_Cromer_Mann_c 
C  6  6  2.310  20.844 1.020 10.208 1.589 0.569  0.865 51.651 0.216   
H  1  1  0.493  10.511 0.323 26.126 0.140 3.142  0.041 57.800 0.003   
N  7  7  12.222 0.006  3.135 9.893  2.014 28.997 1.167 0.583  -11.538 
O  8  8  3.049  13.277 2.287 5.701  1.546 0.324  0.867 32.909 0.251   
S  16 16 6.905  1.468  5.203 22.215 1.438 0.254  1.586 56.172 0.867   
SE 34 34 17.006 2.410  5.822 0.273  3.974 15.237 4.356 43.816 2.842   
# 
loop_
_atom_site.group_PDB 
_atom_site.id 
_atom_site.type_symbol 
_atom_site.label_atom_id 
_atom_site.label_alt_id 
_atom_site.label_comp_id 
_atom_site.label_asym_id 
_atom_site.label_entity_id 
_atom_site.label_seq_id 
_atom_site.pdbx_PDB_ins_code 
_atom_site.Cartn_x 
_atom_site.Cartn_y 
_atom_site.Cartn_z 
_atom_site.occupancy 
_atom_site.B_iso_or_equiv 
_atom_site.pdbx_formal_charge 
_atom_site.auth_seq_id 
_atom_site.auth_comp_id 
_atom_site.auth_asym_id 
_atom_site.auth_atom_id 
_atom_site.pdbx_PDB_model_num 
_atom_site.calc_flag 
ATOM   1   N N   . LYS A 1 3   ? 16.788  -2.935  2.896   1.00 137.77 ? 3   LYS A N   1 ? 
ATOM   2   C CA  . LYS A 1 3   ? 16.939  -4.414  3.039   1.00 136.85 ? 3   LYS A CA  1 ? 
ATOM   3   C C   . LYS A 1 3   ? 15.721  -4.996  3.776   1.00 139.27 ? 3   LYS A C   1 ? 
ATOM   4   O O   . LYS A 1 3   ? 14.809  -5.524  3.088   1.00 118.58 ? 3   LYS A O   1 ? 
ATOM   5   C CB  . LYS A 1 3   ? 18.241  -4.723  3.748   1.00 131.24 ? 3   LYS A CB  1 ? 
ATOM   6   N N   . ASP A 1 4   ? 15.700  -4.859  5.112   1.00 140.21 ? 4   ASP A N   1 ? 
ATOM   7   C CA  . ASP A 1 4   ? 14.727  -5.474  6.048   1.00 132.22 ? 4   ASP A CA  1 ? 
ATOM   8   C C   . ASP A 1 4   ? 13.289  -5.049  5.693   1.00 141.33 ? 4   ASP A C   1 ? 
ATOM   9   O O   . ASP A 1 4   ? 12.448  -5.958  5.556   1.00 145.55 ? 4   ASP A O   1 ? 
ATOM   10  C CB  . ASP A 1 4   ? 15.092  -5.124  7.474   1.00 122.77 ? 4   ASP A CB  1 ? 
ATOM   11  N N   . LEU A 1 5   ? 13.014  -3.739  5.542   1.00 133.55 ? 5   LEU A N   1 ? 
ATOM   12  C CA  . LEU A 1 5   ? 11.677  -3.171  5.175   1.00 111.06 ? 5   LEU A CA  1 ? 
ATOM   13  C C   . LEU A 1 5   ? 10.696  -3.352  6.346   1.00 111.55 ? 5   LEU A C   1 ? 
ATOM   14  O O   . LEU A 1 5   ? 9.496   -3.534  6.090   1.00 112.07 ? 5   LEU A O   1 ? 
ATOM   15  C CB  . LEU A 1 5   ? 11.155  -3.911  3.932   1.00 106.86 ? 5   LEU A CB  1 ? 
ATOM   16  C CG  . LEU A 1 5   ? 10.465  -3.097  2.835   1.00 95.78  ? 5   LEU A CG  1 ? 
ATOM   17  C CD1 . LEU A 1 5   ? 9.155   -3.739  2.416   1.00 83.48  ? 5   LEU A CD1 1 ? 
ATOM   18  C CD2 . LEU A 1 5   ? 10.230  -1.663  3.248   1.00 104.15 ? 5   LEU A CD2 1 ? 
ATOM   19  N N   . ASN A 1 6   ? 11.191  -3.337  7.585   1.00 104.17 ? 6   ASN A N   1 ? 
ATOM   20  C CA  . ASN A 1 6   ? 10.505  -3.917  8.763   1.00 100.30 ? 6   ASN A CA  1 ? 
ATOM   21  C C   . ASN A 1 6   ? 9.309   -3.049  9.128   1.00 92.76  ? 6   ASN A C   1 ? 
ATOM   22  O O   . ASN A 1 6   ? 8.215   -3.605  9.282   1.00 94.94  ? 6   ASN A O   1 ? 
ATOM   23  C CB  . ASN A 1 6   ? 11.461  -4.042  9.926   1.00 105.67 ? 6   ASN A CB  1 ? 
ATOM   24  N N   . ARG A 1 7   ? 9.546   -1.747  9.286   0.80 88.65  ? 7   ARG A N   1 ? 
ATOM   25  C CA  . ARG A 1 7   ? 8.531   -0.727  9.623   0.80 82.65  ? 7   ARG A CA  1 ? 
ATOM   26  C C   . ARG A 1 7   ? 8.494   0.310   8.497   0.80 79.79  ? 7   ARG A C   1 ? 
ATOM   27  O O   . ARG A 1 7   ? 9.574   0.750   8.052   0.80 84.22  ? 7   ARG A O   1 ? 
ATOM   28  C CB  . ARG A 1 7   ? 8.837   -0.115  10.968  0.80 78.90  ? 7   ARG A CB  1 ? 
ATOM   29  N N   . VAL A 1 8   ? 7.290   0.643   8.028   1.00 71.80  ? 8   VAL A N   1 ? 
ATOM   30  C CA  . VAL A 1 8   ? 7.042   1.619   6.929   1.00 65.51  ? 8   VAL A CA  1 ? 
ATOM   31  C C   . VAL A 1 8   ? 5.821   2.477   7.247   1.00 62.48  ? 8   VAL A C   1 ? 
ATOM   32  O O   . VAL A 1 8   ? 4.866   1.962   7.867   1.00 59.90  ? 8   VAL A O   1 ? 
ATOM   33  C CB  . VAL A 1 8   ? 6.808   0.926   5.581   1.00 64.14  ? 8   VAL A CB  1 ? 
ATOM   34  C CG1 . VAL A 1 8   ? 8.068   0.222   5.124   1.00 65.96  ? 8   VAL A CG1 1 ? 
ATOM   35  C CG2 . VAL A 1 8   ? 5.591   0.003   5.614   1.00 60.37  ? 8   VAL A CG2 1 ? 
ATOM   36  N N   . GLN A 1 9   ? 5.815   3.703   6.716   1.00 58.21  ? 9   GLN A N   1 ? 
ATOM   37  C CA  . GLN A 1 9   ? 4.754   4.702   6.979   1.00 58.72  ? 9   GLN A CA  1 ? 
ATOM   38  C C   . GLN A 1 9   ? 4.084   5.120   5.672   1.00 57.21  ? 9   GLN A C   1 ? 
ATOM   39  O O   . GLN A 1 9   ? 4.783   5.531   4.712   1.00 54.58  ? 9   GLN A O   1 ? 
ATOM   40  C CB  . GLN A 1 9   ? 5.323   5.874   7.769   1.00 64.35  ? 9   GLN A CB  1 ? 
ATOM   41  C CG  . GLN A 1 9   ? 5.597   5.519   9.229   1.00 69.92  ? 9   GLN A CG  1 ? 
ATOM   42  C CD  . GLN A 1 9   ? 6.258   6.659   9.960   1.00 75.39  ? 9   GLN A CD  1 ? 
ATOM   43  O OE1 . GLN A 1 9   ? 5.616   7.656   10.300  1.00 69.83  ? 9   GLN A OE1 1 ? 
ATOM   44  N NE2 . GLN A 1 9   ? 7.560   6.530   10.168  1.00 75.97  ? 9   GLN A NE2 1 ? 
ATOM   45  N N   . ILE A 1 10  ? 2.754   5.016   5.652   1.00 51.08  ? 10  ILE A N   1 ? 
ATOM   46  C CA  . ILE A 1 10  ? 1.927   5.578   4.554   1.00 49.39  ? 10  ILE A CA  1 ? 
ATOM   47  C C   . ILE A 1 10  ? 1.777   7.088   4.776   1.00 54.20  ? 10  ILE A C   1 ? 
ATOM   48  O O   . ILE A 1 10  ? 2.228   7.618   5.804   1.00 51.83  ? 10  ILE A O   1 ? 
ATOM   49  C CB  . ILE A 1 10  ? 0.591   4.831   4.436   1.00 48.65  ? 10  ILE A CB  1 ? 
ATOM   50  C CG1 . ILE A 1 10  ? -0.179  4.761   5.754   1.00 49.04  ? 10  ILE A CG1 1 ? 
ATOM   51  C CG2 . ILE A 1 10  ? 0.846   3.434   3.888   1.00 52.70  ? 10  ILE A CG2 1 ? 
ATOM   52  C CD1 . ILE A 1 10  ? -1.652  4.454   5.576   1.00 48.97  ? 10  ILE A CD1 1 ? 
ATOM   53  N N   . ASP A 1 11  ? 1.233   7.750   3.771   1.00 52.88  ? 11  ASP A N   1 ? 
ATOM   54  C CA  . ASP A 1 11  ? 0.930   9.191   3.753   1.00 51.25  ? 11  ASP A CA  1 ? 
ATOM   55  C C   . ASP A 1 11  ? -0.182  9.486   4.765   1.00 56.80  ? 11  ASP A C   1 ? 
ATOM   56  O O   . ASP A 1 11  ? -1.026  8.599   5.052   1.00 54.35  ? 11  ASP A O   1 ? 
ATOM   57  C CB  . ASP A 1 11  ? 0.605   9.526   2.307   1.00 57.97  ? 11  ASP A CB  1 ? 
ATOM   58  C CG  . ASP A 1 11  ? 0.201   10.949  2.012   1.00 64.45  ? 11  ASP A CG  1 ? 
ATOM   59  O OD1 . ASP A 1 11  ? -1.019  11.248  2.197   1.00 64.96  ? 11  ASP A OD1 1 ? 
ATOM   60  O OD2 . ASP A 1 11  ? 1.088   11.708  1.508   1.00 67.00  ? 11  ASP A OD2 1 ? 
ATOM   61  N N   . GLU A 1 12  ? -0.181  10.702  5.296   1.00 59.82  ? 12  GLU A N   1 ? 
ATOM   62  C CA  . GLU A 1 12  ? -1.105  11.141  6.370   1.00 56.05  ? 12  GLU A CA  1 ? 
ATOM   63  C C   . GLU A 1 12  ? -2.548  11.132  5.860   1.00 52.66  ? 12  GLU A C   1 ? 
ATOM   64  O O   . GLU A 1 12  ? -3.426  10.649  6.571   1.00 48.05  ? 12  GLU A O   1 ? 
ATOM   65  C CB  . GLU A 1 12  ? -0.758  12.562  6.805   1.00 62.78  ? 12  GLU A CB  1 ? 
ATOM   66  C CG  . GLU A 1 12  ? 0.298   12.638  7.882   1.00 63.18  ? 12  GLU A CG  1 ? 
ATOM   67  C CD  . GLU A 1 12  ? 0.658   14.067  8.267   1.00 65.43  ? 12  GLU A CD  1 ? 
ATOM   68  O OE1 . GLU A 1 12  ? 0.763   14.914  7.345   1.00 67.20  ? 12  GLU A OE1 1 ? 
ATOM   69  O OE2 . GLU A 1 12  ? 0.830   14.326  9.486   1.00 64.83  ? 12  GLU A OE2 1 ? 
ATOM   70  N N   . SER A 1 13  ? -2.804  11.709  4.692   1.00 54.02  ? 13  SER A N   1 ? 
ATOM   71  C CA  . SER A 1 13  ? -4.184  11.837  4.155   1.00 57.28  ? 13  SER A CA  1 ? 
ATOM   72  C C   . SER A 1 13  ? -4.700  10.440  3.783   1.00 53.27  ? 13  SER A C   1 ? 
ATOM   73  O O   . SER A 1 13  ? -5.879  10.152  3.962   1.00 48.14  ? 13  SER A O   1 ? 
ATOM   74  C CB  . SER A 1 13  ? -4.214  12.781  2.990   1.00 60.04  ? 13  SER A CB  1 ? 
ATOM   75  O OG  . SER A 1 13  ? -3.483  12.228  1.920   1.00 71.32  ? 13  SER A OG  1 ? 
ATOM   76  N N   . VAL A 1 14  ? -3.806  9.579   3.328   1.00 49.95  ? 14  VAL A N   1 ? 
ATOM   77  C CA  . VAL A 1 14  ? -4.165  8.175   3.031   1.00 49.91  ? 14  VAL A CA  1 ? 
ATOM   78  C C   . VAL A 1 14  ? -4.518  7.488   4.346   1.00 47.89  ? 14  VAL A C   1 ? 
ATOM   79  O O   . VAL A 1 14  ? -5.400  6.655   4.346   1.00 45.03  ? 14  VAL A O   1 ? 
ATOM   80  C CB  . VAL A 1 14  ? -3.006  7.475   2.308   1.00 54.24  ? 14  VAL A CB  1 ? 
ATOM   81  C CG1 . VAL A 1 14  ? -3.293  5.998   2.094   1.00 54.39  ? 14  VAL A CG1 1 ? 
ATOM   82  C CG2 . VAL A 1 14  ? -2.707  8.178   0.998   1.00 55.25  ? 14  VAL A CG2 1 ? 
ATOM   83  N N   . SER A 1 15  ? -3.839  7.826   5.438   1.00 48.88  ? 15  SER A N   1 ? 
ATOM   84  C CA  . SER A 1 15  ? -4.113  7.223   6.766   1.00 49.58  ? 15  SER A CA  1 ? 
ATOM   85  C C   . SER A 1 15  ? -5.534  7.581   7.208   1.00 47.87  ? 15  SER A C   1 ? 
ATOM   86  O O   . SER A 1 15  ? -6.225  6.711   7.763   1.00 49.54  ? 15  SER A O   1 ? 
ATOM   87  C CB  . SER A 1 15  ? -3.084  7.634   7.783   1.00 53.96  ? 15  SER A CB  1 ? 
ATOM   88  O OG  . SER A 1 15  ? -1.775  7.272   7.365   1.00 46.87  ? 15  SER A OG  1 ? 
ATOM   89  N N   . TYR A 1 16  ? -5.993  8.790   6.895   1.00 50.43  ? 16  TYR A N   1 ? 
ATOM   90  C CA  . TYR A 1 16  ? -7.388  9.219   7.189   1.00 50.59  ? 16  TYR A CA  1 ? 
ATOM   91  C C   . TYR A 1 16  ? -8.347  8.343   6.382   1.00 48.70  ? 16  TYR A C   1 ? 
ATOM   92  O O   . TYR A 1 16  ? -9.288  7.741   6.958   1.00 55.88  ? 16  TYR A O   1 ? 
ATOM   93  C CB  . TYR A 1 16  ? -7.606  10.708  6.897   1.00 49.06  ? 16  TYR A CB  1 ? 
ATOM   94  C CG  . TYR A 1 16  ? -9.024  11.177  7.105   1.00 51.23  ? 16  TYR A CG  1 ? 
ATOM   95  C CD1 . TYR A 1 16  ? -9.871  11.391  6.032   1.00 53.63  ? 16  TYR A CD1 1 ? 
ATOM   96  C CD2 . TYR A 1 16  ? -9.538  11.356  8.377   1.00 52.96  ? 16  TYR A CD2 1 ? 
ATOM   97  C CE1 . TYR A 1 16  ? -11.191 11.772  6.213   1.00 57.89  ? 16  TYR A CE1 1 ? 
ATOM   98  C CE2 . TYR A 1 16  ? -10.853 11.737  8.583   1.00 53.17  ? 16  TYR A CE2 1 ? 
ATOM   99  C CZ  . TYR A 1 16  ? -11.679 11.956  7.495   1.00 59.77  ? 16  TYR A CZ  1 ? 
ATOM   100 O OH  . TYR A 1 16  ? -12.968 12.346  7.698   1.00 66.57  ? 16  TYR A OH  1 ? 
ATOM   101 N N   . LYS A 1 17  ? -8.099  8.254   5.077   1.00 49.37  ? 17  LYS A N   1 ? 
ATOM   102 C CA  . LYS A 1 17  ? -8.883  7.394   4.144   1.00 51.17  ? 17  LYS A CA  1 ? 
ATOM   103 C C   . LYS A 1 17  ? -8.971  5.966   4.694   1.00 50.73  ? 17  LYS A C   1 ? 
ATOM   104 O O   . LYS A 1 17  ? -10.087 5.412   4.713   1.00 50.78  ? 17  LYS A O   1 ? 
ATOM   105 C CB  . LYS A 1 17  ? -8.274  7.466   2.751   1.00 52.78  ? 17  LYS A CB  1 ? 
ATOM   106 C CG  . LYS A 1 17  ? -8.537  8.793   2.077   1.00 55.53  ? 17  LYS A CG  1 ? 
ATOM   107 C CD  . LYS A 1 17  ? -7.898  8.925   0.732   1.00 56.49  ? 17  LYS A CD  1 ? 
ATOM   108 C CE  . LYS A 1 17  ? -8.575  10.013  -0.070  1.00 61.24  ? 17  LYS A CE  1 ? 
ATOM   109 N NZ  . LYS A 1 17  ? -7.561  10.856  -0.726  1.00 75.33  ? 17  LYS A NZ  1 ? 
ATOM   110 N N   . LEU A 1 18  ? -7.874  5.439   5.235   1.00 50.33  ? 18  LEU A N   1 ? 
ATOM   111 C CA  . LEU A 1 18  ? -7.828  4.061   5.785   1.00 51.39  ? 18  LEU A CA  1 ? 
ATOM   112 C C   . LEU A 1 18  ? -8.725  3.929   7.024   1.00 52.99  ? 18  LEU A C   1 ? 
ATOM   113 O O   . LEU A 1 18  ? -9.397  2.907   7.107   1.00 54.43  ? 18  LEU A O   1 ? 
ATOM   114 C CB  . LEU A 1 18  ? -6.375  3.707   6.074   1.00 47.45  ? 18  LEU A CB  1 ? 
ATOM   115 C CG  . LEU A 1 18  ? -6.144  2.317   6.636   1.00 47.22  ? 18  LEU A CG  1 ? 
ATOM   116 C CD1 . LEU A 1 18  ? -6.572  1.252   5.647   1.00 50.42  ? 18  LEU A CD1 1 ? 
ATOM   117 C CD2 . LEU A 1 18  ? -4.684  2.139   7.013   1.00 47.32  ? 18  LEU A CD2 1 ? 
ATOM   118 N N   . ARG A 1 19  ? -8.756  4.898   7.946   1.00 55.64  ? 19  ARG A N   1 ? 
ATOM   119 C CA  . ARG A 1 19  ? -9.674  4.844   9.122   1.00 57.57  ? 19  ARG A CA  1 ? 
ATOM   120 C C   . ARG A 1 19  ? -11.108 4.810   8.591   1.00 54.42  ? 19  ARG A C   1 ? 
ATOM   121 O O   . ARG A 1 19  ? -11.896 4.026   9.099   1.00 53.29  ? 19  ARG A O   1 ? 
ATOM   122 C CB  . ARG A 1 19  ? -9.548  6.040   10.084  1.00 67.46  ? 19  ARG A CB  1 ? 
ATOM   123 C CG  . ARG A 1 19  ? -8.738  5.788   11.350  1.00 85.56  ? 19  ARG A CG  1 ? 
ATOM   124 C CD  . ARG A 1 19  ? -9.456  5.337   12.628  1.00 97.51  ? 19  ARG A CD  1 ? 
ATOM   125 N NE  . ARG A 1 19  ? -8.607  5.470   13.832  1.00 116.71 ? 19  ARG A NE  1 ? 
ATOM   126 C CZ  . ARG A 1 19  ? -7.529  4.719   14.141  1.00 104.38 ? 19  ARG A CZ  1 ? 
ATOM   127 N NH1 . ARG A 1 19  ? -7.112  3.740   13.351  1.00 101.60 ? 19  ARG A NH1 1 ? 
ATOM   128 N NH2 . ARG A 1 19  ? -6.864  4.951   15.257  1.00 90.48  ? 19  ARG A NH2 1 ? 
ATOM   129 N N   . ASN A 1 20  ? -11.437 5.649   7.608   1.00 52.31  ? 20  ASN A N   1 ? 
ATOM   130 C CA  . ASN A 1 20  ? -12.796 5.671   7.013   1.00 50.90  ? 20  ASN A CA  1 ? 
ATOM   131 C C   . ASN A 1 20  ? -13.122 4.307   6.403   1.00 48.42  ? 20  ASN A C   1 ? 
ATOM   132 O O   . ASN A 1 20  ? -14.176 3.780   6.721   1.00 54.57  ? 20  ASN A O   1 ? 
ATOM   133 C CB  . ASN A 1 20  ? -12.971 6.823   6.027   1.00 57.89  ? 20  ASN A CB  1 ? 
ATOM   134 C CG  . ASN A 1 20  ? -13.180 8.147   6.733   1.00 63.13  ? 20  ASN A CG  1 ? 
ATOM   135 O OD1 . ASN A 1 20  ? -13.061 9.204   6.124   1.00 70.74  ? 20  ASN A OD1 1 ? 
ATOM   136 N ND2 . ASN A 1 20  ? -13.473 8.106   8.022   1.00 58.51  ? 20  ASN A ND2 1 ? 
ATOM   137 N N   . LEU A 1 21  ? -12.239 3.699   5.621   1.00 45.71  ? 21  LEU A N   1 ? 
ATOM   138 C CA  . LEU A 1 21  ? -12.497 2.324   5.114   1.00 49.32  ? 21  LEU A CA  1 ? 
ATOM   139 C C   . LEU A 1 21  ? -12.740 1.378   6.294   1.00 54.79  ? 21  LEU A C   1 ? 
ATOM   140 O O   . LEU A 1 21  ? -13.627 0.503   6.167   1.00 55.80  ? 21  LEU A O   1 ? 
ATOM   141 C CB  . LEU A 1 21  ? -11.319 1.837   4.278   1.00 55.68  ? 21  LEU A CB  1 ? 
ATOM   142 C CG  . LEU A 1 21  ? -11.036 2.661   3.023   1.00 63.19  ? 21  LEU A CG  1 ? 
ATOM   143 C CD1 . LEU A 1 21  ? -9.709  2.251   2.408   1.00 58.39  ? 21  LEU A CD1 1 ? 
ATOM   144 C CD2 . LEU A 1 21  ? -12.184 2.540   2.018   1.00 65.63  ? 21  LEU A CD2 1 ? 
ATOM   145 N N   . GLY A 1 22  ? -11.968 1.529   7.378   1.00 50.38  ? 22  GLY A N   1 ? 
ATOM   146 C CA  . GLY A 1 22  ? -12.132 0.731   8.606   1.00 49.78  ? 22  GLY A CA  1 ? 
ATOM   147 C C   . GLY A 1 22  ? -13.548 0.875   9.143   1.00 53.66  ? 22  GLY A C   1 ? 
ATOM   148 O O   . GLY A 1 22  ? -14.240 -0.133  9.293   1.00 57.69  ? 22  GLY A O   1 ? 
ATOM   149 N N   . LYS A 1 23  ? -14.007 2.103   9.354   1.00 61.02  ? 23  LYS A N   1 ? 
ATOM   150 C CA  . LYS A 1 23  ? -15.388 2.386   9.831   1.00 65.21  ? 23  LYS A CA  1 ? 
ATOM   151 C C   . LYS A 1 23  ? -16.421 1.750   8.883   1.00 64.06  ? 23  LYS A C   1 ? 
ATOM   152 O O   . LYS A 1 23  ? -17.317 1.091   9.385   1.00 69.48  ? 23  LYS A O   1 ? 
ATOM   153 C CB  . LYS A 1 23  ? -15.605 3.897   9.963   1.00 67.31  ? 23  LYS A CB  1 ? 
ATOM   154 C CG  . LYS A 1 23  ? -14.784 4.570   11.055  1.00 77.49  ? 23  LYS A CG  1 ? 
ATOM   155 C CD  . LYS A 1 23  ? -15.026 6.062   11.207  1.00 81.46  ? 23  LYS A CD  1 ? 
ATOM   156 C CE  . LYS A 1 23  ? -14.010 6.696   12.138  1.00 93.84  ? 23  LYS A CE  1 ? 
ATOM   157 N NZ  . LYS A 1 23  ? -13.966 8.173   12.001  1.00 100.94 ? 23  LYS A NZ  1 ? 
ATOM   158 N N   . ALA A 1 24  ? -16.291 1.936   7.565   1.00 68.16  ? 24  ALA A N   1 ? 
ATOM   159 C CA  . ALA A 1 24  ? -17.246 1.501   6.508   1.00 74.56  ? 24  ALA A CA  1 ? 
ATOM   160 C C   . ALA A 1 24  ? -17.430 -0.015  6.497   1.00 71.42  ? 24  ALA A C   1 ? 
ATOM   161 O O   . ALA A 1 24  ? -18.524 -0.487  6.167   1.00 78.69  ? 24  ALA A O   1 ? 
ATOM   162 C CB  . ALA A 1 24  ? -16.739 1.925   5.153   1.00 81.70  ? 24  ALA A CB  1 ? 
ATOM   163 N N   . THR A 1 25  ? -16.371 -0.729  6.838   1.00 65.87  ? 25  THR A N   1 ? 
ATOM   164 C CA  . THR A 1 25  ? -16.108 -2.117  6.405   1.00 64.78  ? 25  THR A CA  1 ? 
ATOM   165 C C   . THR A 1 25  ? -16.085 -3.040  7.628   1.00 63.42  ? 25  THR A C   1 ? 
ATOM   166 O O   . THR A 1 25  ? -16.394 -4.229  7.453   1.00 59.55  ? 25  THR A O   1 ? 
ATOM   167 C CB  . THR A 1 25  ? -14.827 -2.058  5.566   1.00 66.51  ? 25  THR A CB  1 ? 
ATOM   168 O OG1 . THR A 1 25  ? -15.106 -2.544  4.258   1.00 74.28  ? 25  THR A OG1 1 ? 
ATOM   169 C CG2 . THR A 1 25  ? -13.660 -2.784  6.180   1.00 59.91  ? 25  THR A CG2 1 ? 
ATOM   170 N N   . GLY A 1 26  ? -15.715 -2.516  8.807   1.00 61.72  ? 26  GLY A N   1 ? 
ATOM   171 C CA  . GLY A 1 26  ? -15.623 -3.268  10.075  1.00 57.87  ? 26  GLY A CA  1 ? 
ATOM   172 C C   . GLY A 1 26  ? -14.354 -4.092  10.167  1.00 63.59  ? 26  GLY A C   1 ? 
ATOM   173 O O   . GLY A 1 26  ? -14.268 -4.964  11.052  1.00 73.09  ? 26  GLY A O   1 ? 
ATOM   174 N N   . MET A 1 27  ? -13.423 -3.881  9.234   1.00 64.61  ? 27  MET A N   1 ? 
ATOM   175 C CA  . MET A 1 27  ? -12.201 -4.720  9.125   1.00 63.79  ? 27  MET A CA  1 ? 
ATOM   176 C C   . MET A 1 27  ? -10.963 -4.031  9.695   1.00 55.90  ? 27  MET A C   1 ? 
ATOM   177 O O   . MET A 1 27  ? -10.968 -2.822  9.802   1.00 58.41  ? 27  MET A O   1 ? 
ATOM   178 C CB  . MET A 1 27  ? -11.935 -5.064  7.659   1.00 30.00  ? 27  MET A CB  1 ? 
ATOM   179 C CG  . MET A 1 27  ? -12.961 -5.987  7.053   1.00 30.00  ? 27  MET A CG  1 ? 
ATOM   180 S SD  . MET A 1 27  ? -12.482 -6.559  5.427   1.00 30.00  ? 27  MET A SD  1 ? 
ATOM   181 C CE  . MET A 1 27  ? -13.916 -6.078  4.486   1.00 30.00  ? 27  MET A CE  1 ? 
ATOM   182 N N   . THR A 1 28  ? -9.942  -4.820  10.026  1.00 60.71  ? 28  THR A N   1 ? 
ATOM   183 C CA  . THR A 1 28  ? -8.654  -4.320  10.557  1.00 64.53  ? 28  THR A CA  1 ? 
ATOM   184 C C   . THR A 1 28  ? -7.871  -3.654  9.434   1.00 62.46  ? 28  THR A C   1 ? 
ATOM   185 O O   . THR A 1 28  ? -7.939  -4.066  8.282   1.00 57.25  ? 28  THR A O   1 ? 
ATOM   186 C CB  . THR A 1 28  ? -7.859  -5.448  11.207  1.00 62.58  ? 28  THR A CB  1 ? 
ATOM   187 O OG1 . THR A 1 28  ? -7.410  -6.288  10.148  1.00 66.40  ? 28  THR A OG1 1 ? 
ATOM   188 C CG2 . THR A 1 28  ? -8.702  -6.220  12.194  1.00 66.34  ? 28  THR A CG2 1 ? 
ATOM   189 N N   . PRO A 1 29  ? -7.097  -2.604  9.771   1.00 62.92  ? 29  PRO A N   1 ? 
ATOM   190 C CA  . PRO A 1 29  ? -6.276  -1.890  8.798   1.00 57.33  ? 29  PRO A CA  1 ? 
ATOM   191 C C   . PRO A 1 29  ? -5.346  -2.784  7.967   1.00 55.63  ? 29  PRO A C   1 ? 
ATOM   192 O O   . PRO A 1 29  ? -5.166  -2.523  6.789   1.00 57.67  ? 29  PRO A O   1 ? 
ATOM   193 C CB  . PRO A 1 29  ? -5.410  -0.968  9.677   1.00 62.58  ? 29  PRO A CB  1 ? 
ATOM   194 C CG  . PRO A 1 29  ? -6.218  -0.765  10.946  1.00 61.83  ? 29  PRO A CG  1 ? 
ATOM   195 C CD  . PRO A 1 29  ? -6.982  -2.055  11.132  1.00 62.16  ? 29  PRO A CD  1 ? 
ATOM   196 N N   . ASN A 1 30  ? -4.706  -3.764  8.605   1.00 54.42  ? 30  ASN A N   1 ? 
ATOM   197 C CA  . ASN A 1 30  ? -3.756  -4.675  7.923   1.00 54.54  ? 30  ASN A CA  1 ? 
ATOM   198 C C   . ASN A 1 30  ? -4.490  -5.343  6.763   1.00 54.92  ? 30  ASN A C   1 ? 
ATOM   199 O O   . ASN A 1 30  ? -3.927  -5.365  5.667   1.00 57.91  ? 30  ASN A O   1 ? 
ATOM   200 C CB  . ASN A 1 30  ? -3.109  -5.678  8.875   1.00 58.81  ? 30  ASN A CB  1 ? 
ATOM   201 C CG  . ASN A 1 30  ? -2.143  -5.005  9.832   1.00 71.77  ? 30  ASN A CG  1 ? 
ATOM   202 O OD1 . ASN A 1 30  ? -2.253  -5.156  11.043  1.00 88.45  ? 30  ASN A OD1 1 ? 
ATOM   203 N ND2 . ASN A 1 30  ? -1.226  -4.204  9.318   1.00 67.51  ? 30  ASN A ND2 1 ? 
ATOM   204 N N   . TYR A 1 31  ? -5.715  -5.819  6.980   1.00 55.26  ? 31  TYR A N   1 ? 
ATOM   205 C CA  . TYR A 1 31  ? -6.444  -6.625  5.972   1.00 57.21  ? 31  TYR A CA  1 ? 
ATOM   206 C C   . TYR A 1 31  ? -6.877  -5.710  4.823   1.00 55.56  ? 31  TYR A C   1 ? 
ATOM   207 O O   . TYR A 1 31  ? -6.769  -6.113  3.663   1.00 51.04  ? 31  TYR A O   1 ? 
ATOM   208 C CB  . TYR A 1 31  ? -7.595  -7.418  6.602   1.00 64.76  ? 31  TYR A CB  1 ? 
ATOM   209 C CG  . TYR A 1 31  ? -7.204  -8.709  7.298   1.00 77.06  ? 31  TYR A CG  1 ? 
ATOM   210 C CD1 . TYR A 1 31  ? -5.977  -9.327  7.085   1.00 80.79  ? 31  TYR A CD1 1 ? 
ATOM   211 C CD2 . TYR A 1 31  ? -8.086  -9.340  8.168   1.00 91.36  ? 31  TYR A CD2 1 ? 
ATOM   212 C CE1 . TYR A 1 31  ? -5.635  -10.512 7.722   1.00 90.71  ? 31  TYR A CE1 1 ? 
ATOM   213 C CE2 . TYR A 1 31  ? -7.758  -10.522 8.816   1.00 95.37  ? 31  TYR A CE2 1 ? 
ATOM   214 C CZ  . TYR A 1 31  ? -6.528  -11.117 8.590   1.00 96.65  ? 31  TYR A CZ  1 ? 
ATOM   215 O OH  . TYR A 1 31  ? -6.196  -12.285 9.219   1.00 95.85  ? 31  TYR A OH  1 ? 
ATOM   216 N N   . ILE A 1 32  ? -7.316  -4.493  5.125   1.00 54.43  ? 32  ILE A N   1 ? 
ATOM   217 C CA  . ILE A 1 32  ? -7.738  -3.507  4.094   1.00 47.54  ? 32  ILE A CA  1 ? 
ATOM   218 C C   . ILE A 1 32  ? -6.507  -3.110  3.280   1.00 49.18  ? 32  ILE A C   1 ? 
ATOM   219 O O   . ILE A 1 32  ? -6.599  -3.048  2.059   1.00 49.43  ? 32  ILE A O   1 ? 
ATOM   220 C CB  . ILE A 1 32  ? -8.404  -2.290  4.747   1.00 51.48  ? 32  ILE A CB  1 ? 
ATOM   221 C CG1 . ILE A 1 32  ? -9.665  -2.682  5.522   1.00 55.69  ? 32  ILE A CG1 1 ? 
ATOM   222 C CG2 . ILE A 1 32  ? -8.695  -1.228  3.701   1.00 54.68  ? 32  ILE A CG2 1 ? 
ATOM   223 C CD1 . ILE A 1 32  ? -10.127 -1.622  6.503   1.00 59.90  ? 32  ILE A CD1 1 ? 
ATOM   224 N N   . ALA A 1 33  ? -5.381  -2.870  3.936   1.00 46.33  ? 33  ALA A N   1 ? 
ATOM   225 C CA  . ALA A 1 33  ? -4.157  -2.393  3.269   1.00 50.83  ? 33  ALA A CA  1 ? 
ATOM   226 C C   . ALA A 1 33  ? -3.629  -3.500  2.350   1.00 54.55  ? 33  ALA A C   1 ? 
ATOM   227 O O   . ALA A 1 33  ? -3.208  -3.192  1.226   1.00 56.93  ? 33  ALA A O   1 ? 
ATOM   228 C CB  . ALA A 1 33  ? -3.142  -1.988  4.299   1.00 52.49  ? 33  ALA A CB  1 ? 
ATOM   229 N N   . ARG A 1 34  ? -3.650  -4.746  2.815   1.00 55.67  ? 34  ARG A N   1 ? 
ATOM   230 C CA  . ARG A 1 34  ? -3.119  -5.903  2.052   1.00 56.72  ? 34  ARG A CA  1 ? 
ATOM   231 C C   . ARG A 1 34  ? -3.907  -6.052  0.743   1.00 52.54  ? 34  ARG A C   1 ? 
ATOM   232 O O   . ARG A 1 34  ? -3.262  -6.201  -0.311  1.00 55.21  ? 34  ARG A O   1 ? 
ATOM   233 C CB  . ARG A 1 34  ? -3.175  -7.186  2.887   1.00 62.57  ? 34  ARG A CB  1 ? 
ATOM   234 C CG  . ARG A 1 34  ? -2.501  -8.383  2.226   1.00 58.55  ? 34  ARG A CG  1 ? 
ATOM   235 C CD  . ARG A 1 34  ? -2.685  -9.705  2.945   1.00 60.04  ? 34  ARG A CD  1 ? 
ATOM   236 N NE  . ARG A 1 34  ? -2.337  -9.643  4.350   1.00 63.23  ? 34  ARG A NE  1 ? 
ATOM   237 C CZ  . ARG A 1 34  ? -2.521  -10.619 5.216   1.00 67.20  ? 34  ARG A CZ  1 ? 
ATOM   238 N NH1 . ARG A 1 34  ? -3.057  -11.764 4.834   1.00 77.99  ? 34  ARG A NH1 1 ? 
ATOM   239 N NH2 . ARG A 1 34  ? -2.170  -10.442 6.474   1.00 78.60  ? 34  ARG A NH2 1 ? 
ATOM   240 N N   . ILE A 1 35  ? -5.235  -6.020  0.812   1.00 49.83  ? 35  ILE A N   1 ? 
ATOM   241 C CA  . ILE A 1 35  ? -6.129  -6.039  -0.382  1.00 61.50  ? 35  ILE A CA  1 ? 
ATOM   242 C C   . ILE A 1 35  ? -5.749  -4.881  -1.316  1.00 55.32  ? 35  ILE A C   1 ? 
ATOM   243 O O   . ILE A 1 35  ? -5.655  -5.102  -2.526  1.00 51.44  ? 35  ILE A O   1 ? 
ATOM   244 C CB  . ILE A 1 35  ? -7.621  -5.918  -0.005  1.00 67.99  ? 35  ILE A CB  1 ? 
ATOM   245 C CG1 . ILE A 1 35  ? -8.231  -7.210  0.534   1.00 74.13  ? 35  ILE A CG1 1 ? 
ATOM   246 C CG2 . ILE A 1 35  ? -8.405  -5.435  -1.211  1.00 77.92  ? 35  ILE A CG2 1 ? 
ATOM   247 C CD1 . ILE A 1 35  ? -8.362  -8.298  -0.512  1.00 82.78  ? 35  ILE A CD1 1 ? 
ATOM   248 N N   . GLY A 1 36  ? -5.653  -3.667  -0.780  1.00 51.17  ? 36  GLY A N   1 ? 
ATOM   249 C CA  . GLY A 1 36  ? -5.340  -2.477  -1.582  1.00 50.27  ? 36  GLY A CA  1 ? 
ATOM   250 C C   . GLY A 1 36  ? -4.016  -2.666  -2.296  1.00 52.82  ? 36  GLY A C   1 ? 
ATOM   251 O O   . GLY A 1 36  ? -3.944  -2.407  -3.507  1.00 55.73  ? 36  GLY A O   1 ? 
ATOM   252 N N   . LEU A 1 37  ? -3.005  -3.133  -1.567  1.00 48.53  ? 37  LEU A N   1 ? 
ATOM   253 C CA  . LEU A 1 37  ? -1.644  -3.346  -2.098  1.00 51.52  ? 37  LEU A CA  1 ? 
ATOM   254 C C   . LEU A 1 37  ? -1.724  -4.349  -3.247  1.00 51.50  ? 37  LEU A C   1 ? 
ATOM   255 O O   . LEU A 1 37  ? -1.055  -4.138  -4.267  1.00 49.95  ? 37  LEU A O   1 ? 
ATOM   256 C CB  . LEU A 1 37  ? -0.755  -3.866  -0.973  1.00 48.88  ? 37  LEU A CB  1 ? 
ATOM   257 C CG  . LEU A 1 37  ? 0.628   -4.303  -1.422  1.00 50.73  ? 37  LEU A CG  1 ? 
ATOM   258 C CD1 . LEU A 1 37  ? 1.393   -3.126  -2.008  1.00 51.90  ? 37  LEU A CD1 1 ? 
ATOM   259 C CD2 . LEU A 1 37  ? 1.388   -4.948  -0.275  1.00 51.00  ? 37  LEU A CD2 1 ? 
ATOM   260 N N   . THR A 1 38  ? -2.534  -5.382  -3.063  1.00 51.56  ? 38  THR A N   1 ? 
ATOM   261 C CA  . THR A 1 38  ? -2.762  -6.452  -4.059  1.00 57.99  ? 38  THR A CA  1 ? 
ATOM   262 C C   . THR A 1 38  ? -3.454  -5.836  -5.271  1.00 54.35  ? 38  THR A C   1 ? 
ATOM   263 O O   . THR A 1 38  ? -2.986  -6.057  -6.402  1.00 59.07  ? 38  THR A O   1 ? 
ATOM   264 C CB  . THR A 1 38  ? -3.533  -7.631  -3.453  1.00 60.42  ? 38  THR A CB  1 ? 
ATOM   265 O OG1 . THR A 1 38  ? -2.873  -8.077  -2.270  1.00 65.21  ? 38  THR A OG1 1 ? 
ATOM   266 C CG2 . THR A 1 38  ? -3.572  -8.816  -4.387  1.00 75.53  ? 38  THR A CG2 1 ? 
ATOM   267 N N   . TYR A 1 39  ? -4.519  -5.080  -5.050  1.00 49.66  ? 39  TYR A N   1 ? 
ATOM   268 C CA  . TYR A 1 39  ? -5.247  -4.402  -6.149  1.00 52.33  ? 39  TYR A CA  1 ? 
ATOM   269 C C   . TYR A 1 39  ? -4.265  -3.500  -6.908  1.00 57.00  ? 39  TYR A C   1 ? 
ATOM   270 O O   . TYR A 1 39  ? -4.247  -3.544  -8.143  1.00 60.33  ? 39  TYR A O   1 ? 
ATOM   271 C CB  . TYR A 1 39  ? -6.456  -3.633  -5.623  1.00 56.77  ? 39  TYR A CB  1 ? 
ATOM   272 C CG  . TYR A 1 39  ? -7.446  -3.266  -6.695  1.00 62.90  ? 39  TYR A CG  1 ? 
ATOM   273 C CD1 . TYR A 1 39  ? -7.550  -1.970  -7.175  1.00 68.98  ? 39  TYR A CD1 1 ? 
ATOM   274 C CD2 . TYR A 1 39  ? -8.256  -4.226  -7.270  1.00 66.83  ? 39  TYR A CD2 1 ? 
ATOM   275 C CE1 . TYR A 1 39  ? -8.448  -1.633  -8.178  1.00 67.91  ? 39  TYR A CE1 1 ? 
ATOM   276 C CE2 . TYR A 1 39  ? -9.168  -3.904  -8.261  1.00 69.46  ? 39  TYR A CE2 1 ? 
ATOM   277 C CZ  . TYR A 1 39  ? -9.263  -2.605  -8.728  1.00 66.30  ? 39  TYR A CZ  1 ? 
ATOM   278 O OH  . TYR A 1 39  ? -10.162 -2.293  -9.713  1.00 59.33  ? 39  TYR A OH  1 ? 
ATOM   279 N N   . SER A 1 40  ? -3.438  -2.717  -6.217  1.00 55.62  ? 40  SER A N   1 ? 
ATOM   280 C CA  . SER A 1 40  ? -2.501  -1.788  -6.899  1.00 54.71  ? 40  SER A CA  1 ? 
ATOM   281 C C   . SER A 1 40  ? -1.428  -2.594  -7.645  1.00 54.86  ? 40  SER A C   1 ? 
ATOM   282 O O   . SER A 1 40  ? -1.032  -2.199  -8.736  1.00 54.70  ? 40  SER A O   1 ? 
ATOM   283 C CB  . SER A 1 40  ? -1.898  -0.783  -5.960  1.00 50.37  ? 40  SER A CB  1 ? 
ATOM   284 O OG  . SER A 1 40  ? -0.848  -0.062  -6.591  1.00 45.46  ? 40  SER A OG  1 ? 
ATOM   285 N N   . LEU A 1 41  ? -0.975  -3.709  -7.101  1.00 53.89  ? 41  LEU A N   1 ? 
ATOM   286 C CA  . LEU A 1 41  ? 0.093   -4.485  -7.768  1.00 54.84  ? 41  LEU A CA  1 ? 
ATOM   287 C C   . LEU A 1 41  ? -0.412  -5.105  -9.080  1.00 56.90  ? 41  LEU A C   1 ? 
ATOM   288 O O   . LEU A 1 41  ? 0.414   -5.387  -9.945  1.00 53.87  ? 41  LEU A O   1 ? 
ATOM   289 C CB  . LEU A 1 41  ? 0.609   -5.541  -6.803  1.00 53.81  ? 41  LEU A CB  1 ? 
ATOM   290 C CG  . LEU A 1 41  ? 1.614   -5.008  -5.799  1.00 54.71  ? 41  LEU A CG  1 ? 
ATOM   291 C CD1 . LEU A 1 41  ? 2.040   -6.094  -4.829  1.00 59.50  ? 41  LEU A CD1 1 ? 
ATOM   292 C CD2 . LEU A 1 41  ? 2.812   -4.419  -6.513  1.00 57.44  ? 41  LEU A CD2 1 ? 
ATOM   293 N N   . GLY A 1 42  ? -1.714  -5.293  -9.250  1.00 54.59  ? 42  GLY A N   1 ? 
ATOM   294 C CA  . GLY A 1 42  ? -2.271  -5.801  -10.512 1.00 51.82  ? 42  GLY A CA  1 ? 
ATOM   295 C C   . GLY A 1 42  ? -2.735  -4.697  -11.446 1.00 58.20  ? 42  GLY A C   1 ? 
ATOM   296 O O   . GLY A 1 42  ? -3.382  -5.021  -12.459 1.00 59.57  ? 42  GLY A O   1 ? 
ATOM   297 N N   . GLU A 1 43  ? -2.492  -3.431  -11.114 1.00 60.68  ? 43  GLU A N   1 ? 
ATOM   298 C CA  . GLU A 1 43  ? -2.868  -2.296  -11.986 1.00 61.62  ? 43  GLU A CA  1 ? 
ATOM   299 C C   . GLU A 1 43  ? -1.735  -2.089  -12.991 1.00 66.10  ? 43  GLU A C   1 ? 
ATOM   300 O O   . GLU A 1 43  ? -0.582  -1.936  -12.563 1.00 62.80  ? 43  GLU A O   1 ? 
ATOM   301 C CB  . GLU A 1 43  ? -3.116  -1.031  -11.174 1.00 75.51  ? 43  GLU A CB  1 ? 
ATOM   302 C CG  . GLU A 1 43  ? -3.843  0.048   -11.957 1.00 88.74  ? 43  GLU A CG  1 ? 
ATOM   303 C CD  . GLU A 1 43  ? -4.181  1.313   -11.170 1.00 101.27 ? 43  GLU A CD  1 ? 
ATOM   304 O OE1 . GLU A 1 43  ? -4.325  1.227   -9.919  1.00 106.91 ? 43  GLU A OE1 1 ? 
ATOM   305 O OE2 . GLU A 1 43  ? -4.303  2.390   -11.808 1.00 100.94 ? 43  GLU A OE2 1 ? 
ATOM   306 N N   . ASP A 1 44  ? -2.070  -2.208  -14.274 1.00 70.80  ? 44  ASP A N   1 ? 
ATOM   307 C CA  . ASP A 1 44  ? -1.336  -1.702  -15.471 1.00 78.82  ? 44  ASP A CA  1 ? 
ATOM   308 C C   . ASP A 1 44  ? -0.376  -0.548  -15.110 1.00 66.39  ? 44  ASP A C   1 ? 
ATOM   309 O O   . ASP A 1 44  ? 0.841   -0.806  -14.981 1.00 60.28  ? 44  ASP A O   1 ? 
ATOM   310 C CB  . ASP A 1 44  ? -2.364  -1.349  -16.566 1.00 95.30  ? 44  ASP A CB  1 ? 
ATOM   311 C CG  . ASP A 1 44  ? -3.794  -1.086  -16.067 1.00 106.54 ? 44  ASP A CG  1 ? 
ATOM   312 O OD1 . ASP A 1 44  ? -4.490  -2.069  -15.651 1.00 91.77  ? 44  ASP A OD1 1 ? 
ATOM   313 O OD2 . ASP A 1 44  ? -4.216  0.102   -16.082 1.00 101.52 ? 44  ASP A OD2 1 ? 
ATOM   314 N N   . ARG A 1 45  ? -0.880  0.684   -14.961 1.00 65.74  ? 45  ARG A N   1 ? 
ATOM   315 C CA  . ARG A 1 45  ? -0.039  1.908   -14.818 1.00 68.43  ? 45  ARG A CA  1 ? 
ATOM   316 C C   . ARG A 1 45  ? 0.884   1.792   -13.610 1.00 60.81  ? 45  ARG A C   1 ? 
ATOM   317 O O   . ARG A 1 45  ? 0.470   1.332   -12.554 1.00 54.09  ? 45  ARG A O   1 ? 
ATOM   318 C CB  . ARG A 1 45  ? -0.896  3.159   -14.621 1.00 71.41  ? 45  ARG A CB  1 ? 
ATOM   319 C CG  . ARG A 1 45  ? -1.820  3.479   -15.786 1.00 83.03  ? 45  ARG A CG  1 ? 
ATOM   320 C CD  . ARG A 1 45  ? -2.586  4.774   -15.573 1.00 92.78  ? 45  ARG A CD  1 ? 
ATOM   321 N NE  . ARG A 1 45  ? -1.758  5.854   -15.023 1.00 104.21 ? 45  ARG A NE  1 ? 
ATOM   322 C CZ  . ARG A 1 45  ? -1.992  7.166   -15.142 1.00 112.51 ? 45  ARG A CZ  1 ? 
ATOM   323 N NH1 . ARG A 1 45  ? -3.040  7.607   -15.818 1.00 120.00 ? 45  ARG A NH1 1 ? 
ATOM   324 N NH2 . ARG A 1 45  ? -1.162  8.038   -14.593 1.00 109.23 ? 45  ARG A NH2 1 ? 
ATOM   325 N N   . PRO A 1 46  ? 2.146   2.247   -13.712 1.00 58.52  ? 46  PRO A N   1 ? 
ATOM   326 C CA  . PRO A 1 46  ? 2.984   2.461   -12.535 1.00 64.80  ? 46  PRO A CA  1 ? 
ATOM   327 C C   . PRO A 1 46  ? 2.351   3.461   -11.571 1.00 64.81  ? 46  PRO A C   1 ? 
ATOM   328 O O   . PRO A 1 46  ? 1.661   4.372   -12.006 1.00 64.20  ? 46  PRO A O   1 ? 
ATOM   329 C CB  . PRO A 1 46  ? 4.281   3.072   -13.090 1.00 66.97  ? 46  PRO A CB  1 ? 
ATOM   330 C CG  . PRO A 1 46  ? 4.294   2.687   -14.553 1.00 67.69  ? 46  PRO A CG  1 ? 
ATOM   331 C CD  . PRO A 1 46  ? 2.839   2.570   -14.965 1.00 61.66  ? 46  PRO A CD  1 ? 
ATOM   332 N N   . PRO A 1 47  ? 2.585   3.363   -10.244 1.00 71.25  ? 47  PRO A N   1 ? 
ATOM   333 C CA  . PRO A 1 47  ? 2.030   4.329   -9.295  1.00 69.27  ? 47  PRO A CA  1 ? 
ATOM   334 C C   . PRO A 1 47  ? 2.967   5.540   -9.280  1.00 65.42  ? 47  PRO A C   1 ? 
ATOM   335 O O   . PRO A 1 47  ? 4.081   5.396   -9.769  1.00 57.13  ? 47  PRO A O   1 ? 
ATOM   336 C CB  . PRO A 1 47  ? 2.055   3.566   -7.970  1.00 69.93  ? 47  PRO A CB  1 ? 
ATOM   337 C CG  . PRO A 1 47  ? 3.278   2.670   -8.100  1.00 68.48  ? 47  PRO A CG  1 ? 
ATOM   338 C CD  . PRO A 1 47  ? 3.460   2.385   -9.582  1.00 68.33  ? 47  PRO A CD  1 ? 
ATOM   339 N N   . SER A 1 48  ? 2.529   6.681   -8.744  1.00 67.81  ? 48  SER A N   1 ? 
ATOM   340 C CA  . SER A 1 48  ? 3.362   7.909   -8.754  1.00 68.41  ? 48  SER A CA  1 ? 
ATOM   341 C C   . SER A 1 48  ? 4.405   7.805   -7.644  1.00 58.64  ? 48  SER A C   1 ? 
ATOM   342 O O   . SER A 1 48  ? 4.042   7.489   -6.504  1.00 56.11  ? 48  SER A O   1 ? 
ATOM   343 C CB  . SER A 1 48  ? 2.554   9.176   -8.655  1.00 80.30  ? 48  SER A CB  1 ? 
ATOM   344 O OG  . SER A 1 48  ? 2.803   9.829   -7.413  1.00 91.22  ? 48  SER A OG  1 ? 
ATOM   345 N N   . MET A 1 49  ? 5.660   8.076   -7.983  1.00 62.39  ? 49  MET A N   1 ? 
ATOM   346 C CA  . MET A 1 49  ? 6.798   8.079   -7.030  1.00 69.24  ? 49  MET A CA  1 ? 
ATOM   347 C C   . MET A 1 49  ? 6.935   9.455   -6.361  1.00 67.82  ? 49  MET A C   1 ? 
ATOM   348 O O   . MET A 1 49  ? 7.777   9.570   -5.472  1.00 76.48  ? 49  MET A O   1 ? 
ATOM   349 C CB  . MET A 1 49  ? 8.092   7.704   -7.765  1.00 69.02  ? 49  MET A CB  1 ? 
ATOM   350 C CG  . MET A 1 49  ? 8.100   6.250   -8.253  1.00 68.75  ? 49  MET A CG  1 ? 
ATOM   351 S SD  . MET A 1 49  ? 7.979   5.092   -6.869  1.00 53.70  ? 49  MET A SD  1 ? 
ATOM   352 C CE  . MET A 1 49  ? 9.591   5.272   -6.107  1.00 49.07  ? 49  MET A CE  1 ? 
ATOM   353 N N   . GLU A 1 50  ? 6.107   10.437  -6.724  1.00 78.88  ? 50  GLU A N   1 ? 
ATOM   354 C CA  . GLU A 1 50  ? 6.215   11.841  -6.230  1.00 101.42 ? 50  GLU A CA  1 ? 
ATOM   355 C C   . GLU A 1 50  ? 5.229   12.089  -5.075  1.00 86.34  ? 50  GLU A C   1 ? 
ATOM   356 O O   . GLU A 1 50  ? 5.543   12.911  -4.206  1.00 85.02  ? 50  GLU A O   1 ? 
ATOM   357 C CB  . GLU A 1 50  ? 5.981   12.820  -7.394  1.00 117.57 ? 50  GLU A CB  1 ? 
ATOM   358 C CG  . GLU A 1 50  ? 5.577   14.233  -6.966  1.00 134.31 ? 50  GLU A CG  1 ? 
ATOM   359 C CD  . GLU A 1 50  ? 5.287   15.224  -8.088  1.00 143.50 ? 50  GLU A CD  1 ? 
ATOM   360 O OE1 . GLU A 1 50  ? 5.468   14.847  -9.266  1.00 151.22 ? 50  GLU A OE1 1 ? 
ATOM   361 O OE2 . GLU A 1 50  ? 4.861   16.371  -7.783  1.00 130.05 ? 50  GLU A OE2 1 ? 
ATOM   362 N N   . GLU A 1 51  ? 4.079   11.413  -5.083  1.00 81.90  ? 51  GLU A N   1 ? 
ATOM   363 C CA  . GLU A 1 51  ? 2.809   11.911  -4.480  1.00 80.53  ? 51  GLU A CA  1 ? 
ATOM   364 C C   . GLU A 1 51  ? 2.782   11.839  -2.948  1.00 69.35  ? 51  GLU A C   1 ? 
ATOM   365 O O   . GLU A 1 51  ? 2.004   12.593  -2.386  1.00 71.92  ? 51  GLU A O   1 ? 
ATOM   366 C CB  . GLU A 1 51  ? 1.601   11.102  -4.963  1.00 84.51  ? 51  GLU A CB  1 ? 
ATOM   367 C CG  . GLU A 1 51  ? 0.648   11.858  -5.874  1.00 98.93  ? 51  GLU A CG  1 ? 
ATOM   368 C CD  . GLU A 1 51  ? -0.733  11.216  -5.982  1.00 114.08 ? 51  GLU A CD  1 ? 
ATOM   369 O OE1 . GLU A 1 51  ? -1.652  11.642  -5.228  1.00 113.20 ? 51  GLU A OE1 1 ? 
ATOM   370 O OE2 . GLU A 1 51  ? -0.892  10.282  -6.815  1.00 102.78 ? 51  GLU A OE2 1 ? 
ATOM   371 N N   . TYR A 1 52  ? 3.497   10.920  -2.296  1.00 61.15  ? 52  TYR A N   1 ? 
ATOM   372 C CA  . TYR A 1 52  ? 3.122   10.454  -0.932  1.00 63.92  ? 52  TYR A CA  1 ? 
ATOM   373 C C   . TYR A 1 52  ? 4.242   10.736  0.077   1.00 65.98  ? 52  TYR A C   1 ? 
ATOM   374 O O   . TYR A 1 52  ? 5.424   10.452  -0.200  1.00 67.23  ? 52  TYR A O   1 ? 
ATOM   375 C CB  . TYR A 1 52  ? 2.750   8.965   -0.926  1.00 57.64  ? 52  TYR A CB  1 ? 
ATOM   376 C CG  . TYR A 1 52  ? 1.657   8.542   -1.885  1.00 57.50  ? 52  TYR A CG  1 ? 
ATOM   377 C CD1 . TYR A 1 52  ? 0.345   8.954   -1.738  1.00 55.72  ? 52  TYR A CD1 1 ? 
ATOM   378 C CD2 . TYR A 1 52  ? 1.934   7.672   -2.929  1.00 58.92  ? 52  TYR A CD2 1 ? 
ATOM   379 C CE1 . TYR A 1 52  ? -0.642  8.569   -2.635  1.00 56.44  ? 52  TYR A CE1 1 ? 
ATOM   380 C CE2 . TYR A 1 52  ? 0.958   7.255   -3.819  1.00 57.45  ? 52  TYR A CE2 1 ? 
ATOM   381 C CZ  . TYR A 1 52  ? -0.342  7.696   -3.668  1.00 58.98  ? 52  TYR A CZ  1 ? 
ATOM   382 O OH  . TYR A 1 52  ? -1.275  7.278   -4.576  1.00 59.82  ? 52  TYR A OH  1 ? 
ATOM   383 N N   . ASP A 1 53  ? 3.865   11.246  1.250   1.00 65.74  ? 53  ASP A N   1 ? 
ATOM   384 C CA  . ASP A 1 53  ? 4.799   11.459  2.389   1.00 68.56  ? 53  ASP A CA  1 ? 
ATOM   385 C C   . ASP A 1 53  ? 4.855   10.183  3.233   1.00 61.61  ? 53  ASP A C   1 ? 
ATOM   386 O O   . ASP A 1 53  ? 4.078   9.269   2.946   1.00 62.25  ? 53  ASP A O   1 ? 
ATOM   387 C CB  . ASP A 1 53  ? 4.388   12.678  3.222   1.00 71.71  ? 53  ASP A CB  1 ? 
ATOM   388 C CG  . ASP A 1 53  ? 3.017   12.596  3.887   1.00 72.02  ? 53  ASP A CG  1 ? 
ATOM   389 O OD1 . ASP A 1 53  ? 2.783   11.658  4.678   1.00 75.71  ? 53  ASP A OD1 1 ? 
ATOM   390 O OD2 . ASP A 1 53  ? 2.204   13.491  3.633   1.00 71.77  ? 53  ASP A OD2 1 ? 
ATOM   391 N N   . LYS A 1 54  ? 5.719   10.147  4.252   1.00 64.09  ? 54  LYS A N   1 ? 
ATOM   392 C CA  . LYS A 1 54  ? 5.838   9.010   5.202   1.00 63.66  ? 54  LYS A CA  1 ? 
ATOM   393 C C   . LYS A 1 54  ? 5.534   9.492   6.623   1.00 57.66  ? 54  LYS A C   1 ? 
ATOM   394 O O   . LYS A 1 54  ? 6.154   8.995   7.564   1.00 59.76  ? 54  LYS A O   1 ? 
ATOM   395 C CB  . LYS A 1 54  ? 7.238   8.398   5.139   1.00 67.21  ? 54  LYS A CB  1 ? 
ATOM   396 C CG  . LYS A 1 54  ? 7.806   8.173   3.744   1.00 74.94  ? 54  LYS A CG  1 ? 
ATOM   397 C CD  . LYS A 1 54  ? 9.074   7.320   3.778   1.00 80.16  ? 54  LYS A CD  1 ? 
ATOM   398 C CE  . LYS A 1 54  ? 10.029  7.563   2.627   1.00 89.81  ? 54  LYS A CE  1 ? 
ATOM   399 N NZ  . LYS A 1 54  ? 9.421   7.204   1.325   1.00 97.36  ? 54  LYS A NZ  1 ? 
ATOM   400 N N   . GLU A 1 55  ? 4.562   10.380  6.785   1.00 59.62  ? 55  GLU A N   1 ? 
ATOM   401 C CA  . GLU A 1 55  ? 4.225   10.969  8.106   1.00 63.99  ? 55  GLU A CA  1 ? 
ATOM   402 C C   . GLU A 1 55  ? 2.998   10.281  8.730   1.00 60.07  ? 55  GLU A C   1 ? 
ATOM   403 O O   . GLU A 1 55  ? 2.631   10.669  9.846   1.00 60.01  ? 55  GLU A O   1 ? 
ATOM   404 C CB  . GLU A 1 55  ? 4.039   12.480  7.944   1.00 75.83  ? 55  GLU A CB  1 ? 
ATOM   405 C CG  . GLU A 1 55  ? 5.257   13.187  7.344   1.00 88.43  ? 55  GLU A CG  1 ? 
ATOM   406 C CD  . GLU A 1 55  ? 6.608   12.894  7.996   1.00 101.44 ? 55  GLU A CD  1 ? 
ATOM   407 O OE1 . GLU A 1 55  ? 6.679   12.805  9.250   1.00 99.95  ? 55  GLU A OE1 1 ? 
ATOM   408 O OE2 . GLU A 1 55  ? 7.600   12.746  7.244   1.00 120.31 ? 55  GLU A OE2 1 ? 
ATOM   409 N N   . GLY A 1 56  ? 2.401   9.276   8.076   1.00 56.68  ? 56  GLY A N   1 ? 
ATOM   410 C CA  . GLY A 1 56  ? 1.128   8.658   8.507   1.00 50.97  ? 56  GLY A CA  1 ? 
ATOM   411 C C   . GLY A 1 56  ? 1.341   7.367   9.281   1.00 54.57  ? 56  GLY A C   1 ? 
ATOM   412 O O   . GLY A 1 56  ? 2.457   7.140   9.773   1.00 56.02  ? 56  GLY A O   1 ? 
ATOM   413 N N   . LYS A 1 57  ? 0.305   6.533   9.365   1.00 54.44  ? 57  LYS A N   1 ? 
ATOM   414 C CA  . LYS A 1 57  ? 0.306   5.237   10.094  1.00 55.29  ? 57  LYS A CA  1 ? 
ATOM   415 C C   . LYS A 1 57  ? 1.510   4.354   9.723   1.00 55.44  ? 57  LYS A C   1 ? 
ATOM   416 O O   . LYS A 1 57  ? 1.903   4.293   8.550   1.00 54.31  ? 57  LYS A O   1 ? 
ATOM   417 C CB  . LYS A 1 57  ? -1.002  4.491   9.833   1.00 55.88  ? 57  LYS A CB  1 ? 
ATOM   418 C CG  . LYS A 1 57  ? -1.288  3.361   10.795  1.00 55.83  ? 57  LYS A CG  1 ? 
ATOM   419 C CD  . LYS A 1 57  ? -2.582  2.659   10.521  1.00 66.49  ? 57  LYS A CD  1 ? 
ATOM   420 C CE  . LYS A 1 57  ? -2.721  1.394   11.341  1.00 73.86  ? 57  LYS A CE  1 ? 
ATOM   421 N NZ  . LYS A 1 57  ? -3.126  1.722   12.726  1.00 83.92  ? 57  LYS A NZ  1 ? 
ATOM   422 N N   . GLU A 1 58  ? 2.060   3.681   10.731  1.00 61.47  ? 58  GLU A N   1 ? 
ATOM   423 C CA  . GLU A 1 58  ? 3.181   2.725   10.605  1.00 67.50  ? 58  GLU A CA  1 ? 
ATOM   424 C C   . GLU A 1 58  ? 2.607   1.311   10.511  1.00 60.87  ? 58  GLU A C   1 ? 
ATOM   425 O O   . GLU A 1 58  ? 1.687   0.976   11.266  1.00 57.58  ? 58  GLU A O   1 ? 
ATOM   426 C CB  . GLU A 1 58  ? 4.144   2.847   11.787  1.00 78.23  ? 58  GLU A CB  1 ? 
ATOM   427 C CG  . GLU A 1 58  ? 5.399   2.002   11.619  1.00 91.74  ? 58  GLU A CG  1 ? 
ATOM   428 C CD  . GLU A 1 58  ? 6.670   2.503   12.294  1.00 99.67  ? 58  GLU A CD  1 ? 
ATOM   429 O OE1 . GLU A 1 58  ? 7.144   1.815   13.238  1.00 101.42 ? 58  GLU A OE1 1 ? 
ATOM   430 O OE2 . GLU A 1 58  ? 7.216   3.548   11.843  1.00 96.73  ? 58  GLU A OE2 1 ? 
ATOM   431 N N   . PHE A 1 59  ? 3.144   0.520   9.591   1.00 57.35  ? 59  PHE A N   1 ? 
ATOM   432 C CA  . PHE A 1 59  ? 2.830   -0.913  9.426   1.00 59.94  ? 59  PHE A CA  1 ? 
ATOM   433 C C   . PHE A 1 59  ? 4.109   -1.717  9.636   1.00 66.01  ? 59  PHE A C   1 ? 
ATOM   434 O O   . PHE A 1 59  ? 5.213   -1.213  9.308   1.00 61.73  ? 59  PHE A O   1 ? 
ATOM   435 C CB  . PHE A 1 59  ? 2.293   -1.187  8.026   1.00 63.81  ? 59  PHE A CB  1 ? 
ATOM   436 C CG  . PHE A 1 59  ? 0.900   -0.684  7.756   1.00 59.92  ? 59  PHE A CG  1 ? 
ATOM   437 C CD1 . PHE A 1 59  ? -0.195  -1.472  8.050   1.00 57.29  ? 59  PHE A CD1 1 ? 
ATOM   438 C CD2 . PHE A 1 59  ? 0.686   0.557   7.174   1.00 63.65  ? 59  PHE A CD2 1 ? 
ATOM   439 C CE1 . PHE A 1 59  ? -1.481  -1.028  7.779   1.00 64.85  ? 59  PHE A CE1 1 ? 
ATOM   440 C CE2 . PHE A 1 59  ? -0.601  0.996   6.899   1.00 65.53  ? 59  PHE A CE2 1 ? 
ATOM   441 C CZ  . PHE A 1 59  ? -1.683  0.202   7.200   1.00 61.57  ? 59  PHE A CZ  1 ? 
ATOM   442 N N   . ASN A 1 60  ? 3.926   -2.940  10.136  1.00 66.80  ? 60  ASN A N   1 ? 
ATOM   443 C CA  . ASN A 1 60  ? 4.953   -4.006  10.268  1.00 66.31  ? 60  ASN A CA  1 ? 
ATOM   444 C C   . ASN A 1 60  ? 4.724   -5.008  9.124   1.00 62.06  ? 60  ASN A C   1 ? 
ATOM   445 O O   . ASN A 1 60  ? 3.574   -5.448  8.946   1.00 66.13  ? 60  ASN A O   1 ? 
ATOM   446 C CB  . ASN A 1 60  ? 4.859   -4.602  11.678  1.00 70.88  ? 60  ASN A CB  1 ? 
ATOM   447 C CG  . ASN A 1 60  ? 5.671   -5.861  11.867  1.00 80.45  ? 60  ASN A CG  1 ? 
ATOM   448 O OD1 . ASN A 1 60  ? 5.302   -6.916  11.349  1.00 86.69  ? 60  ASN A OD1 1 ? 
ATOM   449 N ND2 . ASN A 1 60  ? 6.756   -5.761  12.623  1.00 82.48  ? 60  ASN A ND2 1 ? 
ATOM   450 N N   . ARG A 1 61  ? 5.766   -5.368  8.377   1.00 62.19  ? 61  ARG A N   1 ? 
ATOM   451 C CA  . ARG A 1 61  ? 5.648   -6.254  7.191   1.00 69.00  ? 61  ARG A CA  1 ? 
ATOM   452 C C   . ARG A 1 61  ? 5.022   -7.588  7.599   1.00 63.61  ? 61  ARG A C   1 ? 
ATOM   453 O O   . ARG A 1 61  ? 4.280   -8.172  6.799   1.00 59.59  ? 61  ARG A O   1 ? 
ATOM   454 C CB  . ARG A 1 61  ? 7.005   -6.469  6.515   1.00 77.12  ? 61  ARG A CB  1 ? 
ATOM   455 C CG  . ARG A 1 61  ? 8.061   -7.119  7.393   1.00 89.35  ? 61  ARG A CG  1 ? 
ATOM   456 C CD  . ARG A 1 61  ? 9.286   -7.530  6.590   1.00 98.58  ? 61  ARG A CD  1 ? 
ATOM   457 N NE  . ARG A 1 61  ? 8.966   -8.508  5.559   1.00 106.88 ? 61  ARG A NE  1 ? 
ATOM   458 C CZ  . ARG A 1 61  ? 9.817   -8.968  4.642   1.00 111.72 ? 61  ARG A CZ  1 ? 
ATOM   459 N NH1 . ARG A 1 61  ? 11.069  -8.543  4.599   1.00 101.75 ? 61  ARG A NH1 1 ? 
ATOM   460 N NH2 . ARG A 1 61  ? 9.407   -9.858  3.755   1.00 117.67 ? 61  ARG A NH2 1 ? 
ATOM   461 N N   . TYR A 1 62  ? 5.302   -8.049  8.811   1.00 66.29  ? 62  TYR A N   1 ? 
ATOM   462 C CA  . TYR A 1 62  ? 4.852   -9.376  9.286   1.00 70.23  ? 62  TYR A CA  1 ? 
ATOM   463 C C   . TYR A 1 62  ? 3.338   -9.322  9.433   1.00 58.74  ? 62  TYR A C   1 ? 
ATOM   464 O O   . TYR A 1 62  ? 2.664   -10.204 8.897   1.00 63.84  ? 62  TYR A O   1 ? 
ATOM   465 C CB  . TYR A 1 62  ? 5.636   -9.795  10.532  1.00 87.21  ? 62  TYR A CB  1 ? 
ATOM   466 C CG  . TYR A 1 62  ? 7.117   -9.854  10.260  1.00 99.86  ? 62  TYR A CG  1 ? 
ATOM   467 C CD1 . TYR A 1 62  ? 7.997   -8.936  10.820  1.00 104.37 ? 62  TYR A CD1 1 ? 
ATOM   468 C CD2 . TYR A 1 62  ? 7.617   -10.776 9.347   1.00 111.14 ? 62  TYR A CD2 1 ? 
ATOM   469 C CE1 . TYR A 1 62  ? 9.350   -8.968  10.512  1.00 117.18 ? 62  TYR A CE1 1 ? 
ATOM   470 C CE2 . TYR A 1 62  ? 8.964   -10.819 9.029   1.00 116.65 ? 62  TYR A CE2 1 ? 
ATOM   471 C CZ  . TYR A 1 62  ? 9.831   -9.913  9.612   1.00 116.65 ? 62  TYR A CZ  1 ? 
ATOM   472 O OH  . TYR A 1 62  ? 11.147  -9.993  9.266   1.00 117.53 ? 62  TYR A OH  1 ? 
ATOM   473 N N   . THR A 1 63  ? 2.809   -8.273  10.050  1.00 60.20  ? 63  THR A N   1 ? 
ATOM   474 C CA  . THR A 1 63  ? 1.344   -8.122  10.246  1.00 63.48  ? 63  THR A CA  1 ? 
ATOM   475 C C   . THR A 1 63  ? 0.668   -7.797  8.907   1.00 60.27  ? 63  THR A C   1 ? 
ATOM   476 O O   . THR A 1 63  ? -0.436  -8.303  8.648   1.00 65.31  ? 63  THR A O   1 ? 
ATOM   477 C CB  . THR A 1 63  ? 1.022   -7.039  11.275  1.00 73.06  ? 63  THR A CB  1 ? 
ATOM   478 O OG1 . THR A 1 63  ? 1.936   -7.139  12.363  1.00 87.36  ? 63  THR A OG1 1 ? 
ATOM   479 C CG2 . THR A 1 63  ? -0.393  -7.166  11.795  1.00 88.38  ? 63  THR A CG2 1 ? 
ATOM   480 N N   . LEU A 1 64  ? 1.313   -6.966  8.094   1.00 61.70  ? 64  LEU A N   1 ? 
ATOM   481 C CA  . LEU A 1 64  ? 0.740   -6.402  6.848   1.00 59.47  ? 64  LEU A CA  1 ? 
ATOM   482 C C   . LEU A 1 64  ? 0.575   -7.518  5.819   1.00 56.91  ? 64  LEU A C   1 ? 
ATOM   483 O O   . LEU A 1 64  ? -0.556  -7.733  5.384   1.00 71.20  ? 64  LEU A O   1 ? 
ATOM   484 C CB  . LEU A 1 64  ? 1.689   -5.324  6.319   1.00 64.12  ? 64  LEU A CB  1 ? 
ATOM   485 C CG  . LEU A 1 64  ? 1.092   -4.145  5.548   1.00 62.44  ? 64  LEU A CG  1 ? 
ATOM   486 C CD1 . LEU A 1 64  ? 2.119   -3.618  4.556   1.00 56.16  ? 64  LEU A CD1 1 ? 
ATOM   487 C CD2 . LEU A 1 64  ? -0.221  -4.471  4.848   1.00 60.42  ? 64  LEU A CD2 1 ? 
ATOM   488 N N   . LEU A 1 65  ? 1.658   -8.190  5.438   1.00 54.43  ? 65  LEU A N   1 ? 
ATOM   489 C CA  . LEU A 1 65  ? 1.649   -9.176  4.326   1.00 58.83  ? 65  LEU A CA  1 ? 
ATOM   490 C C   . LEU A 1 65  ? 1.362   -10.572 4.865   1.00 66.73  ? 65  LEU A C   1 ? 
ATOM   491 O O   . LEU A 1 65  ? 0.781   -11.370 4.121   1.00 73.76  ? 65  LEU A O   1 ? 
ATOM   492 C CB  . LEU A 1 65  ? 3.005   -9.142  3.633   1.00 58.58  ? 65  LEU A CB  1 ? 
ATOM   493 C CG  . LEU A 1 65  ? 3.409   -7.746  3.180   1.00 56.43  ? 65  LEU A CG  1 ? 
ATOM   494 C CD1 . LEU A 1 65  ? 4.874   -7.701  2.754   1.00 57.09  ? 65  LEU A CD1 1 ? 
ATOM   495 C CD2 . LEU A 1 65  ? 2.477   -7.301  2.077   1.00 53.92  ? 65  LEU A CD2 1 ? 
ATOM   496 N N   . GLY A 1 66  ? 1.761   -10.850 6.109   1.00 72.34  ? 66  GLY A N   1 ? 
ATOM   497 C CA  . GLY A 1 66  ? 1.602   -12.180 6.722   1.00 76.56  ? 66  GLY A CA  1 ? 
ATOM   498 C C   . GLY A 1 66  ? 2.583   -13.182 6.139   1.00 81.95  ? 66  GLY A C   1 ? 
ATOM   499 O O   . GLY A 1 66  ? 3.768   -12.830 5.929   1.00 78.98  ? 66  GLY A O   1 ? 
ATOM   500 N N   . GLU A 1 67  ? 2.114   -14.400 5.880   1.00 88.29  ? 67  GLU A N   1 ? 
ATOM   501 C CA  . GLU A 1 67  ? 2.994   -15.543 5.527   1.00 90.42  ? 67  GLU A CA  1 ? 
ATOM   502 C C   . GLU A 1 67  ? 3.341   -15.435 4.043   1.00 79.12  ? 67  GLU A C   1 ? 
ATOM   503 O O   . GLU A 1 67  ? 4.352   -15.996 3.644   1.00 80.81  ? 67  GLU A O   1 ? 
ATOM   504 C CB  . GLU A 1 67  ? 2.336   -16.839 6.003   1.00 96.61  ? 67  GLU A CB  1 ? 
ATOM   505 C CG  . GLU A 1 67  ? 2.335   -16.908 7.528   1.00 107.77 ? 67  GLU A CG  1 ? 
ATOM   506 C CD  . GLU A 1 67  ? 1.651   -18.078 8.220   1.00 121.18 ? 67  GLU A CD  1 ? 
ATOM   507 O OE1 . GLU A 1 67  ? 0.629   -17.840 8.916   1.00 122.13 ? 67  GLU A OE1 1 ? 
ATOM   508 O OE2 . GLU A 1 67  ? 2.173   -19.208 8.123   1.00 121.59 ? 67  GLU A OE2 1 ? 
ATOM   509 N N   . HIS A 1 68  ? 2.598   -14.629 3.291   1.00 76.83  ? 68  HIS A N   1 ? 
ATOM   510 C CA  . HIS A 1 68  ? 2.897   -14.300 1.872   1.00 79.52  ? 68  HIS A CA  1 ? 
ATOM   511 C C   . HIS A 1 68  ? 3.946   -13.180 1.731   1.00 68.11  ? 68  HIS A C   1 ? 
ATOM   512 O O   . HIS A 1 68  ? 4.056   -12.651 0.628   1.00 66.65  ? 68  HIS A O   1 ? 
ATOM   513 C CB  . HIS A 1 68  ? 1.595   -13.928 1.152   1.00 89.25  ? 68  HIS A CB  1 ? 
ATOM   514 C CG  . HIS A 1 68  ? 0.678   -15.088 0.980   1.00 102.04 ? 68  HIS A CG  1 ? 
ATOM   515 N ND1 . HIS A 1 68  ? 0.378   -15.606 -0.267  1.00 104.02 ? 68  HIS A ND1 1 ? 
ATOM   516 C CD2 . HIS A 1 68  ? 0.026   -15.846 1.887   1.00 103.62 ? 68  HIS A CD2 1 ? 
ATOM   517 C CE1 . HIS A 1 68  ? -0.432  -16.631 -0.118  1.00 109.66 ? 68  HIS A CE1 1 ? 
ATOM   518 N NE2 . HIS A 1 68  ? -0.671  -16.795 1.194   1.00 104.18 ? 68  HIS A NE2 1 ? 
ATOM   519 N N   . ASP A 1 69  ? 4.725   -12.830 2.757   1.00 69.88  ? 69  ASP A N   1 ? 
ATOM   520 C CA  . ASP A 1 69  ? 5.600   -11.626 2.683   1.00 76.12  ? 69  ASP A CA  1 ? 
ATOM   521 C C   . ASP A 1 69  ? 6.626   -11.804 1.542   1.00 76.14  ? 69  ASP A C   1 ? 
ATOM   522 O O   . ASP A 1 69  ? 6.540   -11.030 0.578   1.00 84.50  ? 69  ASP A O   1 ? 
ATOM   523 C CB  . ASP A 1 69  ? 6.102   -11.194 4.068   1.00 86.82  ? 69  ASP A CB  1 ? 
ATOM   524 C CG  . ASP A 1 69  ? 7.144   -12.062 4.753   1.00 103.14 ? 69  ASP A CG  1 ? 
ATOM   525 O OD1 . ASP A 1 69  ? 6.912   -12.453 5.923   1.00 113.63 ? 69  ASP A OD1 1 ? 
ATOM   526 O OD2 . ASP A 1 69  ? 8.207   -12.277 4.148   1.00 132.27 ? 69  ASP A OD2 1 ? 
ATOM   527 N N   . ALA A 1 70  ? 7.497   -12.815 1.571   1.00 73.34  ? 70  ALA A N   1 ? 
ATOM   528 C CA  . ALA A 1 70  ? 8.524   -13.067 0.528   1.00 68.28  ? 70  ALA A CA  1 ? 
ATOM   529 C C   . ALA A 1 70  ? 7.898   -13.015 -0.872  1.00 69.14  ? 70  ALA A C   1 ? 
ATOM   530 O O   . ALA A 1 70  ? 8.553   -12.507 -1.792  1.00 77.02  ? 70  ALA A O   1 ? 
ATOM   531 C CB  . ALA A 1 70  ? 9.192   -14.399 0.765   1.00 69.67  ? 70  ALA A CB  1 ? 
ATOM   532 N N   . MET A 1 71  ? 6.691   -13.561 -1.036  1.00 66.41  ? 71  MET A N   1 ? 
ATOM   533 C CA  . MET A 1 71  ? 5.981   -13.667 -2.341  1.00 68.97  ? 71  MET A CA  1 ? 
ATOM   534 C C   . MET A 1 71  ? 5.622   -12.253 -2.829  1.00 71.19  ? 71  MET A C   1 ? 
ATOM   535 O O   . MET A 1 71  ? 5.850   -11.955 -4.009  1.00 71.11  ? 71  MET A O   1 ? 
ATOM   536 C CB  . MET A 1 71  ? 4.726   -14.537 -2.179  1.00 77.50  ? 71  MET A CB  1 ? 
ATOM   537 C CG  . MET A 1 71  ? 3.833   -14.678 -3.413  1.00 93.13  ? 71  MET A CG  1 ? 
ATOM   538 S SD  . MET A 1 71  ? 2.124   -15.241 -2.998  1.00 125.41 ? 71  MET A SD  1 ? 
ATOM   539 C CE  . MET A 1 71  ? 1.270   -13.669 -2.857  1.00 122.88 ? 71  MET A CE  1 ? 
ATOM   540 N N   . TYR A 1 72  ? 5.078   -11.412 -1.944  1.00 67.57  ? 72  TYR A N   1 ? 
ATOM   541 C CA  . TYR A 1 72  ? 4.700   -10.002 -2.223  1.00 64.75  ? 72  TYR A CA  1 ? 
ATOM   542 C C   . TYR A 1 72  ? 5.974   -9.204  -2.527  1.00 60.70  ? 72  TYR A C   1 ? 
ATOM   543 O O   . TYR A 1 72  ? 6.027   -8.512  -3.554  1.00 60.47  ? 72  TYR A O   1 ? 
ATOM   544 C CB  . TYR A 1 72  ? 3.911   -9.409  -1.051  1.00 65.48  ? 72  TYR A CB  1 ? 
ATOM   545 C CG  . TYR A 1 72  ? 2.419   -9.652  -1.056  1.00 64.95  ? 72  TYR A CG  1 ? 
ATOM   546 C CD1 . TYR A 1 72  ? 1.582   -8.932  -1.889  1.00 65.13  ? 72  TYR A CD1 1 ? 
ATOM   547 C CD2 . TYR A 1 72  ? 1.829   -10.534 -0.164  1.00 72.40  ? 72  TYR A CD2 1 ? 
ATOM   548 C CE1 . TYR A 1 72  ? 0.206   -9.108  -1.863  1.00 72.97  ? 72  TYR A CE1 1 ? 
ATOM   549 C CE2 . TYR A 1 72  ? 0.458   -10.737 -0.130  1.00 72.10  ? 72  TYR A CE2 1 ? 
ATOM   550 C CZ  . TYR A 1 72  ? -0.361  -10.020 -0.986  1.00 78.04  ? 72  TYR A CZ  1 ? 
ATOM   551 O OH  . TYR A 1 72  ? -1.714  -10.204 -0.958  1.00 73.89  ? 72  TYR A OH  1 ? 
ATOM   552 N N   . ILE A 1 73  ? 6.999   -9.343  -1.689  1.00 58.10  ? 73  ILE A N   1 ? 
ATOM   553 C CA  . ILE A 1 73  ? 8.329   -8.700  -1.897  1.00 60.00  ? 73  ILE A CA  1 ? 
ATOM   554 C C   . ILE A 1 73  ? 8.886   -9.044  -3.269  1.00 63.71  ? 73  ILE A C   1 ? 
ATOM   555 O O   . ILE A 1 73  ? 9.370   -8.141  -3.951  1.00 73.97  ? 73  ILE A O   1 ? 
ATOM   556 C CB  . ILE A 1 73  ? 9.328   -9.167  -0.842  1.00 64.52  ? 73  ILE A CB  1 ? 
ATOM   557 C CG1 . ILE A 1 73  ? 8.990   -8.589  0.535   1.00 69.81  ? 73  ILE A CG1 1 ? 
ATOM   558 C CG2 . ILE A 1 73  ? 10.748  -8.870  -1.294  1.00 60.15  ? 73  ILE A CG2 1 ? 
ATOM   559 C CD1 . ILE A 1 73  ? 8.861   -7.097  0.584   1.00 81.45  ? 73  ILE A CD1 1 ? 
ATOM   560 N N   . ALA A 1 74  ? 8.916   -10.326 -3.605  1.00 64.96  ? 74  ALA A N   1 ? 
ATOM   561 C CA  . ALA A 1 74  ? 9.504   -10.810 -4.867  1.00 65.92  ? 74  ALA A CA  1 ? 
ATOM   562 C C   . ALA A 1 74  ? 8.703   -10.227 -6.039  1.00 65.00  ? 74  ALA A C   1 ? 
ATOM   563 O O   . ALA A 1 74  ? 9.315   -9.698  -7.001  1.00 69.72  ? 74  ALA A O   1 ? 
ATOM   564 C CB  . ALA A 1 74  ? 9.529   -12.321 -4.872  1.00 68.99  ? 74  ALA A CB  1 ? 
ATOM   565 N N   . LEU A 1 75  ? 7.376   -10.298 -5.951  1.00 65.20  ? 75  LEU A N   1 ? 
ATOM   566 C CA  . LEU A 1 75  ? 6.436   -9.775  -6.979  1.00 66.18  ? 75  LEU A CA  1 ? 
ATOM   567 C C   . LEU A 1 75  ? 6.704   -8.277  -7.204  1.00 66.68  ? 75  LEU A C   1 ? 
ATOM   568 O O   . LEU A 1 75  ? 6.657   -7.799  -8.350  1.00 59.59  ? 75  LEU A O   1 ? 
ATOM   569 C CB  . LEU A 1 75  ? 5.021   -10.033 -6.468  1.00 68.94  ? 75  LEU A CB  1 ? 
ATOM   570 C CG  . LEU A 1 75  ? 3.882   -9.497  -7.329  1.00 87.86  ? 75  LEU A CG  1 ? 
ATOM   571 C CD1 . LEU A 1 75  ? 4.101   -9.821  -8.803  1.00 98.68  ? 75  LEU A CD1 1 ? 
ATOM   572 C CD2 . LEU A 1 75  ? 2.552   -10.066 -6.846  1.00 98.29  ? 75  LEU A CD2 1 ? 
ATOM   573 N N   . VAL A 1 76  ? 7.020   -7.558  -6.138  1.00 64.21  ? 76  VAL A N   1 ? 
ATOM   574 C CA  . VAL A 1 76  ? 7.266   -6.095  -6.208  1.00 64.66  ? 76  VAL A CA  1 ? 
ATOM   575 C C   . VAL A 1 76  ? 8.619   -5.887  -6.890  1.00 66.50  ? 76  VAL A C   1 ? 
ATOM   576 O O   . VAL A 1 76  ? 8.686   -5.038  -7.791  1.00 63.59  ? 76  VAL A O   1 ? 
ATOM   577 C CB  . VAL A 1 76  ? 7.167   -5.468  -4.807  1.00 64.87  ? 76  VAL A CB  1 ? 
ATOM   578 C CG1 . VAL A 1 76  ? 7.824   -4.111  -4.730  1.00 66.20  ? 76  VAL A CG1 1 ? 
ATOM   579 C CG2 . VAL A 1 76  ? 5.721   -5.360  -4.345  1.00 61.28  ? 76  VAL A CG2 1 ? 
ATOM   580 N N   . LYS A 1 77  ? 9.635   -6.675  -6.533  1.00 73.24  ? 77  LYS A N   1 ? 
ATOM   581 C CA  . LYS A 1 77  ? 11.004  -6.557  -7.111  1.00 73.63  ? 77  LYS A CA  1 ? 
ATOM   582 C C   . LYS A 1 77  ? 10.962  -6.864  -8.613  1.00 71.12  ? 77  LYS A C   1 ? 
ATOM   583 O O   . LYS A 1 77  ? 11.673  -6.197  -9.369  1.00 78.36  ? 77  LYS A O   1 ? 
ATOM   584 C CB  . LYS A 1 77  ? 11.992  -7.469  -6.380  1.00 77.04  ? 77  LYS A CB  1 ? 
ATOM   585 C CG  . LYS A 1 77  ? 12.376  -6.993  -4.984  1.00 81.38  ? 77  LYS A CG  1 ? 
ATOM   586 C CD  . LYS A 1 77  ? 13.556  -7.724  -4.370  1.00 82.64  ? 77  LYS A CD  1 ? 
ATOM   587 C CE  . LYS A 1 77  ? 14.073  -7.030  -3.128  1.00 88.55  ? 77  LYS A CE  1 ? 
ATOM   588 N NZ  . LYS A 1 77  ? 14.623  -7.987  -2.141  1.00 93.58  ? 77  LYS A NZ  1 ? 
ATOM   589 N N   . LYS A 1 78  ? 10.163  -7.835  -9.036  1.00 70.28  ? 78  LYS A N   1 ? 
ATOM   590 C CA  . LYS A 1 78  ? 10.071  -8.218  -10.468 1.00 78.65  ? 78  LYS A CA  1 ? 
ATOM   591 C C   . LYS A 1 78  ? 9.488   -7.016  -11.217 1.00 73.15  ? 78  LYS A C   1 ? 
ATOM   592 O O   . LYS A 1 78  ? 10.078  -6.556  -12.225 1.00 67.03  ? 78  LYS A O   1 ? 
ATOM   593 C CB  . LYS A 1 78  ? 9.254   -9.510  -10.632 1.00 80.64  ? 78  LYS A CB  1 ? 
ATOM   594 C CG  . LYS A 1 78  ? 8.869   -9.903  -12.059 1.00 89.61  ? 78  LYS A CG  1 ? 
ATOM   595 C CD  . LYS A 1 78  ? 8.664   -11.413 -12.291 1.00 101.61 ? 78  LYS A CD  1 ? 
ATOM   596 C CE  . LYS A 1 78  ? 9.749   -12.068 -13.132 1.00 104.54 ? 78  LYS A CE  1 ? 
ATOM   597 N NZ  . LYS A 1 78  ? 9.665   -13.549 -13.105 1.00 101.14 ? 78  LYS A NZ  1 ? 
ATOM   598 N N   . ARG A 1 79  ? 8.379   -6.497  -10.704 1.00 75.60  ? 79  ARG A N   1 ? 
ATOM   599 C CA  . ARG A 1 79  ? 7.580   -5.442  -11.370 1.00 71.68  ? 79  ARG A CA  1 ? 
ATOM   600 C C   . ARG A 1 79  ? 8.403   -4.150  -11.474 1.00 67.12  ? 79  ARG A C   1 ? 
ATOM   601 O O   . ARG A 1 79  ? 8.285   -3.453  -12.489 1.00 75.56  ? 79  ARG A O   1 ? 
ATOM   602 C CB  . ARG A 1 79  ? 6.286   -5.229  -10.593 1.00 65.76  ? 79  ARG A CB  1 ? 
ATOM   603 C CG  . ARG A 1 79  ? 5.413   -4.210  -11.277 1.00 63.81  ? 79  ARG A CG  1 ? 
ATOM   604 C CD  . ARG A 1 79  ? 4.061   -4.013  -10.667 1.00 61.89  ? 79  ARG A CD  1 ? 
ATOM   605 N NE  . ARG A 1 79  ? 3.669   -2.799  -11.354 1.00 59.23  ? 79  ARG A NE  1 ? 
ATOM   606 C CZ  . ARG A 1 79  ? 2.438   -2.454  -11.622 1.00 58.80  ? 79  ARG A CZ  1 ? 
ATOM   607 N NH1 . ARG A 1 79  ? 1.452   -3.226  -11.210 1.00 61.89  ? 79  ARG A NH1 1 ? 
ATOM   608 N NH2 . ARG A 1 79  ? 2.199   -1.331  -12.277 1.00 64.59  ? 79  ARG A NH2 1 ? 
ATOM   609 N N   . MET A 1 80  ? 9.288   -3.949  -10.502 1.00 63.80  ? 80  MET A N   1 ? 
ATOM   610 C CA  . MET A 1 80  ? 10.233  -2.811  -10.472 1.00 69.82  ? 80  MET A CA  1 ? 
ATOM   611 C C   . MET A 1 80  ? 11.209  -2.977  -11.641 1.00 78.44  ? 80  MET A C   1 ? 
ATOM   612 O O   . MET A 1 80  ? 11.219  -2.130  -12.527 1.00 85.10  ? 80  MET A O   1 ? 
ATOM   613 C CB  . MET A 1 80  ? 11.061  -2.836  -9.183  1.00 30.00  ? 80  MET A CB  1 ? 
ATOM   614 C CG  . MET A 1 80  ? 10.411  -2.195  -7.987  1.00 30.00  ? 80  MET A CG  1 ? 
ATOM   615 S SD  . MET A 1 80  ? 11.560  -1.972  -6.642  1.00 30.00  ? 80  MET A SD  1 ? 
ATOM   616 C CE  . MET A 1 80  ? 10.746  -2.871  -5.342  1.00 30.00  ? 80  MET A CE  1 ? 
ATOM   617 N N   . LEU A 1 81  ? 11.958  -4.079  -11.646 1.00 84.24  ? 81  LEU A N   1 ? 
ATOM   618 C CA  . LEU A 1 81  ? 13.020  -4.349  -12.646 1.00 84.21  ? 81  LEU A CA  1 ? 
ATOM   619 C C   . LEU A 1 81  ? 12.419  -4.205  -14.043 1.00 71.81  ? 81  LEU A C   1 ? 
ATOM   620 O O   . LEU A 1 81  ? 13.030  -3.539  -14.885 1.00 89.26  ? 81  LEU A O   1 ? 
ATOM   621 C CB  . LEU A 1 81  ? 13.616  -5.740  -12.410 1.00 92.43  ? 81  LEU A CB  1 ? 
ATOM   622 C CG  . LEU A 1 81  ? 14.563  -5.847  -11.210 1.00 102.08 ? 81  LEU A CG  1 ? 
ATOM   623 C CD1 . LEU A 1 81  ? 15.077  -7.274  -11.047 1.00 104.93 ? 81  LEU A CD1 1 ? 
ATOM   624 C CD2 . LEU A 1 81  ? 15.729  -4.868  -11.330 1.00 98.58  ? 81  LEU A CD2 1 ? 
ATOM   625 N N   . ASN A 1 82  ? 11.234  -4.755  -14.251 1.00 72.24  ? 82  ASN A N   1 ? 
ATOM   626 C CA  . ASN A 1 82  ? 10.471  -4.625  -15.515 1.00 80.20  ? 82  ASN A CA  1 ? 
ATOM   627 C C   . ASN A 1 82  ? 10.291  -3.142  -15.889 1.00 85.38  ? 82  ASN A C   1 ? 
ATOM   628 O O   . ASN A 1 82  ? 10.441  -2.830  -17.078 1.00 103.95 ? 82  ASN A O   1 ? 
ATOM   629 C CB  . ASN A 1 82  ? 9.130   -5.355  -15.405 1.00 85.20  ? 82  ASN A CB  1 ? 
ATOM   630 C CG  . ASN A 1 82  ? 8.241   -5.130  -16.606 1.00 94.45  ? 82  ASN A CG  1 ? 
ATOM   631 O OD1 . ASN A 1 82  ? 7.947   -6.068  -17.340 1.00 111.06 ? 82  ASN A OD1 1 ? 
ATOM   632 N ND2 . ASN A 1 82  ? 7.831   -3.890  -16.827 1.00 105.73 ? 82  ASN A ND2 1 ? 
ATOM   633 N N   . GLU A 1 83  ? 9.961   -2.261  -14.935 1.00 84.94  ? 83  GLU A N   1 ? 
ATOM   634 C CA  . GLU A 1 83  ? 9.463   -0.885  -15.225 1.00 79.10  ? 83  GLU A CA  1 ? 
ATOM   635 C C   . GLU A 1 83  ? 10.634  0.096   -15.336 1.00 72.51  ? 83  GLU A C   1 ? 
ATOM   636 O O   . GLU A 1 83  ? 10.483  1.089   -16.057 1.00 75.11  ? 83  GLU A O   1 ? 
ATOM   637 C CB  . GLU A 1 83  ? 8.474   -0.424  -14.159 1.00 74.79  ? 83  GLU A CB  1 ? 
ATOM   638 C CG  . GLU A 1 83  ? 7.039   -0.809  -14.463 1.00 74.15  ? 83  GLU A CG  1 ? 
ATOM   639 C CD  . GLU A 1 83  ? 6.125   -0.779  -13.247 1.00 82.39  ? 83  GLU A CD  1 ? 
ATOM   640 O OE1 . GLU A 1 83  ? 6.594   -0.347  -12.155 1.00 71.51  ? 83  GLU A OE1 1 ? 
ATOM   641 O OE2 . GLU A 1 83  ? 4.946   -1.192  -13.387 1.00 79.88  ? 83  GLU A OE2 1 ? 
ATOM   642 N N   . GLY A 1 84  ? 11.739  -0.171  -14.643 1.00 69.00  ? 84  GLY A N   1 ? 
ATOM   643 C CA  . GLY A 1 84  ? 13.014  0.548   -14.813 1.00 65.23  ? 84  GLY A CA  1 ? 
ATOM   644 C C   . GLY A 1 84  ? 13.591  1.047   -13.506 1.00 70.08  ? 84  GLY A C   1 ? 
ATOM   645 O O   . GLY A 1 84  ? 14.555  1.835   -13.569 1.00 78.92  ? 84  GLY A O   1 ? 
ATOM   646 N N   . TYR A 1 85  ? 13.053  0.610   -12.359 1.00 75.37  ? 85  TYR A N   1 ? 
ATOM   647 C CA  . TYR A 1 85  ? 13.496  1.040   -11.005 1.00 65.96  ? 85  TYR A CA  1 ? 
ATOM   648 C C   . TYR A 1 85  ? 14.539  0.042   -10.476 1.00 68.67  ? 85  TYR A C   1 ? 
ATOM   649 O O   . TYR A 1 85  ? 14.608  -1.086  -11.018 1.00 81.61  ? 85  TYR A O   1 ? 
ATOM   650 C CB  . TYR A 1 85  ? 12.284  1.189   -10.079 1.00 69.14  ? 85  TYR A CB  1 ? 
ATOM   651 C CG  . TYR A 1 85  ? 11.270  2.244   -10.455 1.00 65.28  ? 85  TYR A CG  1 ? 
ATOM   652 C CD1 . TYR A 1 85  ? 11.483  3.577   -10.153 1.00 62.62  ? 85  TYR A CD1 1 ? 
ATOM   653 C CD2 . TYR A 1 85  ? 10.071  1.908   -11.065 1.00 63.34  ? 85  TYR A CD2 1 ? 
ATOM   654 C CE1 . TYR A 1 85  ? 10.557  4.553   -10.483 1.00 58.40  ? 85  TYR A CE1 1 ? 
ATOM   655 C CE2 . TYR A 1 85  ? 9.129   2.872   -11.389 1.00 61.72  ? 85  TYR A CE2 1 ? 
ATOM   656 C CZ  . TYR A 1 85  ? 9.377   4.204   -11.103 1.00 57.46  ? 85  TYR A CZ  1 ? 
ATOM   657 O OH  . TYR A 1 85  ? 8.454   5.167   -11.392 1.00 65.74  ? 85  TYR A OH  1 ? 
ATOM   658 N N   . ASN A 1 86  ? 15.309  0.437   -9.452  1.00 71.37  ? 86  ASN A N   1 ? 
ATOM   659 C CA  . ASN A 1 86  ? 16.376  -0.387  -8.825  1.00 78.50  ? 86  ASN A CA  1 ? 
ATOM   660 C C   . ASN A 1 86  ? 15.970  -0.757  -7.400  1.00 81.72  ? 86  ASN A C   1 ? 
ATOM   661 O O   . ASN A 1 86  ? 15.936  0.079   -6.492  1.00 80.10  ? 86  ASN A O   1 ? 
ATOM   662 C CB  . ASN A 1 86  ? 17.757  0.276   -8.843  1.00 81.27  ? 86  ASN A CB  1 ? 
ATOM   663 C CG  . ASN A 1 86  ? 18.778  -0.498  -8.032  1.00 86.62  ? 86  ASN A CG  1 ? 
ATOM   664 O OD1 . ASN A 1 86  ? 19.567  0.082   -7.291  1.00 92.83  ? 86  ASN A OD1 1 ? 
ATOM   665 N ND2 . ASN A 1 86  ? 18.745  -1.817  -8.120  1.00 79.46  ? 86  ASN A ND2 1 ? 
ATOM   666 N N   . PRO A 1 87  ? 15.685  -2.055  -7.171  1.00 81.29  ? 87  PRO A N   1 ? 
ATOM   667 C CA  . PRO A 1 87  ? 15.307  -2.563  -5.852  1.00 84.79  ? 87  PRO A CA  1 ? 
ATOM   668 C C   . PRO A 1 87  ? 16.300  -2.263  -4.726  1.00 88.79  ? 87  PRO A C   1 ? 
ATOM   669 O O   . PRO A 1 87  ? 15.888  -2.181  -3.594  1.00 94.91  ? 87  PRO A O   1 ? 
ATOM   670 C CB  . PRO A 1 87  ? 15.267  -4.080  -6.062  1.00 79.45  ? 87  PRO A CB  1 ? 
ATOM   671 C CG  . PRO A 1 87  ? 14.899  -4.224  -7.517  1.00 87.37  ? 87  PRO A CG  1 ? 
ATOM   672 C CD  . PRO A 1 87  ? 15.649  -3.102  -8.202  1.00 87.95  ? 87  PRO A CD  1 ? 
ATOM   673 N N   . GLU A 1 88  ? 17.579  -2.138  -5.059  1.00 96.40  ? 88  GLU A N   1 ? 
ATOM   674 C CA  . GLU A 1 88  ? 18.627  -1.900  -4.046  1.00 93.70  ? 88  GLU A CA  1 ? 
ATOM   675 C C   . GLU A 1 88  ? 18.476  -0.472  -3.512  1.00 94.95  ? 88  GLU A C   1 ? 
ATOM   676 O O   . GLU A 1 88  ? 18.830  -0.271  -2.347  1.00 103.29 ? 88  GLU A O   1 ? 
ATOM   677 C CB  . GLU A 1 88  ? 20.011  -2.198  -4.623  1.00 107.16 ? 88  GLU A CB  1 ? 
ATOM   678 C CG  . GLU A 1 88  ? 20.950  -2.791  -3.586  1.00 118.98 ? 88  GLU A CG  1 ? 
ATOM   679 C CD  . GLU A 1 88  ? 22.395  -2.992  -4.021  1.00 128.20 ? 88  GLU A CD  1 ? 
ATOM   680 O OE1 . GLU A 1 88  ? 23.040  -3.928  -3.500  1.00 136.43 ? 88  GLU A OE1 1 ? 
ATOM   681 O OE2 . GLU A 1 88  ? 22.883  -2.205  -4.861  1.00 124.63 ? 88  GLU A OE2 1 ? 
ATOM   682 N N   . THR A 1 89  ? 17.944  0.475   -4.297  1.00 94.38  ? 89  THR A N   1 ? 
ATOM   683 C CA  . THR A 1 89  ? 17.826  1.904   -3.881  1.00 96.54  ? 89  THR A CA  1 ? 
ATOM   684 C C   . THR A 1 89  ? 16.375  2.277   -3.534  1.00 90.61  ? 89  THR A C   1 ? 
ATOM   685 O O   . THR A 1 89  ? 16.225  3.088   -2.624  1.00 86.83  ? 89  THR A O   1 ? 
ATOM   686 C CB  . THR A 1 89  ? 18.403  2.887   -4.917  1.00 95.84  ? 89  THR A CB  1 ? 
ATOM   687 O OG1 . THR A 1 89  ? 18.137  2.426   -6.240  1.00 93.96  ? 89  THR A OG1 1 ? 
ATOM   688 C CG2 . THR A 1 89  ? 19.896  3.088   -4.774  1.00 102.16 ? 89  THR A CG2 1 ? 
ATOM   689 N N   . GLU A 1 90  ? 15.358  1.727   -4.205  1.00 82.36  ? 90  GLU A N   1 ? 
ATOM   690 C CA  . GLU A 1 90  ? 13.999  2.336   -4.237  1.00 82.58  ? 90  GLU A CA  1 ? 
ATOM   691 C C   . GLU A 1 90  ? 12.890  1.397   -3.721  1.00 74.63  ? 90  GLU A C   1 ? 
ATOM   692 O O   . GLU A 1 90  ? 11.705  1.769   -3.828  1.00 70.28  ? 90  GLU A O   1 ? 
ATOM   693 C CB  . GLU A 1 90  ? 13.693  2.748   -5.674  1.00 87.75  ? 90  GLU A CB  1 ? 
ATOM   694 C CG  . GLU A 1 90  ? 14.760  3.629   -6.287  1.00 97.36  ? 90  GLU A CG  1 ? 
ATOM   695 C CD  . GLU A 1 90  ? 14.419  4.099   -7.694  1.00 104.65 ? 90  GLU A CD  1 ? 
ATOM   696 O OE1 . GLU A 1 90  ? 13.762  5.152   -7.824  1.00 106.39 ? 90  GLU A OE1 1 ? 
ATOM   697 O OE2 . GLU A 1 90  ? 14.792  3.396   -8.658  1.00 102.10 ? 90  GLU A OE2 1 ? 
ATOM   698 N N   . LEU A 1 91  ? 13.223  0.231   -3.177  1.00 71.22  ? 91  LEU A N   1 ? 
ATOM   699 C CA  . LEU A 1 91  ? 12.208  -0.788  -2.799  1.00 74.30  ? 91  LEU A CA  1 ? 
ATOM   700 C C   . LEU A 1 91  ? 11.189  -0.188  -1.821  1.00 69.93  ? 91  LEU A C   1 ? 
ATOM   701 O O   . LEU A 1 91  ? 9.994   -0.454  -1.996  1.00 63.42  ? 91  LEU A O   1 ? 
ATOM   702 C CB  . LEU A 1 91  ? 12.893  -1.999  -2.165  1.00 77.22  ? 91  LEU A CB  1 ? 
ATOM   703 C CG  . LEU A 1 91  ? 11.965  -2.949  -1.408  1.00 80.98  ? 91  LEU A CG  1 ? 
ATOM   704 C CD1 . LEU A 1 91  ? 11.025  -3.656  -2.363  1.00 79.68  ? 91  LEU A CD1 1 ? 
ATOM   705 C CD2 . LEU A 1 91  ? 12.758  -3.964  -0.597  1.00 87.37  ? 91  LEU A CD2 1 ? 
ATOM   706 N N   . GLU A 1 92  ? 11.646  0.541   -0.799  1.00 58.54  ? 92  GLU A N   1 ? 
ATOM   707 C CA  . GLU A 1 92  ? 10.757  1.132   0.222   1.00 62.63  ? 92  GLU A CA  1 ? 
ATOM   708 C C   . GLU A 1 92  ? 9.775   2.096   -0.452  1.00 62.96  ? 92  GLU A C   1 ? 
ATOM   709 O O   . GLU A 1 92  ? 8.541   1.950   -0.208  1.00 55.28  ? 92  GLU A O   1 ? 
ATOM   710 C CB  . GLU A 1 92  ? 11.564  1.849   1.297   1.00 67.61  ? 92  GLU A CB  1 ? 
ATOM   711 C CG  . GLU A 1 92  ? 10.694  2.687   2.222   1.00 72.41  ? 92  GLU A CG  1 ? 
ATOM   712 C CD  . GLU A 1 92  ? 11.361  3.193   3.491   1.00 81.83  ? 92  GLU A CD  1 ? 
ATOM   713 O OE1 . GLU A 1 92  ? 12.464  2.694   3.833   1.00 92.81  ? 92  GLU A OE1 1 ? 
ATOM   714 O OE2 . GLU A 1 92  ? 10.774  4.087   4.143   1.00 85.86  ? 92  GLU A OE2 1 ? 
ATOM   715 N N   . ASP A 1 93  ? 10.309  3.035   -1.248  1.00 58.65  ? 93  ASP A N   1 ? 
ATOM   716 C CA  . ASP A 1 93  ? 9.539   4.079   -1.975  1.00 61.53  ? 93  ASP A CA  1 ? 
ATOM   717 C C   . ASP A 1 93  ? 8.540   3.399   -2.918  1.00 59.98  ? 93  ASP A C   1 ? 
ATOM   718 O O   . ASP A 1 93  ? 7.349   3.794   -2.926  1.00 62.33  ? 93  ASP A O   1 ? 
ATOM   719 C CB  . ASP A 1 93  ? 10.446  5.042   -2.758  1.00 68.80  ? 93  ASP A CB  1 ? 
ATOM   720 C CG  . ASP A 1 93  ? 11.277  6.014   -1.917  1.00 77.78  ? 93  ASP A CG  1 ? 
ATOM   721 O OD1 . ASP A 1 93  ? 11.059  6.100   -0.680  1.00 68.22  ? 93  ASP A OD1 1 ? 
ATOM   722 O OD2 . ASP A 1 93  ? 12.152  6.683   -2.506  1.00 81.19  ? 93  ASP A OD2 1 ? 
ATOM   723 N N   . TYR A 1 94  ? 8.996   2.428   -3.705  1.00 54.09  ? 94  TYR A N   1 ? 
ATOM   724 C CA  . TYR A 1 94  ? 8.156   1.767   -4.735  1.00 54.82  ? 94  TYR A CA  1 ? 
ATOM   725 C C   . TYR A 1 94  ? 7.030   0.963   -4.049  1.00 54.76  ? 94  TYR A C   1 ? 
ATOM   726 O O   . TYR A 1 94  ? 5.857   1.033   -4.474  1.00 55.17  ? 94  TYR A O   1 ? 
ATOM   727 C CB  . TYR A 1 94  ? 9.026   0.926   -5.678  1.00 55.74  ? 94  TYR A CB  1 ? 
ATOM   728 C CG  . TYR A 1 94  ? 8.230   0.394   -6.840  1.00 56.94  ? 94  TYR A CG  1 ? 
ATOM   729 C CD1 . TYR A 1 94  ? 7.550   -0.812  -6.740  1.00 56.92  ? 94  TYR A CD1 1 ? 
ATOM   730 C CD2 . TYR A 1 94  ? 8.077   1.131   -8.007  1.00 58.31  ? 94  TYR A CD2 1 ? 
ATOM   731 C CE1 . TYR A 1 94  ? 6.775   -1.286  -7.785  1.00 59.15  ? 94  TYR A CE1 1 ? 
ATOM   732 C CE2 . TYR A 1 94  ? 7.304   0.672   -9.062  1.00 58.69  ? 94  TYR A CE2 1 ? 
ATOM   733 C CZ  . TYR A 1 94  ? 6.649   -0.541  -8.945  1.00 60.47  ? 94  TYR A CZ  1 ? 
ATOM   734 O OH  . TYR A 1 94  ? 5.863   -1.007  -9.949  1.00 65.57  ? 94  TYR A OH  1 ? 
ATOM   735 N N   . PHE A 1 95  ? 7.367   0.217   -2.996  1.00 50.59  ? 95  PHE A N   1 ? 
ATOM   736 C CA  . PHE A 1 95  ? 6.416   -0.553  -2.157  1.00 50.20  ? 95  PHE A CA  1 ? 
ATOM   737 C C   . PHE A 1 95  ? 5.339   0.400   -1.622  1.00 55.34  ? 95  PHE A C   1 ? 
ATOM   738 O O   . PHE A 1 95  ? 4.115   0.114   -1.765  1.00 51.20  ? 95  PHE A O   1 ? 
ATOM   739 C CB  . PHE A 1 95  ? 7.158   -1.253  -1.013  1.00 56.74  ? 95  PHE A CB  1 ? 
ATOM   740 C CG  . PHE A 1 95  ? 6.255   -2.049  -0.108  1.00 60.09  ? 95  PHE A CG  1 ? 
ATOM   741 C CD1 . PHE A 1 95  ? 5.835   -3.324  -0.464  1.00 60.85  ? 95  PHE A CD1 1 ? 
ATOM   742 C CD2 . PHE A 1 95  ? 5.753   -1.493  1.056   1.00 60.41  ? 95  PHE A CD2 1 ? 
ATOM   743 C CE1 . PHE A 1 95  ? 4.956   -4.031  0.345   1.00 65.54  ? 95  PHE A CE1 1 ? 
ATOM   744 C CE2 . PHE A 1 95  ? 4.871   -2.202  1.861   1.00 64.40  ? 95  PHE A CE2 1 ? 
ATOM   745 C CZ  . PHE A 1 95  ? 4.480   -3.475  1.512   1.00 61.12  ? 95  PHE A CZ  1 ? 
ATOM   746 N N   . LEU A 1 96  ? 5.770   1.524   -1.042  1.00 51.22  ? 96  LEU A N   1 ? 
ATOM   747 C CA  . LEU A 1 96  ? 4.828   2.471   -0.390  1.00 48.61  ? 96  LEU A CA  1 ? 
ATOM   748 C C   . LEU A 1 96  ? 3.957   3.143   -1.442  1.00 49.85  ? 96  LEU A C   1 ? 
ATOM   749 O O   . LEU A 1 96  ? 2.765   3.361   -1.141  1.00 56.31  ? 96  LEU A O   1 ? 
ATOM   750 C CB  . LEU A 1 96  ? 5.595   3.470   0.466   1.00 50.46  ? 96  LEU A CB  1 ? 
ATOM   751 C CG  . LEU A 1 96  ? 6.071   2.869   1.782   1.00 53.44  ? 96  LEU A CG  1 ? 
ATOM   752 C CD1 . LEU A 1 96  ? 6.956   3.844   2.549   1.00 54.18  ? 96  LEU A CD1 1 ? 
ATOM   753 C CD2 . LEU A 1 96  ? 4.881   2.422   2.611   1.00 55.49  ? 96  LEU A CD2 1 ? 
ATOM   754 N N   . ALA A 1 97  ? 4.476   3.354   -2.649  1.00 48.66  ? 97  ALA A N   1 ? 
ATOM   755 C CA  . ALA A 1 97  ? 3.698   3.949   -3.762  1.00 48.68  ? 97  ALA A CA  1 ? 
ATOM   756 C C   . ALA A 1 97  ? 2.498   3.060   -4.051  1.00 46.54  ? 97  ALA A C   1 ? 
ATOM   757 O O   . ALA A 1 97  ? 1.418   3.602   -4.267  1.00 55.62  ? 97  ALA A O   1 ? 
ATOM   758 C CB  . ALA A 1 97  ? 4.549   4.145   -5.002  1.00 51.61  ? 97  ALA A CB  1 ? 
ATOM   759 N N   . HIS A 1 98  ? 2.693   1.740   -4.079  1.00 47.82  ? 98  HIS A N   1 ? 
ATOM   760 C CA  . HIS A 1 98  ? 1.588   0.771   -4.289  1.00 45.64  ? 98  HIS A CA  1 ? 
ATOM   761 C C   . HIS A 1 98  ? 0.666   0.705   -3.071  1.00 46.34  ? 98  HIS A C   1 ? 
ATOM   762 O O   . HIS A 1 98  ? -0.550  0.630   -3.293  1.00 49.16  ? 98  HIS A O   1 ? 
ATOM   763 C CB  . HIS A 1 98  ? 2.114   -0.627  -4.608  1.00 48.39  ? 98  HIS A CB  1 ? 
ATOM   764 C CG  . HIS A 1 98  ? 2.507   -0.776  -6.032  1.00 46.55  ? 98  HIS A CG  1 ? 
ATOM   765 N ND1 . HIS A 1 98  ? 1.566   -0.858  -7.035  1.00 46.42  ? 98  HIS A ND1 1 ? 
ATOM   766 C CD2 . HIS A 1 98  ? 3.722   -0.835  -6.618  1.00 44.90  ? 98  HIS A CD2 1 ? 
ATOM   767 C CE1 . HIS A 1 98  ? 2.189   -0.980  -8.188  1.00 48.85  ? 98  HIS A CE1 1 ? 
ATOM   768 N NE2 . HIS A 1 98  ? 3.521   -0.960  -7.962  1.00 47.68  ? 98  HIS A NE2 1 ? 
ATOM   769 N N   . LEU A 1 99  ? 1.205   0.677   -1.851  1.00 45.00  ? 99  LEU A N   1 ? 
ATOM   770 C CA  . LEU A 1 99  ? 0.389   0.635   -0.601  1.00 47.11  ? 99  LEU A CA  1 ? 
ATOM   771 C C   . LEU A 1 99  ? -0.574  1.837   -0.547  1.00 45.92  ? 99  LEU A C   1 ? 
ATOM   772 O O   . LEU A 1 99  ? -1.786  1.644   -0.370  1.00 50.63  ? 99  LEU A O   1 ? 
ATOM   773 C CB  . LEU A 1 99  ? 1.313   0.639   0.622   1.00 46.06  ? 99  LEU A CB  1 ? 
ATOM   774 C CG  . LEU A 1 99  ? 1.000   -0.388  1.711   1.00 51.87  ? 99  LEU A CG  1 ? 
ATOM   775 C CD1 . LEU A 1 99  ? 1.539   0.082   3.054   1.00 49.02  ? 99  LEU A CD1 1 ? 
ATOM   776 C CD2 . LEU A 1 99  ? -0.484  -0.714  1.808   1.00 56.27  ? 99  LEU A CD2 1 ? 
ATOM   777 N N   . ASN A 1 100 ? -0.038  3.042   -0.688  1.00 47.32  ? 100 ASN A N   1 ? 
ATOM   778 C CA  . ASN A 1 100 ? -0.816  4.304   -0.703  1.00 47.07  ? 100 ASN A CA  1 ? 
ATOM   779 C C   . ASN A 1 100 ? -1.822  4.222   -1.846  1.00 47.60  ? 100 ASN A C   1 ? 
ATOM   780 O O   . ASN A 1 100 ? -3.033  4.469   -1.606  1.00 51.27  ? 100 ASN A O   1 ? 
ATOM   781 C CB  . ASN A 1 100 ? 0.101   5.523   -0.832  1.00 45.98  ? 100 ASN A CB  1 ? 
ATOM   782 C CG  . ASN A 1 100 ? 0.858   5.806   0.445   1.00 45.54  ? 100 ASN A CG  1 ? 
ATOM   783 O OD1 . ASN A 1 100 ? 0.237   6.095   1.450   1.00 51.50  ? 100 ASN A OD1 1 ? 
ATOM   784 N ND2 . ASN A 1 100 ? 2.179   5.724   0.434   1.00 41.91  ? 100 ASN A ND2 1 ? 
ATOM   785 N N   . ARG A 1 101 ? -1.373  3.871   -3.047  1.00 46.00  ? 101 ARG A N   1 ? 
ATOM   786 C CA  . ARG A 1 101 ? -2.291  3.961   -4.216  1.00 48.57  ? 101 ARG A CA  1 ? 
ATOM   787 C C   . ARG A 1 101 ? -3.460  2.987   -4.014  1.00 49.14  ? 101 ARG A C   1 ? 
ATOM   788 O O   . ARG A 1 101 ? -4.619  3.336   -4.342  1.00 47.15  ? 101 ARG A O   1 ? 
ATOM   789 C CB  . ARG A 1 101 ? -1.574  3.691   -5.537  1.00 48.94  ? 101 ARG A CB  1 ? 
ATOM   790 C CG  . ARG A 1 101 ? -2.565  3.568   -6.686  1.00 51.87  ? 101 ARG A CG  1 ? 
ATOM   791 C CD  . ARG A 1 101 ? -1.897  3.492   -8.033  1.00 60.04  ? 101 ARG A CD  1 ? 
ATOM   792 N NE  . ARG A 1 101 ? -1.408  2.156   -8.329  1.00 59.61  ? 101 ARG A NE  1 ? 
ATOM   793 C CZ  . ARG A 1 101 ? -0.866  1.804   -9.483  1.00 59.97  ? 101 ARG A CZ  1 ? 
ATOM   794 N NH1 . ARG A 1 101 ? -0.739  2.685   -10.464 1.00 63.93  ? 101 ARG A NH1 1 ? 
ATOM   795 N NH2 . ARG A 1 101 ? -0.442  0.569   -9.648  1.00 63.59  ? 101 ARG A NH2 1 ? 
ATOM   796 N N   . GLY A 1 102 ? -3.156  1.802   -3.486  1.00 47.81  ? 102 GLY A N   1 ? 
ATOM   797 C CA  . GLY A 1 102 ? -4.147  0.754   -3.194  1.00 47.77  ? 102 GLY A CA  1 ? 
ATOM   798 C C   . GLY A 1 102 ? -5.224  1.282   -2.287  1.00 45.00  ? 102 GLY A C   1 ? 
ATOM   799 O O   . GLY A 1 102 ? -6.418  1.146   -2.622  1.00 48.30  ? 102 GLY A O   1 ? 
ATOM   800 N N   . ILE A 1 103 ? -4.817  1.937   -1.209  1.00 49.00  ? 103 ILE A N   1 ? 
ATOM   801 C CA  . ILE A 1 103 ? -5.767  2.479   -0.204  1.00 47.78  ? 103 ILE A CA  1 ? 
ATOM   802 C C   . ILE A 1 103 ? -6.576  3.599   -0.853  1.00 46.97  ? 103 ILE A C   1 ? 
ATOM   803 O O   . ILE A 1 103 ? -7.787  3.588   -0.673  1.00 47.91  ? 103 ILE A O   1 ? 
ATOM   804 C CB  . ILE A 1 103 ? -5.025  2.924   1.056   1.00 51.41  ? 103 ILE A CB  1 ? 
ATOM   805 C CG1 . ILE A 1 103 ? -4.427  1.705   1.752   1.00 48.27  ? 103 ILE A CG1 1 ? 
ATOM   806 C CG2 . ILE A 1 103 ? -5.939  3.725   1.983   1.00 53.94  ? 103 ILE A CG2 1 ? 
ATOM   807 C CD1 . ILE A 1 103 ? -3.357  2.061   2.741   1.00 51.00  ? 103 ILE A CD1 1 ? 
ATOM   808 N N   . GLU A 1 104 ? -5.951  4.507   -1.600  1.00 47.01  ? 104 GLU A N   1 ? 
ATOM   809 C CA  . GLU A 1 104 ? -6.682  5.607   -2.289  1.00 50.72  ? 104 GLU A CA  1 ? 
ATOM   810 C C   . GLU A 1 104 ? -7.770  5.025   -3.209  1.00 55.86  ? 104 GLU A C   1 ? 
ATOM   811 O O   . GLU A 1 104 ? -8.945  5.435   -3.090  1.00 64.01  ? 104 GLU A O   1 ? 
ATOM   812 C CB  . GLU A 1 104 ? -5.740  6.489   -3.105  1.00 55.77  ? 104 GLU A CB  1 ? 
ATOM   813 C CG  . GLU A 1 104 ? -5.180  7.655   -2.319  1.00 62.84  ? 104 GLU A CG  1 ? 
ATOM   814 C CD  . GLU A 1 104 ? -4.223  8.558   -3.090  1.00 68.79  ? 104 GLU A CD  1 ? 
ATOM   815 O OE1 . GLU A 1 104 ? -4.183  9.776   -2.798  1.00 78.98  ? 104 GLU A OE1 1 ? 
ATOM   816 O OE2 . GLU A 1 104 ? -3.499  8.044   -3.964  1.00 73.11  ? 104 GLU A OE2 1 ? 
ATOM   817 N N   . THR A 1 105 ? -7.407  4.080   -4.077  1.00 56.31  ? 105 THR A N   1 ? 
ATOM   818 C CA  . THR A 1 105 ? -8.326  3.404   -5.031  1.00 54.06  ? 105 THR A CA  1 ? 
ATOM   819 C C   . THR A 1 105 ? -9.567  2.863   -4.311  1.00 52.42  ? 105 THR A C   1 ? 
ATOM   820 O O   . THR A 1 105 ? -10.704 3.142   -4.763  1.00 54.82  ? 105 THR A O   1 ? 
ATOM   821 C CB  . THR A 1 105 ? -7.572  2.304   -5.778  1.00 57.84  ? 105 THR A CB  1 ? 
ATOM   822 O OG1 . THR A 1 105 ? -6.479  2.979   -6.395  1.00 52.86  ? 105 THR A OG1 1 ? 
ATOM   823 C CG2 . THR A 1 105 ? -8.428  1.583   -6.793  1.00 58.55  ? 105 THR A CG2 1 ? 
ATOM   824 N N   . LEU A 1 106 ? -9.381  2.112   -3.231  1.00 51.92  ? 106 LEU A N   1 ? 
ATOM   825 C CA  . LEU A 1 106 ? -10.531 1.587   -2.464  1.00 52.64  ? 106 LEU A CA  1 ? 
ATOM   826 C C   . LEU A 1 106 ? -11.335 2.780   -1.951  1.00 55.74  ? 106 LEU A C   1 ? 
ATOM   827 O O   . LEU A 1 106 ? -12.569 2.778   -2.102  1.00 59.73  ? 106 LEU A O   1 ? 
ATOM   828 C CB  . LEU A 1 106 ? -10.038 0.708   -1.316  1.00 59.02  ? 106 LEU A CB  1 ? 
ATOM   829 C CG  . LEU A 1 106 ? -9.348  -0.602  -1.703  1.00 62.47  ? 106 LEU A CG  1 ? 
ATOM   830 C CD1 . LEU A 1 106 ? -8.982  -1.374  -0.447  1.00 61.23  ? 106 LEU A CD1 1 ? 
ATOM   831 C CD2 . LEU A 1 106 ? -10.206 -1.458  -2.632  1.00 67.77  ? 106 LEU A CD2 1 ? 
ATOM   832 N N   . SER A 1 107 ? -10.655 3.769   -1.374  1.00 60.82  ? 107 SER A N   1 ? 
ATOM   833 C CA  . SER A 1 107 ? -11.286 4.951   -0.722  1.00 63.75  ? 107 SER A CA  1 ? 
ATOM   834 C C   . SER A 1 107 ? -12.150 5.698   -1.744  1.00 63.23  ? 107 SER A C   1 ? 
ATOM   835 O O   . SER A 1 107 ? -13.261 6.087   -1.376  1.00 62.01  ? 107 SER A O   1 ? 
ATOM   836 C CB  . SER A 1 107 ? -10.252 5.872   -0.114  1.00 64.51  ? 107 SER A CB  1 ? 
ATOM   837 O OG  . SER A 1 107 ? -10.827 7.136   0.198   1.00 73.09  ? 107 SER A OG  1 ? 
ATOM   838 N N   . GLY A 1 108 ? -11.643 5.873   -2.973  1.00 62.00  ? 108 GLY A N   1 ? 
ATOM   839 C CA  . GLY A 1 108 ? -12.285 6.648   -4.055  1.00 64.39  ? 108 GLY A CA  1 ? 
ATOM   840 C C   . GLY A 1 108 ? -13.669 6.124   -4.413  1.00 72.49  ? 108 GLY A C   1 ? 
ATOM   841 O O   . GLY A 1 108 ? -14.525 6.921   -4.856  1.00 84.06  ? 108 GLY A O   1 ? 
ATOM   842 N N   . ARG A 1 109 ? -13.894 4.825   -4.246  1.00 72.84  ? 109 ARG A N   1 ? 
ATOM   843 C CA  . ARG A 1 109 ? -15.226 4.213   -4.454  1.00 76.12  ? 109 ARG A CA  1 ? 
ATOM   844 C C   . ARG A 1 109 ? -16.007 4.282   -3.138  1.00 68.11  ? 109 ARG A C   1 ? 
ATOM   845 O O   . ARG A 1 109 ? -17.191 4.643   -3.165  1.00 70.44  ? 109 ARG A O   1 ? 
ATOM   846 C CB  . ARG A 1 109 ? -15.050 2.788   -4.985  1.00 78.63  ? 109 ARG A CB  1 ? 
ATOM   847 C CG  . ARG A 1 109 ? -14.528 2.746   -6.412  1.00 80.43  ? 109 ARG A CG  1 ? 
ATOM   848 C CD  . ARG A 1 109 ? -15.612 2.335   -7.376  1.00 93.18  ? 109 ARG A CD  1 ? 
ATOM   849 N NE  . ARG A 1 109 ? -15.438 3.025   -8.642  1.00 111.19 ? 109 ARG A NE  1 ? 
ATOM   850 C CZ  . ARG A 1 109 ? -15.063 2.456   -9.779  1.00 120.40 ? 109 ARG A CZ  1 ? 
ATOM   851 N NH1 . ARG A 1 109 ? -14.829 1.150   -9.832  1.00 121.96 ? 109 ARG A NH1 1 ? 
ATOM   852 N NH2 . ARG A 1 109 ? -14.948 3.202   -10.867 1.00 112.91 ? 109 ARG A NH2 1 ? 
ATOM   853 N N   . ILE A 1 110 ? -15.365 3.955   -2.022  1.00 68.51  ? 110 ILE A N   1 ? 
ATOM   854 C CA  . ILE A 1 110 ? -16.073 3.617   -0.751  1.00 70.64  ? 110 ILE A CA  1 ? 
ATOM   855 C C   . ILE A 1 110 ? -16.360 4.897   0.045   1.00 64.93  ? 110 ILE A C   1 ? 
ATOM   856 O O   . ILE A 1 110 ? -17.363 4.911   0.739   1.00 68.27  ? 110 ILE A O   1 ? 
ATOM   857 C CB  . ILE A 1 110 ? -15.289 2.524   0.007   1.00 69.88  ? 110 ILE A CB  1 ? 
ATOM   858 C CG1 . ILE A 1 110 ? -15.191 1.272   -0.878  1.00 66.07  ? 110 ILE A CG1 1 ? 
ATOM   859 C CG2 . ILE A 1 110 ? -15.906 2.234   1.372   1.00 66.40  ? 110 ILE A CG2 1 ? 
ATOM   860 C CD1 . ILE A 1 110 ? -14.369 0.112   -0.324  1.00 63.89  ? 110 ILE A CD1 1 ? 
ATOM   861 N N   . SER A 1 111 ? -15.577 5.959   -0.115  1.00 75.21  ? 111 SER A N   1 ? 
ATOM   862 C CA  . SER A 1 111 ? -15.864 7.293   0.482   1.00 83.84  ? 111 SER A CA  1 ? 
ATOM   863 C C   . SER A 1 111 ? -17.291 7.707   0.107   1.00 83.24  ? 111 SER A C   1 ? 
ATOM   864 O O   . SER A 1 111 ? -18.016 8.164   1.007   1.00 86.09  ? 111 SER A O   1 ? 
ATOM   865 C CB  . SER A 1 111 ? -14.862 8.332   0.036   1.00 85.33  ? 111 SER A CB  1 ? 
ATOM   866 O OG  . SER A 1 111 ? -15.032 8.633   -1.344  1.00 100.09 ? 111 SER A OG  1 ? 
ATOM   867 N N   . ASN A 1 112 ? -17.663 7.507   -1.167  1.00 90.30  ? 112 ASN A N   1 ? 
ATOM   868 C CA  . ASN A 1 112 ? -18.971 7.878   -1.789  1.00 97.67  ? 112 ASN A CA  1 ? 
ATOM   869 C C   . ASN A 1 112 ? -20.150 7.426   -0.913  1.00 98.76  ? 112 ASN A C   1 ? 
ATOM   870 O O   . ASN A 1 112 ? -21.133 8.191   -0.805  1.00 103.00 ? 112 ASN A O   1 ? 
ATOM   871 C CB  . ASN A 1 112 ? -19.137 7.286   -3.195  1.00 91.84  ? 112 ASN A CB  1 ? 
ATOM   872 C CG  . ASN A 1 112 ? -18.076 7.756   -4.173  1.00 95.75  ? 112 ASN A CG  1 ? 
ATOM   873 O OD1 . ASN A 1 112 ? -17.280 8.640   -3.861  1.00 106.65 ? 112 ASN A OD1 1 ? 
ATOM   874 N ND2 . ASN A 1 112 ? -18.043 7.166   -5.356  1.00 82.52  ? 112 ASN A ND2 1 ? 
ATOM   875 N N   . LEU A 1 113 ? -20.048 6.250   -0.297  1.00 89.30  ? 113 LEU A N   1 ? 
ATOM   876 C CA  . LEU A 1 113 ? -21.165 5.599   0.432   1.00 97.97  ? 113 LEU A CA  1 ? 
ATOM   877 C C   . LEU A 1 113 ? -21.700 6.529   1.532   1.00 110.19 ? 113 LEU A C   1 ? 
ATOM   878 O O   . LEU A 1 113 ? -22.940 6.731   1.558   1.00 112.07 ? 113 LEU A O   1 ? 
ATOM   879 C CB  . LEU A 1 113 ? -20.677 4.243   0.947   1.00 97.24  ? 113 LEU A CB  1 ? 
ATOM   880 C CG  . LEU A 1 113 ? -20.184 3.309   -0.162  1.00 97.95  ? 113 LEU A CG  1 ? 
ATOM   881 C CD1 . LEU A 1 113 ? -19.909 1.908   0.365   1.00 98.62  ? 113 LEU A CD1 1 ? 
ATOM   882 C CD2 . LEU A 1 113 ? -21.177 3.264   -1.314  1.00 93.32  ? 113 LEU A CD2 1 ? 
ATOM   883 N N   . THR A 1 114 ? -20.819 7.136   2.342   1.00 119.56 ? 114 THR A N   1 ? 
ATOM   884 C CA  . THR A 1 114 ? -21.148 8.107   3.433   1.00 122.25 ? 114 THR A CA  1 ? 
ATOM   885 C C   . THR A 1 114 ? -22.049 7.435   4.482   1.00 122.41 ? 114 THR A C   1 ? 
ATOM   886 O O   . THR A 1 114 ? -21.636 7.410   5.663   1.00 115.17 ? 114 THR A O   1 ? 
ATOM   887 C CB  . THR A 1 114 ? -21.770 9.418   2.913   1.00 122.25 ? 114 THR A CB  1 ? 
ATOM   888 O OG1 . THR A 1 114 ? -22.497 9.228   1.695   1.00 124.28 ? 114 THR A OG1 1 ? 
ATOM   889 C CG2 . THR A 1 114 ? -20.733 10.496  2.675   1.00 117.45 ? 114 THR A CG2 1 ? 
ATOM   890 N N   . ASP A 1 115 ? -23.220 6.929   4.056   1.00 128.95 ? 115 ASP A N   1 ? 
ATOM   891 C CA  . ASP A 1 115 ? -24.173 6.071   4.825   1.00 132.47 ? 115 ASP A CA  1 ? 
ATOM   892 C C   . ASP A 1 115 ? -23.441 4.915   5.533   1.00 132.90 ? 115 ASP A C   1 ? 
ATOM   893 O O   . ASP A 1 115 ? -24.025 4.382   6.502   1.00 129.49 ? 115 ASP A O   1 ? 
ATOM   894 C CB  . ASP A 1 115 ? -25.265 5.450   3.932   1.00 131.64 ? 115 ASP A CB  1 ? 
ATOM   895 C CG  . ASP A 1 115 ? -26.328 6.385   3.354   1.00 122.68 ? 115 ASP A CG  1 ? 
ATOM   896 O OD1 . ASP A 1 115 ? -26.652 7.393   4.008   1.00 115.71 ? 115 ASP A OD1 1 ? 
ATOM   897 O OD2 . ASP A 1 115 ? -26.852 6.079   2.249   1.00 102.49 ? 115 ASP A OD2 1 ? 
ATOM   898 N N   . LEU A 1 116 ? -22.255 4.502   5.048   1.00 135.40 ? 116 LEU A N   1 ? 
ATOM   899 C CA  . LEU A 1 116 ? -21.474 3.346   5.557   1.00 129.07 ? 116 LEU A CA  1 ? 
ATOM   900 C C   . LEU A 1 116 ? -20.427 3.818   6.579   1.00 127.83 ? 116 LEU A C   1 ? 
ATOM   901 O O   . LEU A 1 116 ? -20.328 4.978   7.006   1.00 115.86 ? 116 LEU A O   1 ? 
ATOM   902 C CB  . LEU A 1 116 ? -20.838 2.584   4.410   1.00 121.85 ? 116 LEU A CB  1 ? 
HETATM 903 C C1  . GOL B 2 .   ? 15.151  -14.648 -5.417  1.00 126.48 ? 201 GOL A C1  1 ? 
HETATM 904 O O1  . GOL B 2 .   ? 13.876  -15.006 -5.939  1.00 120.42 ? 201 GOL A O1  1 ? 
HETATM 905 C C2  . GOL B 2 .   ? 15.929  -15.868 -4.959  1.00 133.61 ? 201 GOL A C2  1 ? 
HETATM 906 O O2  . GOL B 2 .   ? 16.773  -16.319 -6.020  1.00 135.95 ? 201 GOL A O2  1 ? 
HETATM 907 C C3  . GOL B 2 .   ? 16.749  -15.621 -3.706  1.00 133.59 ? 201 GOL A C3  1 ? 
HETATM 908 O O3  . GOL B 2 .   ? 18.148  -15.757 -3.943  1.00 125.38 ? 201 GOL A O3  1 ? 
HETATM 909 O O   . HOH C 3 .   ? -12.727 9.257   3.734   1.00 65.58  ? 301 HOH A O   1 ? 
HETATM 910 O O   . HOH C 3 .   ? -4.734  4.437   13.414  1.00 72.99  ? 302 HOH A O   1 ? 
HETATM 911 O O   . HOH C 3 .   ? 4.196   6.640   2.431   1.00 54.25  ? 303 HOH A O   1 ? 
HETATM 912 O O   . HOH C 3 .   ? -5.065  5.035   9.409   1.00 53.07  ? 304 HOH A O   1 ? 
HETATM 913 O O   . HOH C 3 .   ? 1.260   -3.852  10.242  1.00 66.81  ? 305 HOH A O   1 ? 
HETATM 914 O O   . HOH C 3 .   ? -5.000  10.680  0.043   1.00 69.95  ? 306 HOH A O   1 ? 
HETATM 915 O O   . HOH C 3 .   ? -9.993  -0.470  10.802  1.00 64.36  ? 307 HOH A O   1 ? 
HETATM 916 O O   . HOH C 3 .   ? -0.664  13.792  3.397   1.00 57.47  ? 308 HOH A O   1 ? 
HETATM 917 O O   . HOH C 3 .   ? 7.985   12.638  4.411   1.00 71.19  ? 309 HOH A O   1 ? 
HETATM 918 O O   . HOH C 3 .   ? 6.483   6.273   -1.711  1.00 65.89  ? 310 HOH A O   1 ? 
HETATM 919 O O   . HOH C 3 .   ? -8.656  1.086   9.233   1.00 60.02  ? 311 HOH A O   1 ? 
HETATM 920 O O   . HOH C 3 .   ? -0.317  6.696   -7.286  1.00 62.86  ? 312 HOH A O   1 ? 
HETATM 921 O O   . HOH C 3 .   ? -1.115  -2.151  11.729  1.00 78.41  ? 313 HOH A O   1 ? 
HETATM 922 O O   . HOH C 3 .   ? -2.636  -13.121 8.186   1.00 68.15  ? 314 HOH A O   1 ? 
HETATM 923 O O   . HOH C 3 .   ? -6.509  2.839   10.271  1.00 54.20  ? 315 HOH A O   1 ? 
HETATM 924 O O   . HOH C 3 .   ? -1.668  -14.494 6.553   1.00 63.15  ? 316 HOH A O   1 ? 
HETATM 925 O O   . HOH C 3 .   ? -0.064  -4.377  -16.200 1.00 82.37  ? 317 HOH A O   1 ? 
# 
